data_9L4V
# 
_entry.id   9L4V 
# 
_audit_conform.dict_name       mmcif_pdbx.dic 
_audit_conform.dict_version    5.408 
_audit_conform.dict_location   http://mmcif.pdb.org/dictionaries/ascii/mmcif_pdbx.dic 
# 
loop_
_database_2.database_id 
_database_2.database_code 
_database_2.pdbx_database_accession 
_database_2.pdbx_DOI 
PDB   9L4V         pdb_00009l4v 10.2210/pdb9l4v/pdb 
WWPDB D_1300054987 ?            ?                   
# 
loop_
_pdbx_audit_revision_history.ordinal 
_pdbx_audit_revision_history.data_content_type 
_pdbx_audit_revision_history.major_revision 
_pdbx_audit_revision_history.minor_revision 
_pdbx_audit_revision_history.revision_date 
_pdbx_audit_revision_history.part_number 
1 'Structure model' 1 0 2025-08-20 ? 
2 'Structure model' 1 1 2025-12-24 ? 
# 
_pdbx_audit_revision_details.ordinal             1 
_pdbx_audit_revision_details.revision_ordinal    1 
_pdbx_audit_revision_details.data_content_type   'Structure model' 
_pdbx_audit_revision_details.provider            repository 
_pdbx_audit_revision_details.type                'Initial release' 
_pdbx_audit_revision_details.description         ? 
_pdbx_audit_revision_details.details             ? 
# 
_pdbx_audit_revision_group.ordinal             1 
_pdbx_audit_revision_group.revision_ordinal    2 
_pdbx_audit_revision_group.data_content_type   'Structure model' 
_pdbx_audit_revision_group.group               'Database references' 
# 
loop_
_pdbx_audit_revision_category.ordinal 
_pdbx_audit_revision_category.revision_ordinal 
_pdbx_audit_revision_category.data_content_type 
_pdbx_audit_revision_category.category 
1 2 'Structure model' citation        
2 2 'Structure model' citation_author 
# 
loop_
_pdbx_audit_revision_item.ordinal 
_pdbx_audit_revision_item.revision_ordinal 
_pdbx_audit_revision_item.data_content_type 
_pdbx_audit_revision_item.item 
1  2 'Structure model' '_citation.country'                 
2  2 'Structure model' '_citation.journal_abbrev'          
3  2 'Structure model' '_citation.journal_id_ASTM'         
4  2 'Structure model' '_citation.journal_id_CSD'          
5  2 'Structure model' '_citation.journal_id_ISSN'         
6  2 'Structure model' '_citation.journal_volume'          
7  2 'Structure model' '_citation.page_first'              
8  2 'Structure model' '_citation.page_last'               
9  2 'Structure model' '_citation.pdbx_database_id_DOI'    
10 2 'Structure model' '_citation.pdbx_database_id_PubMed' 
11 2 'Structure model' '_citation.title'                   
12 2 'Structure model' '_citation.year'                    
# 
_pdbx_database_status.status_code                     REL 
_pdbx_database_status.status_code_sf                  REL 
_pdbx_database_status.status_code_mr                  ? 
_pdbx_database_status.entry_id                        9L4V 
_pdbx_database_status.recvd_initial_deposition_date   2024-12-21 
_pdbx_database_status.SG_entry                        N 
_pdbx_database_status.deposit_site                    PDBJ 
_pdbx_database_status.process_site                    PDBC 
_pdbx_database_status.status_code_cs                  ? 
_pdbx_database_status.status_code_nmr_data            ? 
_pdbx_database_status.methods_development_category    ? 
_pdbx_database_status.pdb_format_compatible           N 
# 
_pdbx_contact_author.id                 2 
_pdbx_contact_author.email              Lcy@ouc.edu.cn 
_pdbx_contact_author.name_first         Chun-Yang 
_pdbx_contact_author.name_last          Li 
_pdbx_contact_author.name_mi            ? 
_pdbx_contact_author.role               'principal investigator/group leader' 
_pdbx_contact_author.identifier_ORCID   0000-0002-1151-4897 
# 
loop_
_audit_author.name 
_audit_author.pdbx_ordinal 
_audit_author.identifier_ORCID 
'Li, C.Y.'  1 0000-0002-1151-4897 
'Cao, H.Y.' 2 0000-0003-1365-2094 
# 
_citation.abstract                  ? 
_citation.abstract_id_CAS           ? 
_citation.book_id_ISBN              ? 
_citation.book_publisher            ? 
_citation.book_publisher_city       ? 
_citation.book_title                ? 
_citation.coordinate_linkage        ? 
_citation.country                   US 
_citation.database_id_Medline       ? 
_citation.details                   ? 
_citation.id                        primary 
_citation.journal_abbrev            Appl.Environ.Microbiol. 
_citation.journal_id_ASTM           AEMIDF 
_citation.journal_id_CSD            2106 
_citation.journal_id_ISSN           1098-5336 
_citation.journal_full              ? 
_citation.journal_issue             ? 
_citation.journal_volume            91 
_citation.language                  ? 
_citation.page_first                e0135425 
_citation.page_last                 e0135425 
_citation.title                     'Mechanistic insights into the dimethylsulfoniopropionate synthesis enzyme BurB.' 
_citation.year                      2025 
_citation.database_id_CSD           ? 
_citation.pdbx_database_id_DOI      10.1128/aem.01354-25 
_citation.pdbx_database_id_PubMed   40905665 
_citation.pdbx_database_id_patent   ? 
_citation.unpublished_flag          ? 
# 
loop_
_citation_author.citation_id 
_citation_author.name 
_citation_author.ordinal 
_citation_author.identifier_ORCID 
primary 'Zhang, N.'     1 ?                   
primary 'Lin, Y.'       2 ?                   
primary 'Wang, N.'      3 ?                   
primary 'Cao, H.-.Y.'   4 ?                   
primary 'Zhang, B.'     5 ?                   
primary 'Gao, Y.-.N.'   6 ?                   
primary 'Zhang, Y.-.Z.' 7 0000-0002-2017-1005 
primary 'Li, C.-.Y.'    8 0000-0002-1151-4897 
# 
loop_
_entity.id 
_entity.type 
_entity.src_method 
_entity.pdbx_description 
_entity.formula_weight 
_entity.pdbx_number_of_molecules 
_entity.pdbx_ec 
_entity.pdbx_mutation 
_entity.pdbx_fragment 
_entity.details 
1 polymer     man BurB                 20140.023 1  ? ? ? ? 
2 non-polymer syn S-ADENOSYLMETHIONINE 398.437   1  ? ? ? ? 
3 non-polymer syn S-METHYL-METHIONINE  164.246   1  ? ? ? ? 
4 water       nat water                18.015    91 ? ? ? ? 
# 
_entity_poly.entity_id                      1 
_entity_poly.type                           'polypeptide(L)' 
_entity_poly.nstd_linkage                   no 
_entity_poly.nstd_monomer                   no 
_entity_poly.pdbx_seq_one_letter_code       
;MTITLIEPVQQRTGIYPSSDLKVEDGYPSSDTFQIIQTQDGRGAGVRVLKTFARGRRMARVSGQITAFCRLHTLQINAHT
HLYDPHFSGLLLHSCVPNVRLDMAGFELWSLRDIAAGEMLTMDYASTEDVLMRQFECHCGAPNCRRWITGAKELPNDIGQ
ALLAGLRAAALALEHHHHHH
;
_entity_poly.pdbx_seq_one_letter_code_can   
;MTITLIEPVQQRTGIYPSSDLKVEDGYPSSDTFQIIQTQDGRGAGVRVLKTFARGRRMARVSGQITAFCRLHTLQINAHT
HLYDPHFSGLLLHSCVPNVRLDMAGFELWSLRDIAAGEMLTMDYASTEDVLMRQFECHCGAPNCRRWITGAKELPNDIGQ
ALLAGLRAAALALEHHHHHH
;
_entity_poly.pdbx_strand_id                 A 
_entity_poly.pdbx_target_identifier         ? 
# 
loop_
_pdbx_entity_nonpoly.entity_id 
_pdbx_entity_nonpoly.name 
_pdbx_entity_nonpoly.comp_id 
2 S-ADENOSYLMETHIONINE SAM   
3 S-METHYL-METHIONINE  A1LUD 
4 water                HOH   
# 
loop_
_entity_poly_seq.entity_id 
_entity_poly_seq.num 
_entity_poly_seq.mon_id 
_entity_poly_seq.hetero 
1 1   MET n 
1 2   THR n 
1 3   ILE n 
1 4   THR n 
1 5   LEU n 
1 6   ILE n 
1 7   GLU n 
1 8   PRO n 
1 9   VAL n 
1 10  GLN n 
1 11  GLN n 
1 12  ARG n 
1 13  THR n 
1 14  GLY n 
1 15  ILE n 
1 16  TYR n 
1 17  PRO n 
1 18  SER n 
1 19  SER n 
1 20  ASP n 
1 21  LEU n 
1 22  LYS n 
1 23  VAL n 
1 24  GLU n 
1 25  ASP n 
1 26  GLY n 
1 27  TYR n 
1 28  PRO n 
1 29  SER n 
1 30  SER n 
1 31  ASP n 
1 32  THR n 
1 33  PHE n 
1 34  GLN n 
1 35  ILE n 
1 36  ILE n 
1 37  GLN n 
1 38  THR n 
1 39  GLN n 
1 40  ASP n 
1 41  GLY n 
1 42  ARG n 
1 43  GLY n 
1 44  ALA n 
1 45  GLY n 
1 46  VAL n 
1 47  ARG n 
1 48  VAL n 
1 49  LEU n 
1 50  LYS n 
1 51  THR n 
1 52  PHE n 
1 53  ALA n 
1 54  ARG n 
1 55  GLY n 
1 56  ARG n 
1 57  ARG n 
1 58  MET n 
1 59  ALA n 
1 60  ARG n 
1 61  VAL n 
1 62  SER n 
1 63  GLY n 
1 64  GLN n 
1 65  ILE n 
1 66  THR n 
1 67  ALA n 
1 68  PHE n 
1 69  CYS n 
1 70  ARG n 
1 71  LEU n 
1 72  HIS n 
1 73  THR n 
1 74  LEU n 
1 75  GLN n 
1 76  ILE n 
1 77  ASN n 
1 78  ALA n 
1 79  HIS n 
1 80  THR n 
1 81  HIS n 
1 82  LEU n 
1 83  TYR n 
1 84  ASP n 
1 85  PRO n 
1 86  HIS n 
1 87  PHE n 
1 88  SER n 
1 89  GLY n 
1 90  LEU n 
1 91  LEU n 
1 92  LEU n 
1 93  HIS n 
1 94  SER n 
1 95  CYS n 
1 96  VAL n 
1 97  PRO n 
1 98  ASN n 
1 99  VAL n 
1 100 ARG n 
1 101 LEU n 
1 102 ASP n 
1 103 MET n 
1 104 ALA n 
1 105 GLY n 
1 106 PHE n 
1 107 GLU n 
1 108 LEU n 
1 109 TRP n 
1 110 SER n 
1 111 LEU n 
1 112 ARG n 
1 113 ASP n 
1 114 ILE n 
1 115 ALA n 
1 116 ALA n 
1 117 GLY n 
1 118 GLU n 
1 119 MET n 
1 120 LEU n 
1 121 THR n 
1 122 MET n 
1 123 ASP n 
1 124 TYR n 
1 125 ALA n 
1 126 SER n 
1 127 THR n 
1 128 GLU n 
1 129 ASP n 
1 130 VAL n 
1 131 LEU n 
1 132 MET n 
1 133 ARG n 
1 134 GLN n 
1 135 PHE n 
1 136 GLU n 
1 137 CYS n 
1 138 HIS n 
1 139 CYS n 
1 140 GLY n 
1 141 ALA n 
1 142 PRO n 
1 143 ASN n 
1 144 CYS n 
1 145 ARG n 
1 146 ARG n 
1 147 TRP n 
1 148 ILE n 
1 149 THR n 
1 150 GLY n 
1 151 ALA n 
1 152 LYS n 
1 153 GLU n 
1 154 LEU n 
1 155 PRO n 
1 156 ASN n 
1 157 ASP n 
1 158 ILE n 
1 159 GLY n 
1 160 GLN n 
1 161 ALA n 
1 162 LEU n 
1 163 LEU n 
1 164 ALA n 
1 165 GLY n 
1 166 LEU n 
1 167 ARG n 
1 168 ALA n 
1 169 ALA n 
1 170 ALA n 
1 171 LEU n 
1 172 ALA n 
1 173 LEU n 
1 174 GLU n 
1 175 HIS n 
1 176 HIS n 
1 177 HIS n 
1 178 HIS n 
1 179 HIS n 
1 180 HIS n 
# 
_entity_src_gen.entity_id                          1 
_entity_src_gen.pdbx_src_id                        1 
_entity_src_gen.pdbx_alt_source_flag               sample 
_entity_src_gen.pdbx_seq_type                      'Biological sequence' 
_entity_src_gen.pdbx_beg_seq_num                   1 
_entity_src_gen.pdbx_end_seq_num                   180 
_entity_src_gen.gene_src_common_name               ? 
_entity_src_gen.gene_src_genus                     ? 
_entity_src_gen.pdbx_gene_src_gene                 C7S16_5251 
_entity_src_gen.gene_src_species                   ? 
_entity_src_gen.gene_src_strain                    ? 
_entity_src_gen.gene_src_tissue                    ? 
_entity_src_gen.gene_src_tissue_fraction           ? 
_entity_src_gen.gene_src_details                   ? 
_entity_src_gen.pdbx_gene_src_fragment             ? 
_entity_src_gen.pdbx_gene_src_scientific_name      'Burkholderia thailandensis' 
_entity_src_gen.pdbx_gene_src_ncbi_taxonomy_id     57975 
_entity_src_gen.pdbx_gene_src_variant              ? 
_entity_src_gen.pdbx_gene_src_cell_line            ? 
_entity_src_gen.pdbx_gene_src_atcc                 ? 
_entity_src_gen.pdbx_gene_src_organ                ? 
_entity_src_gen.pdbx_gene_src_organelle            ? 
_entity_src_gen.pdbx_gene_src_cell                 ? 
_entity_src_gen.pdbx_gene_src_cellular_location    ? 
_entity_src_gen.host_org_common_name               ? 
_entity_src_gen.pdbx_host_org_scientific_name      'Escherichia coli BL21(DE3)' 
_entity_src_gen.pdbx_host_org_ncbi_taxonomy_id     469008 
_entity_src_gen.host_org_genus                     ? 
_entity_src_gen.pdbx_host_org_gene                 ? 
_entity_src_gen.pdbx_host_org_organ                ? 
_entity_src_gen.host_org_species                   ? 
_entity_src_gen.pdbx_host_org_tissue               ? 
_entity_src_gen.pdbx_host_org_tissue_fraction      ? 
_entity_src_gen.pdbx_host_org_strain               ? 
_entity_src_gen.pdbx_host_org_variant              ? 
_entity_src_gen.pdbx_host_org_cell_line            ? 
_entity_src_gen.pdbx_host_org_atcc                 ? 
_entity_src_gen.pdbx_host_org_culture_collection   ? 
_entity_src_gen.pdbx_host_org_cell                 ? 
_entity_src_gen.pdbx_host_org_organelle            ? 
_entity_src_gen.pdbx_host_org_cellular_location    ? 
_entity_src_gen.pdbx_host_org_vector_type          ? 
_entity_src_gen.pdbx_host_org_vector               ? 
_entity_src_gen.host_org_details                   ? 
_entity_src_gen.expression_system_id               ? 
_entity_src_gen.plasmid_name                       ? 
_entity_src_gen.plasmid_details                    ? 
_entity_src_gen.pdbx_description                   ? 
# 
loop_
_chem_comp.id 
_chem_comp.type 
_chem_comp.mon_nstd_flag 
_chem_comp.name 
_chem_comp.pdbx_synonyms 
_chem_comp.formula 
_chem_comp.formula_weight 
A1LUD 'L-peptide linking' n S-METHYL-METHIONINE  '(3-azanyl-4-oxidanyl-4-oxidanylidene-butyl)-dimethyl-sulfanium' 
'C6 H14 N O2 S 1' 164.246 
ALA   'L-peptide linking' y ALANINE              ?                                                                'C3 H7 N O2' 
89.093  
ARG   'L-peptide linking' y ARGININE             ?                                                                'C6 H15 N4 O2 1' 
175.209 
ASN   'L-peptide linking' y ASPARAGINE           ?                                                                'C4 H8 N2 O3' 
132.118 
ASP   'L-peptide linking' y 'ASPARTIC ACID'      ?                                                                'C4 H7 N O4' 
133.103 
CYS   'L-peptide linking' y CYSTEINE             ?                                                                'C3 H7 N O2 S' 
121.158 
GLN   'L-peptide linking' y GLUTAMINE            ?                                                                'C5 H10 N2 O3' 
146.144 
GLU   'L-peptide linking' y 'GLUTAMIC ACID'      ?                                                                'C5 H9 N O4' 
147.129 
GLY   'peptide linking'   y GLYCINE              ?                                                                'C2 H5 N O2' 
75.067  
HIS   'L-peptide linking' y HISTIDINE            ?                                                                'C6 H10 N3 O2 1' 
156.162 
HOH   non-polymer         . WATER                ?                                                                'H2 O' 18.015  
ILE   'L-peptide linking' y ISOLEUCINE           ?                                                                'C6 H13 N O2' 
131.173 
LEU   'L-peptide linking' y LEUCINE              ?                                                                'C6 H13 N O2' 
131.173 
LYS   'L-peptide linking' y LYSINE               ?                                                                'C6 H15 N2 O2 1' 
147.195 
MET   'L-peptide linking' y METHIONINE           ?                                                                'C5 H11 N O2 S' 
149.211 
PHE   'L-peptide linking' y PHENYLALANINE        ?                                                                'C9 H11 N O2' 
165.189 
PRO   'L-peptide linking' y PROLINE              ?                                                                'C5 H9 N O2' 
115.130 
SAM   non-polymer         . S-ADENOSYLMETHIONINE ?                                                                
'C15 H22 N6 O5 S' 398.437 
SER   'L-peptide linking' y SERINE               ?                                                                'C3 H7 N O3' 
105.093 
THR   'L-peptide linking' y THREONINE            ?                                                                'C4 H9 N O3' 
119.119 
TRP   'L-peptide linking' y TRYPTOPHAN           ?                                                                'C11 H12 N2 O2' 
204.225 
TYR   'L-peptide linking' y TYROSINE             ?                                                                'C9 H11 N O3' 
181.189 
VAL   'L-peptide linking' y VALINE               ?                                                                'C5 H11 N O2' 
117.146 
# 
loop_
_pdbx_poly_seq_scheme.asym_id 
_pdbx_poly_seq_scheme.entity_id 
_pdbx_poly_seq_scheme.seq_id 
_pdbx_poly_seq_scheme.mon_id 
_pdbx_poly_seq_scheme.ndb_seq_num 
_pdbx_poly_seq_scheme.pdb_seq_num 
_pdbx_poly_seq_scheme.auth_seq_num 
_pdbx_poly_seq_scheme.pdb_mon_id 
_pdbx_poly_seq_scheme.auth_mon_id 
_pdbx_poly_seq_scheme.pdb_strand_id 
_pdbx_poly_seq_scheme.pdb_ins_code 
_pdbx_poly_seq_scheme.hetero 
A 1 1   MET 1   1   ?   ?   ?   A . n 
A 1 2   THR 2   2   ?   ?   ?   A . n 
A 1 3   ILE 3   3   ?   ?   ?   A . n 
A 1 4   THR 4   4   ?   ?   ?   A . n 
A 1 5   LEU 5   5   ?   ?   ?   A . n 
A 1 6   ILE 6   6   ?   ?   ?   A . n 
A 1 7   GLU 7   7   ?   ?   ?   A . n 
A 1 8   PRO 8   8   ?   ?   ?   A . n 
A 1 9   VAL 9   9   ?   ?   ?   A . n 
A 1 10  GLN 10  10  ?   ?   ?   A . n 
A 1 11  GLN 11  11  11  GLN GLN A . n 
A 1 12  ARG 12  12  12  ARG ARG A . n 
A 1 13  THR 13  13  13  THR THR A . n 
A 1 14  GLY 14  14  14  GLY GLY A . n 
A 1 15  ILE 15  15  15  ILE ILE A . n 
A 1 16  TYR 16  16  16  TYR TYR A . n 
A 1 17  PRO 17  17  17  PRO PRO A . n 
A 1 18  SER 18  18  18  SER SER A . n 
A 1 19  SER 19  19  19  SER SER A . n 
A 1 20  ASP 20  20  20  ASP ASP A . n 
A 1 21  LEU 21  21  21  LEU LEU A . n 
A 1 22  LYS 22  22  22  LYS LYS A . n 
A 1 23  VAL 23  23  23  VAL VAL A . n 
A 1 24  GLU 24  24  24  GLU GLU A . n 
A 1 25  ASP 25  25  25  ASP ASP A . n 
A 1 26  GLY 26  26  26  GLY GLY A . n 
A 1 27  TYR 27  27  27  TYR TYR A . n 
A 1 28  PRO 28  28  28  PRO PRO A . n 
A 1 29  SER 29  29  29  SER SER A . n 
A 1 30  SER 30  30  30  SER SER A . n 
A 1 31  ASP 31  31  31  ASP ASP A . n 
A 1 32  THR 32  32  32  THR THR A . n 
A 1 33  PHE 33  33  33  PHE PHE A . n 
A 1 34  GLN 34  34  34  GLN GLN A . n 
A 1 35  ILE 35  35  35  ILE ILE A . n 
A 1 36  ILE 36  36  36  ILE ILE A . n 
A 1 37  GLN 37  37  37  GLN GLN A . n 
A 1 38  THR 38  38  38  THR THR A . n 
A 1 39  GLN 39  39  39  GLN GLN A . n 
A 1 40  ASP 40  40  40  ASP ASP A . n 
A 1 41  GLY 41  41  41  GLY GLY A . n 
A 1 42  ARG 42  42  42  ARG ARG A . n 
A 1 43  GLY 43  43  43  GLY GLY A . n 
A 1 44  ALA 44  44  44  ALA ALA A . n 
A 1 45  GLY 45  45  45  GLY GLY A . n 
A 1 46  VAL 46  46  46  VAL VAL A . n 
A 1 47  ARG 47  47  47  ARG ARG A . n 
A 1 48  VAL 48  48  48  VAL VAL A . n 
A 1 49  LEU 49  49  49  LEU LEU A . n 
A 1 50  LYS 50  50  50  LYS LYS A . n 
A 1 51  THR 51  51  51  THR THR A . n 
A 1 52  PHE 52  52  52  PHE PHE A . n 
A 1 53  ALA 53  53  53  ALA ALA A . n 
A 1 54  ARG 54  54  54  ARG ARG A . n 
A 1 55  GLY 55  55  55  GLY GLY A . n 
A 1 56  ARG 56  56  56  ARG ARG A . n 
A 1 57  ARG 57  57  57  ARG ARG A . n 
A 1 58  MET 58  58  58  MET MET A . n 
A 1 59  ALA 59  59  59  ALA ALA A . n 
A 1 60  ARG 60  60  60  ARG ARG A . n 
A 1 61  VAL 61  61  61  VAL VAL A . n 
A 1 62  SER 62  62  62  SER SER A . n 
A 1 63  GLY 63  63  63  GLY GLY A . n 
A 1 64  GLN 64  64  64  GLN GLN A . n 
A 1 65  ILE 65  65  65  ILE ILE A . n 
A 1 66  THR 66  66  66  THR THR A . n 
A 1 67  ALA 67  67  67  ALA ALA A . n 
A 1 68  PHE 68  68  68  PHE PHE A . n 
A 1 69  CYS 69  69  69  CYS CYS A . n 
A 1 70  ARG 70  70  70  ARG ARG A . n 
A 1 71  LEU 71  71  71  LEU LEU A . n 
A 1 72  HIS 72  72  72  HIS HIS A . n 
A 1 73  THR 73  73  73  THR THR A . n 
A 1 74  LEU 74  74  74  LEU LEU A . n 
A 1 75  GLN 75  75  75  GLN GLN A . n 
A 1 76  ILE 76  76  76  ILE ILE A . n 
A 1 77  ASN 77  77  77  ASN ASN A . n 
A 1 78  ALA 78  78  78  ALA ALA A . n 
A 1 79  HIS 79  79  79  HIS HIS A . n 
A 1 80  THR 80  80  80  THR THR A . n 
A 1 81  HIS 81  81  81  HIS HIS A . n 
A 1 82  LEU 82  82  82  LEU LEU A . n 
A 1 83  TYR 83  83  83  TYR TYR A . n 
A 1 84  ASP 84  84  84  ASP ASP A . n 
A 1 85  PRO 85  85  85  PRO PRO A . n 
A 1 86  HIS 86  86  86  HIS HIS A . n 
A 1 87  PHE 87  87  87  PHE PHE A . n 
A 1 88  SER 88  88  88  SER SER A . n 
A 1 89  GLY 89  89  89  GLY GLY A . n 
A 1 90  LEU 90  90  90  LEU LEU A . n 
A 1 91  LEU 91  91  91  LEU LEU A . n 
A 1 92  LEU 92  92  92  LEU LEU A . n 
A 1 93  HIS 93  93  93  HIS HIS A . n 
A 1 94  SER 94  94  94  SER SER A . n 
A 1 95  CYS 95  95  95  CYS CYS A . n 
A 1 96  VAL 96  96  96  VAL VAL A . n 
A 1 97  PRO 97  97  97  PRO PRO A . n 
A 1 98  ASN 98  98  98  ASN ASN A . n 
A 1 99  VAL 99  99  99  VAL VAL A . n 
A 1 100 ARG 100 100 100 ARG ARG A . n 
A 1 101 LEU 101 101 101 LEU LEU A . n 
A 1 102 ASP 102 102 102 ASP ASP A . n 
A 1 103 MET 103 103 103 MET MET A . n 
A 1 104 ALA 104 104 104 ALA ALA A . n 
A 1 105 GLY 105 105 105 GLY GLY A . n 
A 1 106 PHE 106 106 106 PHE PHE A . n 
A 1 107 GLU 107 107 107 GLU GLU A . n 
A 1 108 LEU 108 108 108 LEU LEU A . n 
A 1 109 TRP 109 109 109 TRP TRP A . n 
A 1 110 SER 110 110 110 SER SER A . n 
A 1 111 LEU 111 111 111 LEU LEU A . n 
A 1 112 ARG 112 112 112 ARG ARG A . n 
A 1 113 ASP 113 113 113 ASP ASP A . n 
A 1 114 ILE 114 114 114 ILE ILE A . n 
A 1 115 ALA 115 115 115 ALA ALA A . n 
A 1 116 ALA 116 116 116 ALA ALA A . n 
A 1 117 GLY 117 117 117 GLY GLY A . n 
A 1 118 GLU 118 118 118 GLU GLU A . n 
A 1 119 MET 119 119 119 MET MET A . n 
A 1 120 LEU 120 120 120 LEU LEU A . n 
A 1 121 THR 121 121 121 THR THR A . n 
A 1 122 MET 122 122 122 MET MET A . n 
A 1 123 ASP 123 123 123 ASP ASP A . n 
A 1 124 TYR 124 124 124 TYR TYR A . n 
A 1 125 ALA 125 125 125 ALA ALA A . n 
A 1 126 SER 126 126 126 SER SER A . n 
A 1 127 THR 127 127 127 THR THR A . n 
A 1 128 GLU 128 128 128 GLU GLU A . n 
A 1 129 ASP 129 129 129 ASP ASP A . n 
A 1 130 VAL 130 130 130 VAL VAL A . n 
A 1 131 LEU 131 131 131 LEU LEU A . n 
A 1 132 MET 132 132 132 MET MET A . n 
A 1 133 ARG 133 133 133 ARG ARG A . n 
A 1 134 GLN 134 134 134 GLN GLN A . n 
A 1 135 PHE 135 135 135 PHE PHE A . n 
A 1 136 GLU 136 136 136 GLU GLU A . n 
A 1 137 CYS 137 137 137 CYS CYS A . n 
A 1 138 HIS 138 138 138 HIS HIS A . n 
A 1 139 CYS 139 139 139 CYS CYS A . n 
A 1 140 GLY 140 140 140 GLY GLY A . n 
A 1 141 ALA 141 141 141 ALA ALA A . n 
A 1 142 PRO 142 142 142 PRO PRO A . n 
A 1 143 ASN 143 143 143 ASN ASN A . n 
A 1 144 CYS 144 144 144 CYS CYS A . n 
A 1 145 ARG 145 145 145 ARG ARG A . n 
A 1 146 ARG 146 146 146 ARG ARG A . n 
A 1 147 TRP 147 147 147 TRP TRP A . n 
A 1 148 ILE 148 148 148 ILE ILE A . n 
A 1 149 THR 149 149 149 THR THR A . n 
A 1 150 GLY 150 150 150 GLY GLY A . n 
A 1 151 ALA 151 151 151 ALA ALA A . n 
A 1 152 LYS 152 152 152 LYS LYS A . n 
A 1 153 GLU 153 153 153 GLU GLU A . n 
A 1 154 LEU 154 154 154 LEU LEU A . n 
A 1 155 PRO 155 155 155 PRO PRO A . n 
A 1 156 ASN 156 156 156 ASN ASN A . n 
A 1 157 ASP 157 157 157 ASP ASP A . n 
A 1 158 ILE 158 158 158 ILE ILE A . n 
A 1 159 GLY 159 159 159 GLY GLY A . n 
A 1 160 GLN 160 160 160 GLN GLN A . n 
A 1 161 ALA 161 161 161 ALA ALA A . n 
A 1 162 LEU 162 162 162 LEU LEU A . n 
A 1 163 LEU 163 163 163 LEU LEU A . n 
A 1 164 ALA 164 164 164 ALA ALA A . n 
A 1 165 GLY 165 165 165 GLY GLY A . n 
A 1 166 LEU 166 166 166 LEU LEU A . n 
A 1 167 ARG 167 167 167 ARG ARG A . n 
A 1 168 ALA 168 168 168 ALA ALA A . n 
A 1 169 ALA 169 169 169 ALA ALA A . n 
A 1 170 ALA 170 170 170 ALA ALA A . n 
A 1 171 LEU 171 171 171 LEU LEU A . n 
A 1 172 ALA 172 172 ?   ?   ?   A . n 
A 1 173 LEU 173 173 ?   ?   ?   A . n 
A 1 174 GLU 174 174 ?   ?   ?   A . n 
A 1 175 HIS 175 175 ?   ?   ?   A . n 
A 1 176 HIS 176 176 ?   ?   ?   A . n 
A 1 177 HIS 177 177 ?   ?   ?   A . n 
A 1 178 HIS 178 178 ?   ?   ?   A . n 
A 1 179 HIS 179 179 ?   ?   ?   A . n 
A 1 180 HIS 180 180 ?   ?   ?   A . n 
# 
loop_
_pdbx_entity_instance_feature.ordinal 
_pdbx_entity_instance_feature.comp_id 
_pdbx_entity_instance_feature.asym_id 
_pdbx_entity_instance_feature.seq_num 
_pdbx_entity_instance_feature.auth_comp_id 
_pdbx_entity_instance_feature.auth_asym_id 
_pdbx_entity_instance_feature.auth_seq_num 
_pdbx_entity_instance_feature.feature_type 
_pdbx_entity_instance_feature.details 
1 SAM   ? ? SAM   ? ? 'SUBJECT OF INVESTIGATION' ? 
2 A1LUD ? ? A1LUD ? ? 'SUBJECT OF INVESTIGATION' ? 
# 
loop_
_pdbx_nonpoly_scheme.asym_id 
_pdbx_nonpoly_scheme.entity_id 
_pdbx_nonpoly_scheme.mon_id 
_pdbx_nonpoly_scheme.ndb_seq_num 
_pdbx_nonpoly_scheme.pdb_seq_num 
_pdbx_nonpoly_scheme.auth_seq_num 
_pdbx_nonpoly_scheme.pdb_mon_id 
_pdbx_nonpoly_scheme.auth_mon_id 
_pdbx_nonpoly_scheme.pdb_strand_id 
_pdbx_nonpoly_scheme.pdb_ins_code 
B 2 SAM   1  201 105 SAM   SAM A . 
C 3 A1LUD 1  202 1   A1LUD SML A . 
D 4 HOH   1  301 33  HOH   HOH A . 
D 4 HOH   2  302 4   HOH   HOH A . 
D 4 HOH   3  303 88  HOH   HOH A . 
D 4 HOH   4  304 3   HOH   HOH A . 
D 4 HOH   5  305 15  HOH   HOH A . 
D 4 HOH   6  306 1   HOH   HOH A . 
D 4 HOH   7  307 53  HOH   HOH A . 
D 4 HOH   8  308 21  HOH   HOH A . 
D 4 HOH   9  309 11  HOH   HOH A . 
D 4 HOH   10 310 12  HOH   HOH A . 
D 4 HOH   11 311 6   HOH   HOH A . 
D 4 HOH   12 312 24  HOH   HOH A . 
D 4 HOH   13 313 95  HOH   HOH A . 
D 4 HOH   14 314 26  HOH   HOH A . 
D 4 HOH   15 315 65  HOH   HOH A . 
D 4 HOH   16 316 13  HOH   HOH A . 
D 4 HOH   17 317 20  HOH   HOH A . 
D 4 HOH   18 318 2   HOH   HOH A . 
D 4 HOH   19 319 10  HOH   HOH A . 
D 4 HOH   20 320 90  HOH   HOH A . 
D 4 HOH   21 321 19  HOH   HOH A . 
D 4 HOH   22 322 84  HOH   HOH A . 
D 4 HOH   23 323 5   HOH   HOH A . 
D 4 HOH   24 324 58  HOH   HOH A . 
D 4 HOH   25 325 83  HOH   HOH A . 
D 4 HOH   26 326 27  HOH   HOH A . 
D 4 HOH   27 327 34  HOH   HOH A . 
D 4 HOH   28 328 22  HOH   HOH A . 
D 4 HOH   29 329 71  HOH   HOH A . 
D 4 HOH   30 330 66  HOH   HOH A . 
D 4 HOH   31 331 48  HOH   HOH A . 
D 4 HOH   32 332 49  HOH   HOH A . 
D 4 HOH   33 333 18  HOH   HOH A . 
D 4 HOH   34 334 31  HOH   HOH A . 
D 4 HOH   35 335 17  HOH   HOH A . 
D 4 HOH   36 336 45  HOH   HOH A . 
D 4 HOH   37 337 36  HOH   HOH A . 
D 4 HOH   38 338 8   HOH   HOH A . 
D 4 HOH   39 339 79  HOH   HOH A . 
D 4 HOH   40 340 41  HOH   HOH A . 
D 4 HOH   41 341 9   HOH   HOH A . 
D 4 HOH   42 342 28  HOH   HOH A . 
D 4 HOH   43 343 78  HOH   HOH A . 
D 4 HOH   44 344 46  HOH   HOH A . 
D 4 HOH   45 345 43  HOH   HOH A . 
D 4 HOH   46 346 52  HOH   HOH A . 
D 4 HOH   47 347 37  HOH   HOH A . 
D 4 HOH   48 348 7   HOH   HOH A . 
D 4 HOH   49 349 93  HOH   HOH A . 
D 4 HOH   50 350 35  HOH   HOH A . 
D 4 HOH   51 351 47  HOH   HOH A . 
D 4 HOH   52 352 59  HOH   HOH A . 
D 4 HOH   53 353 63  HOH   HOH A . 
D 4 HOH   54 354 67  HOH   HOH A . 
D 4 HOH   55 355 16  HOH   HOH A . 
D 4 HOH   56 356 69  HOH   HOH A . 
D 4 HOH   57 357 68  HOH   HOH A . 
D 4 HOH   58 358 30  HOH   HOH A . 
D 4 HOH   59 359 64  HOH   HOH A . 
D 4 HOH   60 360 29  HOH   HOH A . 
D 4 HOH   61 361 94  HOH   HOH A . 
D 4 HOH   62 362 75  HOH   HOH A . 
D 4 HOH   63 363 91  HOH   HOH A . 
D 4 HOH   64 364 50  HOH   HOH A . 
D 4 HOH   65 365 25  HOH   HOH A . 
D 4 HOH   66 366 87  HOH   HOH A . 
D 4 HOH   67 367 32  HOH   HOH A . 
D 4 HOH   68 368 42  HOH   HOH A . 
D 4 HOH   69 369 70  HOH   HOH A . 
D 4 HOH   70 370 76  HOH   HOH A . 
D 4 HOH   71 371 51  HOH   HOH A . 
D 4 HOH   72 372 74  HOH   HOH A . 
D 4 HOH   73 373 97  HOH   HOH A . 
D 4 HOH   74 374 80  HOH   HOH A . 
D 4 HOH   75 375 54  HOH   HOH A . 
D 4 HOH   76 376 60  HOH   HOH A . 
D 4 HOH   77 377 73  HOH   HOH A . 
D 4 HOH   78 378 56  HOH   HOH A . 
D 4 HOH   79 379 23  HOH   HOH A . 
D 4 HOH   80 380 92  HOH   HOH A . 
D 4 HOH   81 381 89  HOH   HOH A . 
D 4 HOH   82 382 77  HOH   HOH A . 
D 4 HOH   83 383 44  HOH   HOH A . 
D 4 HOH   84 384 99  HOH   HOH A . 
D 4 HOH   85 385 40  HOH   HOH A . 
D 4 HOH   86 386 72  HOH   HOH A . 
D 4 HOH   87 387 82  HOH   HOH A . 
D 4 HOH   88 388 85  HOH   HOH A . 
D 4 HOH   89 389 39  HOH   HOH A . 
D 4 HOH   90 390 98  HOH   HOH A . 
D 4 HOH   91 391 57  HOH   HOH A . 
# 
loop_
_software.citation_id 
_software.classification 
_software.compiler_name 
_software.compiler_version 
_software.contact_author 
_software.contact_author_email 
_software.date 
_software.description 
_software.dependencies 
_software.hardware 
_software.language 
_software.location 
_software.mods 
_software.name 
_software.os 
_software.os_version 
_software.type 
_software.version 
_software.pdbx_ordinal 
? refinement       ? ? ? ? ? ? ? ? ? ? ? PHENIX   ? ? ? '(1.19.2_4158: ???)' 1 
? 'data reduction' ? ? ? ? ? ? ? ? ? ? ? HKL-3000 ? ? ? .                    2 
? 'data scaling'   ? ? ? ? ? ? ? ? ? ? ? HKL-3000 ? ? ? .                    3 
? phasing          ? ? ? ? ? ? ? ? ? ? ? PHASER   ? ? ? .                    4 
# 
_cell.angle_alpha                  90.00 
_cell.angle_alpha_esd              ? 
_cell.angle_beta                   90.00 
_cell.angle_beta_esd               ? 
_cell.angle_gamma                  90.00 
_cell.angle_gamma_esd              ? 
_cell.entry_id                     9L4V 
_cell.details                      ? 
_cell.formula_units_Z              ? 
_cell.length_a                     63.079 
_cell.length_a_esd                 ? 
_cell.length_b                     67.159 
_cell.length_b_esd                 ? 
_cell.length_c                     103.506 
_cell.length_c_esd                 ? 
_cell.volume                       ? 
_cell.volume_esd                   ? 
_cell.Z_PDB                        8 
_cell.reciprocal_angle_alpha       ? 
_cell.reciprocal_angle_beta        ? 
_cell.reciprocal_angle_gamma       ? 
_cell.reciprocal_angle_alpha_esd   ? 
_cell.reciprocal_angle_beta_esd    ? 
_cell.reciprocal_angle_gamma_esd   ? 
_cell.reciprocal_length_a          ? 
_cell.reciprocal_length_b          ? 
_cell.reciprocal_length_c          ? 
_cell.reciprocal_length_a_esd      ? 
_cell.reciprocal_length_b_esd      ? 
_cell.reciprocal_length_c_esd      ? 
_cell.pdbx_unique_axis             ? 
_cell.pdbx_esd_method              ? 
# 
_symmetry.entry_id                         9L4V 
_symmetry.cell_setting                     ? 
_symmetry.Int_Tables_number                23 
_symmetry.space_group_name_Hall            ? 
_symmetry.space_group_name_H-M             'I 2 2 2' 
_symmetry.pdbx_full_space_group_name_H-M   ? 
# 
_exptl.absorpt_coefficient_mu     ? 
_exptl.absorpt_correction_T_max   ? 
_exptl.absorpt_correction_T_min   ? 
_exptl.absorpt_correction_type    ? 
_exptl.absorpt_process_details    ? 
_exptl.entry_id                   9L4V 
_exptl.crystals_number            1 
_exptl.details                    ? 
_exptl.method                     'X-RAY DIFFRACTION' 
_exptl.method_details             ? 
# 
_exptl_crystal.colour                       ? 
_exptl_crystal.density_diffrn               ? 
_exptl_crystal.density_Matthews             2.72 
_exptl_crystal.density_method               ? 
_exptl_crystal.density_percent_sol          54.80 
_exptl_crystal.description                  ? 
_exptl_crystal.F_000                        ? 
_exptl_crystal.id                           1 
_exptl_crystal.preparation                  ? 
_exptl_crystal.size_max                     ? 
_exptl_crystal.size_mid                     ? 
_exptl_crystal.size_min                     ? 
_exptl_crystal.size_rad                     ? 
_exptl_crystal.colour_lustre                ? 
_exptl_crystal.colour_modifier              ? 
_exptl_crystal.colour_primary               ? 
_exptl_crystal.density_meas                 ? 
_exptl_crystal.density_meas_esd             ? 
_exptl_crystal.density_meas_gt              ? 
_exptl_crystal.density_meas_lt              ? 
_exptl_crystal.density_meas_temp            ? 
_exptl_crystal.density_meas_temp_esd        ? 
_exptl_crystal.density_meas_temp_gt         ? 
_exptl_crystal.density_meas_temp_lt         ? 
_exptl_crystal.pdbx_crystal_image_url       ? 
_exptl_crystal.pdbx_crystal_image_format    ? 
_exptl_crystal.pdbx_mosaicity               ? 
_exptl_crystal.pdbx_mosaicity_esd           ? 
_exptl_crystal.pdbx_mosaic_method           ? 
_exptl_crystal.pdbx_mosaic_block_size       ? 
_exptl_crystal.pdbx_mosaic_block_size_esd   ? 
# 
_exptl_crystal_grow.apparatus       ? 
_exptl_crystal_grow.atmosphere      ? 
_exptl_crystal_grow.crystal_id      1 
_exptl_crystal_grow.details         ? 
_exptl_crystal_grow.method          'VAPOR DIFFUSION, HANGING DROP' 
_exptl_crystal_grow.method_ref      ? 
_exptl_crystal_grow.pH              ? 
_exptl_crystal_grow.pressure        ? 
_exptl_crystal_grow.pressure_esd    ? 
_exptl_crystal_grow.seeding         ? 
_exptl_crystal_grow.seeding_ref     ? 
_exptl_crystal_grow.temp_details    ? 
_exptl_crystal_grow.temp_esd        ? 
_exptl_crystal_grow.time            ? 
_exptl_crystal_grow.pdbx_details    '0.2 M ammonium sulfate, 0.1 M Tris pH 8.4, 11% (w/v) PEG 8000' 
_exptl_crystal_grow.pdbx_pH_range   ? 
_exptl_crystal_grow.temp            291 
# 
_diffrn.ambient_environment              ? 
_diffrn.ambient_temp                     100 
_diffrn.ambient_temp_details             ? 
_diffrn.ambient_temp_esd                 ? 
_diffrn.crystal_id                       1 
_diffrn.crystal_support                  ? 
_diffrn.crystal_treatment                ? 
_diffrn.details                          ? 
_diffrn.id                               1 
_diffrn.ambient_pressure                 ? 
_diffrn.ambient_pressure_esd             ? 
_diffrn.ambient_pressure_gt              ? 
_diffrn.ambient_pressure_lt              ? 
_diffrn.ambient_temp_gt                  ? 
_diffrn.ambient_temp_lt                  ? 
_diffrn.pdbx_serial_crystal_experiment   N 
# 
_diffrn_detector.details                      ? 
_diffrn_detector.detector                     PIXEL 
_diffrn_detector.diffrn_id                    1 
_diffrn_detector.type                         'DECTRIS PILATUS3 6M' 
_diffrn_detector.area_resol_mean              ? 
_diffrn_detector.dtime                        ? 
_diffrn_detector.pdbx_frames_total            ? 
_diffrn_detector.pdbx_collection_time_total   ? 
_diffrn_detector.pdbx_collection_date         2023-07-12 
_diffrn_detector.pdbx_frequency               ? 
_diffrn_detector.id                           ? 
_diffrn_detector.number_of_axes               ? 
# 
_diffrn_radiation.collimation                      ? 
_diffrn_radiation.diffrn_id                        1 
_diffrn_radiation.filter_edge                      ? 
_diffrn_radiation.inhomogeneity                    ? 
_diffrn_radiation.monochromator                    ? 
_diffrn_radiation.polarisn_norm                    ? 
_diffrn_radiation.polarisn_ratio                   ? 
_diffrn_radiation.probe                            ? 
_diffrn_radiation.type                             ? 
_diffrn_radiation.xray_symbol                      ? 
_diffrn_radiation.wavelength_id                    1 
_diffrn_radiation.pdbx_monochromatic_or_laue_m_l   M 
_diffrn_radiation.pdbx_wavelength_list             ? 
_diffrn_radiation.pdbx_wavelength                  ? 
_diffrn_radiation.pdbx_diffrn_protocol             'SINGLE WAVELENGTH' 
_diffrn_radiation.pdbx_analyzer                    ? 
_diffrn_radiation.pdbx_scattering_type             x-ray 
# 
_diffrn_radiation_wavelength.id           1 
_diffrn_radiation_wavelength.wavelength   0.9792 
_diffrn_radiation_wavelength.wt           1.0 
# 
_diffrn_source.current                     ? 
_diffrn_source.details                     ? 
_diffrn_source.diffrn_id                   1 
_diffrn_source.power                       ? 
_diffrn_source.size                        ? 
_diffrn_source.source                      SYNCHROTRON 
_diffrn_source.target                      ? 
_diffrn_source.type                        'SSRF BEAMLINE BL18U1' 
_diffrn_source.voltage                     ? 
_diffrn_source.take-off_angle              ? 
_diffrn_source.pdbx_wavelength_list        0.9792 
_diffrn_source.pdbx_wavelength             ? 
_diffrn_source.pdbx_synchrotron_beamline   BL18U1 
_diffrn_source.pdbx_synchrotron_site       SSRF 
# 
_reflns.B_iso_Wilson_estimate                          39.25 
_reflns.entry_id                                       9L4V 
_reflns.data_reduction_details                         ? 
_reflns.data_reduction_method                          ? 
_reflns.d_resolution_high                              2.30 
_reflns.d_resolution_low                               50 
_reflns.details                                        ? 
_reflns.limit_h_max                                    ? 
_reflns.limit_h_min                                    ? 
_reflns.limit_k_max                                    ? 
_reflns.limit_k_min                                    ? 
_reflns.limit_l_max                                    ? 
_reflns.limit_l_min                                    ? 
_reflns.number_all                                     ? 
_reflns.number_obs                                     9956 
_reflns.observed_criterion                             ? 
_reflns.observed_criterion_F_max                       ? 
_reflns.observed_criterion_F_min                       ? 
_reflns.observed_criterion_I_max                       ? 
_reflns.observed_criterion_I_min                       ? 
_reflns.observed_criterion_sigma_F                     ? 
_reflns.observed_criterion_sigma_I                     ? 
_reflns.percent_possible_obs                           98.7 
_reflns.R_free_details                                 ? 
_reflns.Rmerge_F_all                                   ? 
_reflns.Rmerge_F_obs                                   ? 
_reflns.Friedel_coverage                               ? 
_reflns.number_gt                                      ? 
_reflns.threshold_expression                           ? 
_reflns.pdbx_redundancy                                12.9 
_reflns.pdbx_netI_over_av_sigmaI                       ? 
_reflns.pdbx_netI_over_sigmaI                          30.0 
_reflns.pdbx_res_netI_over_av_sigmaI_2                 ? 
_reflns.pdbx_res_netI_over_sigmaI_2                    ? 
_reflns.pdbx_chi_squared                               ? 
_reflns.pdbx_scaling_rejects                           ? 
_reflns.pdbx_d_res_high_opt                            ? 
_reflns.pdbx_d_res_low_opt                             ? 
_reflns.pdbx_d_res_opt_method                          ? 
_reflns.phase_calculation_details                      ? 
_reflns.pdbx_Rrim_I_all                                0.136 
_reflns.pdbx_Rpim_I_all                                0.038 
_reflns.pdbx_d_opt                                     ? 
_reflns.pdbx_number_measured_all                       ? 
_reflns.pdbx_diffrn_id                                 1 
_reflns.pdbx_ordinal                                   1 
_reflns.pdbx_CC_half                                   0.983 
_reflns.pdbx_CC_star                                   ? 
_reflns.pdbx_R_split                                   ? 
_reflns.pdbx_Rmerge_I_obs                              0.119 
_reflns.pdbx_Rmerge_I_all                              ? 
_reflns.pdbx_Rsym_value                                ? 
_reflns.pdbx_CC_split_method                           ? 
_reflns.pdbx_aniso_diffraction_limit_axis_1_ortho[1]   ? 
_reflns.pdbx_aniso_diffraction_limit_axis_1_ortho[2]   ? 
_reflns.pdbx_aniso_diffraction_limit_axis_1_ortho[3]   ? 
_reflns.pdbx_aniso_diffraction_limit_axis_2_ortho[1]   ? 
_reflns.pdbx_aniso_diffraction_limit_axis_2_ortho[2]   ? 
_reflns.pdbx_aniso_diffraction_limit_axis_2_ortho[3]   ? 
_reflns.pdbx_aniso_diffraction_limit_axis_3_ortho[1]   ? 
_reflns.pdbx_aniso_diffraction_limit_axis_3_ortho[2]   ? 
_reflns.pdbx_aniso_diffraction_limit_axis_3_ortho[3]   ? 
_reflns.pdbx_aniso_diffraction_limit_1                 ? 
_reflns.pdbx_aniso_diffraction_limit_2                 ? 
_reflns.pdbx_aniso_diffraction_limit_3                 ? 
_reflns.pdbx_aniso_B_tensor_eigenvector_1_ortho[1]     ? 
_reflns.pdbx_aniso_B_tensor_eigenvector_1_ortho[2]     ? 
_reflns.pdbx_aniso_B_tensor_eigenvector_1_ortho[3]     ? 
_reflns.pdbx_aniso_B_tensor_eigenvector_2_ortho[1]     ? 
_reflns.pdbx_aniso_B_tensor_eigenvector_2_ortho[2]     ? 
_reflns.pdbx_aniso_B_tensor_eigenvector_2_ortho[3]     ? 
_reflns.pdbx_aniso_B_tensor_eigenvector_3_ortho[1]     ? 
_reflns.pdbx_aniso_B_tensor_eigenvector_3_ortho[2]     ? 
_reflns.pdbx_aniso_B_tensor_eigenvector_3_ortho[3]     ? 
_reflns.pdbx_aniso_B_tensor_eigenvalue_1               ? 
_reflns.pdbx_aniso_B_tensor_eigenvalue_2               ? 
_reflns.pdbx_aniso_B_tensor_eigenvalue_3               ? 
_reflns.pdbx_orthogonalization_convention              ? 
_reflns.pdbx_percent_possible_ellipsoidal              ? 
_reflns.pdbx_percent_possible_spherical                ? 
_reflns.pdbx_percent_possible_ellipsoidal_anomalous    ? 
_reflns.pdbx_percent_possible_spherical_anomalous      ? 
_reflns.pdbx_redundancy_anomalous                      ? 
_reflns.pdbx_CC_half_anomalous                         ? 
_reflns.pdbx_absDiff_over_sigma_anomalous              ? 
_reflns.pdbx_percent_possible_anomalous                ? 
_reflns.pdbx_observed_signal_threshold                 ? 
_reflns.pdbx_signal_type                               ? 
_reflns.pdbx_signal_details                            ? 
_reflns.pdbx_signal_software_id                        ? 
# 
_reflns_shell.d_res_high                                    2.30 
_reflns_shell.d_res_low                                     2.34 
_reflns_shell.meanI_over_sigI_all                           ? 
_reflns_shell.meanI_over_sigI_obs                           4.8 
_reflns_shell.number_measured_all                           ? 
_reflns_shell.number_measured_obs                           ? 
_reflns_shell.number_possible                               ? 
_reflns_shell.number_unique_all                             ? 
_reflns_shell.number_unique_obs                             974 
_reflns_shell.percent_possible_obs                          ? 
_reflns_shell.Rmerge_F_all                                  ? 
_reflns_shell.Rmerge_F_obs                                  ? 
_reflns_shell.meanI_over_sigI_gt                            ? 
_reflns_shell.meanI_over_uI_all                             ? 
_reflns_shell.meanI_over_uI_gt                              ? 
_reflns_shell.number_measured_gt                            ? 
_reflns_shell.number_unique_gt                              ? 
_reflns_shell.percent_possible_gt                           ? 
_reflns_shell.Rmerge_F_gt                                   ? 
_reflns_shell.Rmerge_I_gt                                   ? 
_reflns_shell.pdbx_redundancy                               12.7 
_reflns_shell.pdbx_chi_squared                              ? 
_reflns_shell.pdbx_netI_over_sigmaI_all                     ? 
_reflns_shell.pdbx_netI_over_sigmaI_obs                     ? 
_reflns_shell.pdbx_Rrim_I_all                               0.467 
_reflns_shell.pdbx_Rpim_I_all                               0.129 
_reflns_shell.pdbx_rejects                                  ? 
_reflns_shell.pdbx_ordinal                                  1 
_reflns_shell.pdbx_diffrn_id                                1 
_reflns_shell.pdbx_CC_half                                  0.960 
_reflns_shell.pdbx_CC_star                                  ? 
_reflns_shell.pdbx_R_split                                  ? 
_reflns_shell.percent_possible_all                          98.4 
_reflns_shell.Rmerge_I_all                                  ? 
_reflns_shell.Rmerge_I_obs                                  0.446 
_reflns_shell.pdbx_Rsym_value                               ? 
_reflns_shell.pdbx_percent_possible_ellipsoidal             ? 
_reflns_shell.pdbx_percent_possible_spherical               ? 
_reflns_shell.pdbx_percent_possible_ellipsoidal_anomalous   ? 
_reflns_shell.pdbx_percent_possible_spherical_anomalous     ? 
_reflns_shell.pdbx_redundancy_anomalous                     ? 
_reflns_shell.pdbx_CC_half_anomalous                        ? 
_reflns_shell.pdbx_absDiff_over_sigma_anomalous             ? 
_reflns_shell.pdbx_percent_possible_anomalous               ? 
# 
_refine.aniso_B[1][1]                            ? 
_refine.aniso_B[1][2]                            ? 
_refine.aniso_B[1][3]                            ? 
_refine.aniso_B[2][2]                            ? 
_refine.aniso_B[2][3]                            ? 
_refine.aniso_B[3][3]                            ? 
_refine.B_iso_max                                ? 
_refine.B_iso_mean                               ? 
_refine.B_iso_min                                ? 
_refine.correlation_coeff_Fo_to_Fc               ? 
_refine.correlation_coeff_Fo_to_Fc_free          ? 
_refine.details                                  ? 
_refine.diff_density_max                         ? 
_refine.diff_density_max_esd                     ? 
_refine.diff_density_min                         ? 
_refine.diff_density_min_esd                     ? 
_refine.diff_density_rms                         ? 
_refine.diff_density_rms_esd                     ? 
_refine.entry_id                                 9L4V 
_refine.pdbx_refine_id                           'X-RAY DIFFRACTION' 
_refine.ls_abs_structure_details                 ? 
_refine.ls_abs_structure_Flack                   ? 
_refine.ls_abs_structure_Flack_esd               ? 
_refine.ls_abs_structure_Rogers                  ? 
_refine.ls_abs_structure_Rogers_esd              ? 
_refine.ls_d_res_high                            2.30 
_refine.ls_d_res_low                             45.98 
_refine.ls_extinction_coef                       ? 
_refine.ls_extinction_coef_esd                   ? 
_refine.ls_extinction_expression                 ? 
_refine.ls_extinction_method                     ? 
_refine.ls_goodness_of_fit_all                   ? 
_refine.ls_goodness_of_fit_all_esd               ? 
_refine.ls_goodness_of_fit_obs                   ? 
_refine.ls_goodness_of_fit_obs_esd               ? 
_refine.ls_hydrogen_treatment                    ? 
_refine.ls_matrix_type                           ? 
_refine.ls_number_constraints                    ? 
_refine.ls_number_parameters                     ? 
_refine.ls_number_reflns_all                     ? 
_refine.ls_number_reflns_obs                     9956 
_refine.ls_number_reflns_R_free                  495 
_refine.ls_number_reflns_R_work                  ? 
_refine.ls_number_restraints                     ? 
_refine.ls_percent_reflns_obs                    98.09 
_refine.ls_percent_reflns_R_free                 4.97 
_refine.ls_R_factor_all                          ? 
_refine.ls_R_factor_obs                          0.1897 
_refine.ls_R_factor_R_free                       0.2203 
_refine.ls_R_factor_R_free_error                 ? 
_refine.ls_R_factor_R_free_error_details         ? 
_refine.ls_R_factor_R_work                       0.1880 
_refine.ls_R_Fsqd_factor_obs                     ? 
_refine.ls_R_I_factor_obs                        ? 
_refine.ls_redundancy_reflns_all                 ? 
_refine.ls_redundancy_reflns_obs                 ? 
_refine.ls_restrained_S_all                      ? 
_refine.ls_restrained_S_obs                      ? 
_refine.ls_shift_over_esd_max                    ? 
_refine.ls_shift_over_esd_mean                   ? 
_refine.ls_structure_factor_coef                 ? 
_refine.ls_weighting_details                     ? 
_refine.ls_weighting_scheme                      ? 
_refine.ls_wR_factor_all                         ? 
_refine.ls_wR_factor_obs                         ? 
_refine.ls_wR_factor_R_free                      ? 
_refine.ls_wR_factor_R_work                      ? 
_refine.occupancy_max                            ? 
_refine.occupancy_min                            ? 
_refine.solvent_model_details                    'FLAT BULK SOLVENT MODEL' 
_refine.solvent_model_param_bsol                 ? 
_refine.solvent_model_param_ksol                 ? 
_refine.pdbx_R_complete                          ? 
_refine.ls_R_factor_gt                           ? 
_refine.ls_goodness_of_fit_gt                    ? 
_refine.ls_goodness_of_fit_ref                   ? 
_refine.ls_shift_over_su_max                     ? 
_refine.ls_shift_over_su_max_lt                  ? 
_refine.ls_shift_over_su_mean                    ? 
_refine.ls_shift_over_su_mean_lt                 ? 
_refine.pdbx_ls_sigma_I                          ? 
_refine.pdbx_ls_sigma_F                          1.34 
_refine.pdbx_ls_sigma_Fsqd                       ? 
_refine.pdbx_data_cutoff_high_absF               ? 
_refine.pdbx_data_cutoff_high_rms_absF           ? 
_refine.pdbx_data_cutoff_low_absF                ? 
_refine.pdbx_isotropic_thermal_model             ? 
_refine.pdbx_ls_cross_valid_method               'FREE R-VALUE' 
_refine.pdbx_method_to_determine_struct          'MOLECULAR REPLACEMENT' 
_refine.pdbx_starting_model                      ? 
_refine.pdbx_stereochemistry_target_values       ML 
_refine.pdbx_R_Free_selection_details            ? 
_refine.pdbx_stereochem_target_val_spec_case     ? 
_refine.pdbx_overall_ESU_R                       ? 
_refine.pdbx_overall_ESU_R_Free                  ? 
_refine.pdbx_solvent_vdw_probe_radii             1.11 
_refine.pdbx_solvent_ion_probe_radii             ? 
_refine.pdbx_solvent_shrinkage_radii             0.90 
_refine.pdbx_real_space_R                        ? 
_refine.pdbx_density_correlation                 ? 
_refine.pdbx_pd_number_of_powder_patterns        ? 
_refine.pdbx_pd_number_of_points                 ? 
_refine.pdbx_pd_meas_number_of_points            ? 
_refine.pdbx_pd_proc_ls_prof_R_factor            ? 
_refine.pdbx_pd_proc_ls_prof_wR_factor           ? 
_refine.pdbx_pd_Marquardt_correlation_coeff      ? 
_refine.pdbx_pd_Fsqrd_R_factor                   ? 
_refine.pdbx_pd_ls_matrix_band_width             ? 
_refine.pdbx_overall_phase_error                 22.55 
_refine.pdbx_overall_SU_R_free_Cruickshank_DPI   ? 
_refine.pdbx_overall_SU_R_free_Blow_DPI          ? 
_refine.pdbx_overall_SU_R_Blow_DPI               ? 
_refine.pdbx_TLS_residual_ADP_flag               ? 
_refine.pdbx_diffrn_id                           1 
_refine.overall_SU_B                             ? 
_refine.overall_SU_ML                            0.20 
_refine.overall_SU_R_Cruickshank_DPI             ? 
_refine.overall_SU_R_free                        ? 
_refine.overall_FOM_free_R_set                   ? 
_refine.overall_FOM_work_R_set                   ? 
_refine.pdbx_average_fsc_overall                 ? 
_refine.pdbx_average_fsc_work                    ? 
_refine.pdbx_average_fsc_free                    ? 
# 
_refine_hist.pdbx_refine_id                   'X-RAY DIFFRACTION' 
_refine_hist.cycle_id                         LAST 
_refine_hist.details                          ? 
_refine_hist.d_res_high                       2.30 
_refine_hist.d_res_low                        45.98 
_refine_hist.number_atoms_solvent             91 
_refine_hist.number_atoms_total               1378 
_refine_hist.number_reflns_all                ? 
_refine_hist.number_reflns_obs                ? 
_refine_hist.number_reflns_R_free             ? 
_refine_hist.number_reflns_R_work             ? 
_refine_hist.R_factor_all                     ? 
_refine_hist.R_factor_obs                     ? 
_refine_hist.R_factor_R_free                  ? 
_refine_hist.R_factor_R_work                  ? 
_refine_hist.pdbx_number_residues_total       ? 
_refine_hist.pdbx_B_iso_mean_ligand           ? 
_refine_hist.pdbx_B_iso_mean_solvent          ? 
_refine_hist.pdbx_number_atoms_protein        1250 
_refine_hist.pdbx_number_atoms_nucleic_acid   0 
_refine_hist.pdbx_number_atoms_ligand         37 
_refine_hist.pdbx_number_atoms_lipid          ? 
_refine_hist.pdbx_number_atoms_carb           ? 
_refine_hist.pdbx_pseudo_atom_details         ? 
# 
loop_
_refine_ls_restr.pdbx_refine_id 
_refine_ls_restr.criterion 
_refine_ls_restr.dev_ideal 
_refine_ls_restr.dev_ideal_target 
_refine_ls_restr.number 
_refine_ls_restr.rejects 
_refine_ls_restr.type 
_refine_ls_restr.weight 
_refine_ls_restr.pdbx_restraint_function 
'X-RAY DIFFRACTION' ? 0.009 ? 1313 ? f_bond_d           ? ? 
'X-RAY DIFFRACTION' ? 1.122 ? 1777 ? f_angle_d          ? ? 
'X-RAY DIFFRACTION' ? 8.484 ? 181  ? f_dihedral_angle_d ? ? 
'X-RAY DIFFRACTION' ? 0.079 ? 197  ? f_chiral_restr     ? ? 
'X-RAY DIFFRACTION' ? 0.009 ? 229  ? f_plane_restr      ? ? 
# 
loop_
_refine_ls_shell.pdbx_refine_id 
_refine_ls_shell.d_res_high 
_refine_ls_shell.d_res_low 
_refine_ls_shell.number_reflns_all 
_refine_ls_shell.number_reflns_obs 
_refine_ls_shell.number_reflns_R_free 
_refine_ls_shell.number_reflns_R_work 
_refine_ls_shell.percent_reflns_obs 
_refine_ls_shell.percent_reflns_R_free 
_refine_ls_shell.R_factor_all 
_refine_ls_shell.R_factor_obs 
_refine_ls_shell.R_factor_R_free_error 
_refine_ls_shell.R_factor_R_work 
_refine_ls_shell.redundancy_reflns_all 
_refine_ls_shell.redundancy_reflns_obs 
_refine_ls_shell.wR_factor_all 
_refine_ls_shell.wR_factor_obs 
_refine_ls_shell.wR_factor_R_free 
_refine_ls_shell.wR_factor_R_work 
_refine_ls_shell.pdbx_R_complete 
_refine_ls_shell.pdbx_total_number_of_bins_used 
_refine_ls_shell.pdbx_phase_error 
_refine_ls_shell.pdbx_fsc_work 
_refine_ls_shell.pdbx_fsc_free 
_refine_ls_shell.R_factor_R_free 
'X-RAY DIFFRACTION' 2.30 2.53  . . 123 2267 96.00 . . . . 0.2096 . . . . . . . . . . . 0.2544 
'X-RAY DIFFRACTION' 2.53 2.89  . . 124 2364 99.00 . . . . 0.2086 . . . . . . . . . . . 0.2821 
'X-RAY DIFFRACTION' 2.89 3.64  . . 120 2366 99.00 . . . . 0.2024 . . . . . . . . . . . 0.2435 
'X-RAY DIFFRACTION' 3.64 45.98 . . 128 2464 98.00 . . . . 0.1706 . . . . . . . . . . . 0.1870 
# 
_struct.entry_id                     9L4V 
_struct.title                        'The crystal structure of BurB-SMM-SAM complex' 
_struct.pdbx_model_details           ? 
_struct.pdbx_formula_weight          ? 
_struct.pdbx_formula_weight_method   ? 
_struct.pdbx_model_type_details      ? 
_struct.pdbx_CASP_flag               N 
# 
_struct_keywords.entry_id        9L4V 
_struct_keywords.text            'DMSP synthesis; S-methyltransferase; SET domain; global sulfur cycle, TRANSFERASE' 
_struct_keywords.pdbx_keywords   TRANSFERASE 
# 
loop_
_struct_asym.id 
_struct_asym.pdbx_blank_PDB_chainid_flag 
_struct_asym.pdbx_modified 
_struct_asym.entity_id 
_struct_asym.details 
A N N 1 ? 
B N N 2 ? 
C N N 3 ? 
D N N 4 ? 
# 
_struct_ref.id                         1 
_struct_ref.db_name                    UNP 
_struct_ref.db_code                    A0AAW9CLV1_BURTH 
_struct_ref.pdbx_db_accession          A0AAW9CLV1 
_struct_ref.pdbx_db_isoform            ? 
_struct_ref.entity_id                  1 
_struct_ref.pdbx_seq_one_letter_code   
;MTITLIEPVQQRTGIYPSSDLKVEDGYPSSDTFQIIQTQDGRGAGVRVLKTFARGRRMARVSGQITAFCRLHTLQINAHT
HLYDPHFSGLLLHSCDPNVRLDMAGFELWSLRDIAAGEMLTMDYASTEDVLMRQFECHCGAPNCRRWITGAKELPNDIGQ
ALLAGLRAAALA
;
_struct_ref.pdbx_align_begin           1 
# 
_struct_ref_seq.align_id                      1 
_struct_ref_seq.ref_id                        1 
_struct_ref_seq.pdbx_PDB_id_code              9L4V 
_struct_ref_seq.pdbx_strand_id                A 
_struct_ref_seq.seq_align_beg                 1 
_struct_ref_seq.pdbx_seq_align_beg_ins_code   ? 
_struct_ref_seq.seq_align_end                 172 
_struct_ref_seq.pdbx_seq_align_end_ins_code   ? 
_struct_ref_seq.pdbx_db_accession             A0AAW9CLV1 
_struct_ref_seq.db_align_beg                  1 
_struct_ref_seq.pdbx_db_align_beg_ins_code    ? 
_struct_ref_seq.db_align_end                  172 
_struct_ref_seq.pdbx_db_align_end_ins_code    ? 
_struct_ref_seq.pdbx_auth_seq_align_beg       1 
_struct_ref_seq.pdbx_auth_seq_align_end       172 
# 
loop_
_struct_ref_seq_dif.align_id 
_struct_ref_seq_dif.pdbx_pdb_id_code 
_struct_ref_seq_dif.mon_id 
_struct_ref_seq_dif.pdbx_pdb_strand_id 
_struct_ref_seq_dif.seq_num 
_struct_ref_seq_dif.pdbx_pdb_ins_code 
_struct_ref_seq_dif.pdbx_seq_db_name 
_struct_ref_seq_dif.pdbx_seq_db_accession_code 
_struct_ref_seq_dif.db_mon_id 
_struct_ref_seq_dif.pdbx_seq_db_seq_num 
_struct_ref_seq_dif.details 
_struct_ref_seq_dif.pdbx_auth_seq_num 
_struct_ref_seq_dif.pdbx_ordinal 
1 9L4V VAL A 96  ? UNP A0AAW9CLV1 ASP 96 conflict         96  1 
1 9L4V LEU A 173 ? UNP A0AAW9CLV1 ?   ?  'expression tag' 173 2 
1 9L4V GLU A 174 ? UNP A0AAW9CLV1 ?   ?  'expression tag' 174 3 
1 9L4V HIS A 175 ? UNP A0AAW9CLV1 ?   ?  'expression tag' 175 4 
1 9L4V HIS A 176 ? UNP A0AAW9CLV1 ?   ?  'expression tag' 176 5 
1 9L4V HIS A 177 ? UNP A0AAW9CLV1 ?   ?  'expression tag' 177 6 
1 9L4V HIS A 178 ? UNP A0AAW9CLV1 ?   ?  'expression tag' 178 7 
1 9L4V HIS A 179 ? UNP A0AAW9CLV1 ?   ?  'expression tag' 179 8 
1 9L4V HIS A 180 ? UNP A0AAW9CLV1 ?   ?  'expression tag' 180 9 
# 
_pdbx_struct_assembly.id                   1 
_pdbx_struct_assembly.details              author_and_software_defined_assembly 
_pdbx_struct_assembly.method_details       PISA 
_pdbx_struct_assembly.oligomeric_details   tetrameric 
_pdbx_struct_assembly.oligomeric_count     4 
# 
loop_
_pdbx_struct_assembly_prop.biol_id 
_pdbx_struct_assembly_prop.type 
_pdbx_struct_assembly_prop.value 
_pdbx_struct_assembly_prop.details 
1 'ABSA (A^2)' 8430  ? 
1 MORE         -13   ? 
1 'SSA (A^2)'  26410 ? 
# 
_pdbx_struct_assembly_gen.assembly_id       1 
_pdbx_struct_assembly_gen.oper_expression   1,2,3,4 
_pdbx_struct_assembly_gen.asym_id_list      A,B,C,D 
# 
_pdbx_struct_assembly_auth_evidence.id                     1 
_pdbx_struct_assembly_auth_evidence.assembly_id            1 
_pdbx_struct_assembly_auth_evidence.experimental_support   'gel filtration' 
_pdbx_struct_assembly_auth_evidence.details                ? 
# 
loop_
_pdbx_struct_oper_list.id 
_pdbx_struct_oper_list.type 
_pdbx_struct_oper_list.name 
_pdbx_struct_oper_list.symmetry_operation 
_pdbx_struct_oper_list.matrix[1][1] 
_pdbx_struct_oper_list.matrix[1][2] 
_pdbx_struct_oper_list.matrix[1][3] 
_pdbx_struct_oper_list.vector[1] 
_pdbx_struct_oper_list.matrix[2][1] 
_pdbx_struct_oper_list.matrix[2][2] 
_pdbx_struct_oper_list.matrix[2][3] 
_pdbx_struct_oper_list.vector[2] 
_pdbx_struct_oper_list.matrix[3][1] 
_pdbx_struct_oper_list.matrix[3][2] 
_pdbx_struct_oper_list.matrix[3][3] 
_pdbx_struct_oper_list.vector[3] 
1 'identity operation'         1_555 x,y,z     1.0000000000  0.0000000000  0.0000000000  0.0000000000   0.0000000000  1.0000000000  0.0000000000  0.0000000000   0.0000000000  0.0000000000  1.0000000000  0.0000000000   
2 'crystal symmetry operation' 2_555 -x,-y,z   -0.9387412122 0.1994488116  0.2810428938  -16.6399291104 0.1994488116  -0.3506265817 0.9150306944  14.0343854180  0.2810428938  0.9150306944  0.2893677939  -6.3328397407  
3 'crystal symmetry operation' 3_556 -x,y,-z+1 -0.3293885819 0.6948479184  -0.6392883014 -23.9320783816 0.6948479184  -0.2800396523 -0.6623927562 -6.7761876260  -0.6392883014 -0.6623927562 -0.3905717658 -32.4697712145 
4 'crystal symmetry operation' 4_556 x,-y,-z+1 0.2681297941  -0.8942967301 0.3582454076  -4.6508018731  -0.8942967301 -0.3693337660 -0.2526379383 -18.0737649731 0.3582454076  -0.2526379383 -0.8987960281 -28.6549060358 
# 
loop_
_struct_conf.conf_type_id 
_struct_conf.id 
_struct_conf.pdbx_PDB_helix_id 
_struct_conf.beg_label_comp_id 
_struct_conf.beg_label_asym_id 
_struct_conf.beg_label_seq_id 
_struct_conf.pdbx_beg_PDB_ins_code 
_struct_conf.end_label_comp_id 
_struct_conf.end_label_asym_id 
_struct_conf.end_label_seq_id 
_struct_conf.pdbx_end_PDB_ins_code 
_struct_conf.beg_auth_comp_id 
_struct_conf.beg_auth_asym_id 
_struct_conf.beg_auth_seq_id 
_struct_conf.end_auth_comp_id 
_struct_conf.end_auth_asym_id 
_struct_conf.end_auth_seq_id 
_struct_conf.pdbx_PDB_helix_class 
_struct_conf.details 
_struct_conf.pdbx_PDB_helix_length 
HELX_P HELX_P1 AA1 LYS A 22  ? GLY A 26  ? LYS A 22  GLY A 26  5 ? 5  
HELX_P HELX_P2 AA2 PHE A 87  ? LEU A 91  ? PHE A 87  LEU A 91  5 ? 5  
HELX_P HELX_P3 AA3 ASP A 123 ? GLU A 128 ? ASP A 123 GLU A 128 1 ? 6  
HELX_P HELX_P4 AA4 ASN A 156 ? ALA A 170 ? ASN A 156 ALA A 170 1 ? 15 
# 
_struct_conf_type.id          HELX_P 
_struct_conf_type.criteria    ? 
_struct_conf_type.reference   ? 
# 
loop_
_struct_sheet.id 
_struct_sheet.type 
_struct_sheet.number_strands 
_struct_sheet.details 
AA1 ? 2 ? 
AA2 ? 3 ? 
AA3 ? 3 ? 
AA4 ? 2 ? 
AA5 ? 2 ? 
# 
loop_
_struct_sheet_order.sheet_id 
_struct_sheet_order.range_id_1 
_struct_sheet_order.range_id_2 
_struct_sheet_order.offset 
_struct_sheet_order.sense 
AA1 1 2 ? anti-parallel 
AA2 1 2 ? anti-parallel 
AA2 2 3 ? anti-parallel 
AA3 1 2 ? anti-parallel 
AA3 2 3 ? anti-parallel 
AA4 1 2 ? parallel      
AA5 1 2 ? anti-parallel 
# 
loop_
_struct_sheet_range.sheet_id 
_struct_sheet_range.id 
_struct_sheet_range.beg_label_comp_id 
_struct_sheet_range.beg_label_asym_id 
_struct_sheet_range.beg_label_seq_id 
_struct_sheet_range.pdbx_beg_PDB_ins_code 
_struct_sheet_range.end_label_comp_id 
_struct_sheet_range.end_label_asym_id 
_struct_sheet_range.end_label_seq_id 
_struct_sheet_range.pdbx_end_PDB_ins_code 
_struct_sheet_range.beg_auth_comp_id 
_struct_sheet_range.beg_auth_asym_id 
_struct_sheet_range.beg_auth_seq_id 
_struct_sheet_range.end_auth_comp_id 
_struct_sheet_range.end_auth_asym_id 
_struct_sheet_range.end_auth_seq_id 
AA1 1 PHE A 33  ? GLN A 37  ? PHE A 33  GLN A 37  
AA1 2 ALA A 44  ? VAL A 48  ? ALA A 44  VAL A 48  
AA2 1 ARG A 57  ? ARG A 60  ? ARG A 57  ARG A 60  
AA2 2 GLU A 107 ? SER A 110 ? GLU A 107 SER A 110 
AA2 3 VAL A 99  ? ASP A 102 ? VAL A 99  ASP A 102 
AA3 1 GLN A 64  ? THR A 66  ? GLN A 64  THR A 66  
AA3 2 THR A 80  ? TYR A 83  ? THR A 80  TYR A 83  
AA3 3 THR A 73  ? ASN A 77  ? THR A 73  ASN A 77  
AA4 1 LEU A 92  ? HIS A 93  ? LEU A 92  HIS A 93  
AA4 2 THR A 121 ? MET A 122 ? THR A 121 MET A 122 
AA5 1 PHE A 135 ? GLU A 136 ? PHE A 135 GLU A 136 
AA5 2 TRP A 147 ? ILE A 148 ? TRP A 147 ILE A 148 
# 
loop_
_pdbx_struct_sheet_hbond.sheet_id 
_pdbx_struct_sheet_hbond.range_id_1 
_pdbx_struct_sheet_hbond.range_id_2 
_pdbx_struct_sheet_hbond.range_1_label_atom_id 
_pdbx_struct_sheet_hbond.range_1_label_comp_id 
_pdbx_struct_sheet_hbond.range_1_label_asym_id 
_pdbx_struct_sheet_hbond.range_1_label_seq_id 
_pdbx_struct_sheet_hbond.range_1_PDB_ins_code 
_pdbx_struct_sheet_hbond.range_1_auth_atom_id 
_pdbx_struct_sheet_hbond.range_1_auth_comp_id 
_pdbx_struct_sheet_hbond.range_1_auth_asym_id 
_pdbx_struct_sheet_hbond.range_1_auth_seq_id 
_pdbx_struct_sheet_hbond.range_2_label_atom_id 
_pdbx_struct_sheet_hbond.range_2_label_comp_id 
_pdbx_struct_sheet_hbond.range_2_label_asym_id 
_pdbx_struct_sheet_hbond.range_2_label_seq_id 
_pdbx_struct_sheet_hbond.range_2_PDB_ins_code 
_pdbx_struct_sheet_hbond.range_2_auth_atom_id 
_pdbx_struct_sheet_hbond.range_2_auth_comp_id 
_pdbx_struct_sheet_hbond.range_2_auth_asym_id 
_pdbx_struct_sheet_hbond.range_2_auth_seq_id 
AA1 1 2 N GLN A 34  ? N GLN A 34  O ARG A 47  ? O ARG A 47  
AA2 1 2 N ALA A 59  ? N ALA A 59  O LEU A 108 ? O LEU A 108 
AA2 2 3 O GLU A 107 ? O GLU A 107 N ASP A 102 ? N ASP A 102 
AA3 1 2 N GLN A 64  ? N GLN A 64  O TYR A 83  ? O TYR A 83  
AA3 2 3 O LEU A 82  ? O LEU A 82  N LEU A 74  ? N LEU A 74  
AA4 1 2 N LEU A 92  ? N LEU A 92  O MET A 122 ? O MET A 122 
AA5 1 2 N PHE A 135 ? N PHE A 135 O ILE A 148 ? O ILE A 148 
# 
_pdbx_entry_details.entry_id                   9L4V 
_pdbx_entry_details.nonpolymer_details         ? 
_pdbx_entry_details.sequence_details           ? 
_pdbx_entry_details.compound_details           ? 
_pdbx_entry_details.source_details             ? 
_pdbx_entry_details.has_ligand_of_interest     Y 
_pdbx_entry_details.has_protein_modification   N 
# 
loop_
_pdbx_validate_torsion.id 
_pdbx_validate_torsion.PDB_model_num 
_pdbx_validate_torsion.auth_comp_id 
_pdbx_validate_torsion.auth_asym_id 
_pdbx_validate_torsion.auth_seq_id 
_pdbx_validate_torsion.PDB_ins_code 
_pdbx_validate_torsion.label_alt_id 
_pdbx_validate_torsion.phi 
_pdbx_validate_torsion.psi 
1 1 PHE A 87  ? ? -143.07 -82.16 
2 1 ARG A 146 ? ? 70.13   -37.14 
# 
loop_
_space_group_symop.id 
_space_group_symop.operation_xyz 
1 x,y,z               
2 x,-y,-z             
3 -x,y,-z             
4 -x,-y,z             
5 x+1/2,y+1/2,z+1/2   
6 x+1/2,-y+1/2,-z+1/2 
7 -x+1/2,y+1/2,-z+1/2 
8 -x+1/2,-y+1/2,z+1/2 
# 
loop_
_pdbx_unobs_or_zero_occ_residues.id 
_pdbx_unobs_or_zero_occ_residues.PDB_model_num 
_pdbx_unobs_or_zero_occ_residues.polymer_flag 
_pdbx_unobs_or_zero_occ_residues.occupancy_flag 
_pdbx_unobs_or_zero_occ_residues.auth_asym_id 
_pdbx_unobs_or_zero_occ_residues.auth_comp_id 
_pdbx_unobs_or_zero_occ_residues.auth_seq_id 
_pdbx_unobs_or_zero_occ_residues.PDB_ins_code 
_pdbx_unobs_or_zero_occ_residues.label_asym_id 
_pdbx_unobs_or_zero_occ_residues.label_comp_id 
_pdbx_unobs_or_zero_occ_residues.label_seq_id 
1  1 Y 1 A MET 1   ? A MET 1   
2  1 Y 1 A THR 2   ? A THR 2   
3  1 Y 1 A ILE 3   ? A ILE 3   
4  1 Y 1 A THR 4   ? A THR 4   
5  1 Y 1 A LEU 5   ? A LEU 5   
6  1 Y 1 A ILE 6   ? A ILE 6   
7  1 Y 1 A GLU 7   ? A GLU 7   
8  1 Y 1 A PRO 8   ? A PRO 8   
9  1 Y 1 A VAL 9   ? A VAL 9   
10 1 Y 1 A GLN 10  ? A GLN 10  
11 1 Y 1 A ALA 172 ? A ALA 172 
12 1 Y 1 A LEU 173 ? A LEU 173 
13 1 Y 1 A GLU 174 ? A GLU 174 
14 1 Y 1 A HIS 175 ? A HIS 175 
15 1 Y 1 A HIS 176 ? A HIS 176 
16 1 Y 1 A HIS 177 ? A HIS 177 
17 1 Y 1 A HIS 178 ? A HIS 178 
18 1 Y 1 A HIS 179 ? A HIS 179 
19 1 Y 1 A HIS 180 ? A HIS 180 
# 
loop_
_chem_comp_atom.comp_id 
_chem_comp_atom.atom_id 
_chem_comp_atom.type_symbol 
_chem_comp_atom.pdbx_aromatic_flag 
_chem_comp_atom.pdbx_stereo_config 
_chem_comp_atom.pdbx_ordinal 
A1LUD CE     C N N 1   
A1LUD SD     S N N 2   
A1LUD C2     C N N 3   
A1LUD CG     C N N 4   
A1LUD CB     C N N 5   
A1LUD CA     C N S 6   
A1LUD N      N N N 7   
A1LUD C      C N N 8   
A1LUD OXT    O N N 9   
A1LUD O      O N N 10  
A1LUD HE1    H N N 11  
A1LUD HE2    H N N 12  
A1LUD HE3    H N N 13  
A1LUD H4     H N N 14  
A1LUD H5     H N N 15  
A1LUD H6     H N N 16  
A1LUD HG2    H N N 17  
A1LUD HG3    H N N 18  
A1LUD HB2    H N N 19  
A1LUD HB3    H N N 20  
A1LUD HA     H N N 21  
A1LUD H      H N N 22  
A1LUD H2     H N N 23  
A1LUD HXT    H N N 24  
ALA   N      N N N 25  
ALA   CA     C N S 26  
ALA   C      C N N 27  
ALA   O      O N N 28  
ALA   CB     C N N 29  
ALA   OXT    O N N 30  
ALA   H      H N N 31  
ALA   H2     H N N 32  
ALA   HA     H N N 33  
ALA   HB1    H N N 34  
ALA   HB2    H N N 35  
ALA   HB3    H N N 36  
ALA   HXT    H N N 37  
ARG   N      N N N 38  
ARG   CA     C N S 39  
ARG   C      C N N 40  
ARG   O      O N N 41  
ARG   CB     C N N 42  
ARG   CG     C N N 43  
ARG   CD     C N N 44  
ARG   NE     N N N 45  
ARG   CZ     C N N 46  
ARG   NH1    N N N 47  
ARG   NH2    N N N 48  
ARG   OXT    O N N 49  
ARG   H      H N N 50  
ARG   H2     H N N 51  
ARG   HA     H N N 52  
ARG   HB2    H N N 53  
ARG   HB3    H N N 54  
ARG   HG2    H N N 55  
ARG   HG3    H N N 56  
ARG   HD2    H N N 57  
ARG   HD3    H N N 58  
ARG   HE     H N N 59  
ARG   HH11   H N N 60  
ARG   HH12   H N N 61  
ARG   HH21   H N N 62  
ARG   HH22   H N N 63  
ARG   HXT    H N N 64  
ASN   N      N N N 65  
ASN   CA     C N S 66  
ASN   C      C N N 67  
ASN   O      O N N 68  
ASN   CB     C N N 69  
ASN   CG     C N N 70  
ASN   OD1    O N N 71  
ASN   ND2    N N N 72  
ASN   OXT    O N N 73  
ASN   H      H N N 74  
ASN   H2     H N N 75  
ASN   HA     H N N 76  
ASN   HB2    H N N 77  
ASN   HB3    H N N 78  
ASN   HD21   H N N 79  
ASN   HD22   H N N 80  
ASN   HXT    H N N 81  
ASP   N      N N N 82  
ASP   CA     C N S 83  
ASP   C      C N N 84  
ASP   O      O N N 85  
ASP   CB     C N N 86  
ASP   CG     C N N 87  
ASP   OD1    O N N 88  
ASP   OD2    O N N 89  
ASP   OXT    O N N 90  
ASP   H      H N N 91  
ASP   H2     H N N 92  
ASP   HA     H N N 93  
ASP   HB2    H N N 94  
ASP   HB3    H N N 95  
ASP   HD2    H N N 96  
ASP   HXT    H N N 97  
CYS   N      N N N 98  
CYS   CA     C N R 99  
CYS   C      C N N 100 
CYS   O      O N N 101 
CYS   CB     C N N 102 
CYS   SG     S N N 103 
CYS   OXT    O N N 104 
CYS   H      H N N 105 
CYS   H2     H N N 106 
CYS   HA     H N N 107 
CYS   HB2    H N N 108 
CYS   HB3    H N N 109 
CYS   HG     H N N 110 
CYS   HXT    H N N 111 
GLN   N      N N N 112 
GLN   CA     C N S 113 
GLN   C      C N N 114 
GLN   O      O N N 115 
GLN   CB     C N N 116 
GLN   CG     C N N 117 
GLN   CD     C N N 118 
GLN   OE1    O N N 119 
GLN   NE2    N N N 120 
GLN   OXT    O N N 121 
GLN   H      H N N 122 
GLN   H2     H N N 123 
GLN   HA     H N N 124 
GLN   HB2    H N N 125 
GLN   HB3    H N N 126 
GLN   HG2    H N N 127 
GLN   HG3    H N N 128 
GLN   HE21   H N N 129 
GLN   HE22   H N N 130 
GLN   HXT    H N N 131 
GLU   N      N N N 132 
GLU   CA     C N S 133 
GLU   C      C N N 134 
GLU   O      O N N 135 
GLU   CB     C N N 136 
GLU   CG     C N N 137 
GLU   CD     C N N 138 
GLU   OE1    O N N 139 
GLU   OE2    O N N 140 
GLU   OXT    O N N 141 
GLU   H      H N N 142 
GLU   H2     H N N 143 
GLU   HA     H N N 144 
GLU   HB2    H N N 145 
GLU   HB3    H N N 146 
GLU   HG2    H N N 147 
GLU   HG3    H N N 148 
GLU   HE2    H N N 149 
GLU   HXT    H N N 150 
GLY   N      N N N 151 
GLY   CA     C N N 152 
GLY   C      C N N 153 
GLY   O      O N N 154 
GLY   OXT    O N N 155 
GLY   H      H N N 156 
GLY   H2     H N N 157 
GLY   HA2    H N N 158 
GLY   HA3    H N N 159 
GLY   HXT    H N N 160 
HIS   N      N N N 161 
HIS   CA     C N S 162 
HIS   C      C N N 163 
HIS   O      O N N 164 
HIS   CB     C N N 165 
HIS   CG     C Y N 166 
HIS   ND1    N Y N 167 
HIS   CD2    C Y N 168 
HIS   CE1    C Y N 169 
HIS   NE2    N Y N 170 
HIS   OXT    O N N 171 
HIS   H      H N N 172 
HIS   H2     H N N 173 
HIS   HA     H N N 174 
HIS   HB2    H N N 175 
HIS   HB3    H N N 176 
HIS   HD1    H N N 177 
HIS   HD2    H N N 178 
HIS   HE1    H N N 179 
HIS   HE2    H N N 180 
HIS   HXT    H N N 181 
HOH   O      O N N 182 
HOH   H1     H N N 183 
HOH   H2     H N N 184 
ILE   N      N N N 185 
ILE   CA     C N S 186 
ILE   C      C N N 187 
ILE   O      O N N 188 
ILE   CB     C N S 189 
ILE   CG1    C N N 190 
ILE   CG2    C N N 191 
ILE   CD1    C N N 192 
ILE   OXT    O N N 193 
ILE   H      H N N 194 
ILE   H2     H N N 195 
ILE   HA     H N N 196 
ILE   HB     H N N 197 
ILE   HG12   H N N 198 
ILE   HG13   H N N 199 
ILE   HG21   H N N 200 
ILE   HG22   H N N 201 
ILE   HG23   H N N 202 
ILE   HD11   H N N 203 
ILE   HD12   H N N 204 
ILE   HD13   H N N 205 
ILE   HXT    H N N 206 
LEU   N      N N N 207 
LEU   CA     C N S 208 
LEU   C      C N N 209 
LEU   O      O N N 210 
LEU   CB     C N N 211 
LEU   CG     C N N 212 
LEU   CD1    C N N 213 
LEU   CD2    C N N 214 
LEU   OXT    O N N 215 
LEU   H      H N N 216 
LEU   H2     H N N 217 
LEU   HA     H N N 218 
LEU   HB2    H N N 219 
LEU   HB3    H N N 220 
LEU   HG     H N N 221 
LEU   HD11   H N N 222 
LEU   HD12   H N N 223 
LEU   HD13   H N N 224 
LEU   HD21   H N N 225 
LEU   HD22   H N N 226 
LEU   HD23   H N N 227 
LEU   HXT    H N N 228 
LYS   N      N N N 229 
LYS   CA     C N S 230 
LYS   C      C N N 231 
LYS   O      O N N 232 
LYS   CB     C N N 233 
LYS   CG     C N N 234 
LYS   CD     C N N 235 
LYS   CE     C N N 236 
LYS   NZ     N N N 237 
LYS   OXT    O N N 238 
LYS   H      H N N 239 
LYS   H2     H N N 240 
LYS   HA     H N N 241 
LYS   HB2    H N N 242 
LYS   HB3    H N N 243 
LYS   HG2    H N N 244 
LYS   HG3    H N N 245 
LYS   HD2    H N N 246 
LYS   HD3    H N N 247 
LYS   HE2    H N N 248 
LYS   HE3    H N N 249 
LYS   HZ1    H N N 250 
LYS   HZ2    H N N 251 
LYS   HZ3    H N N 252 
LYS   HXT    H N N 253 
MET   N      N N N 254 
MET   CA     C N S 255 
MET   C      C N N 256 
MET   O      O N N 257 
MET   CB     C N N 258 
MET   CG     C N N 259 
MET   SD     S N N 260 
MET   CE     C N N 261 
MET   OXT    O N N 262 
MET   H      H N N 263 
MET   H2     H N N 264 
MET   HA     H N N 265 
MET   HB2    H N N 266 
MET   HB3    H N N 267 
MET   HG2    H N N 268 
MET   HG3    H N N 269 
MET   HE1    H N N 270 
MET   HE2    H N N 271 
MET   HE3    H N N 272 
MET   HXT    H N N 273 
PHE   N      N N N 274 
PHE   CA     C N S 275 
PHE   C      C N N 276 
PHE   O      O N N 277 
PHE   CB     C N N 278 
PHE   CG     C Y N 279 
PHE   CD1    C Y N 280 
PHE   CD2    C Y N 281 
PHE   CE1    C Y N 282 
PHE   CE2    C Y N 283 
PHE   CZ     C Y N 284 
PHE   OXT    O N N 285 
PHE   H      H N N 286 
PHE   H2     H N N 287 
PHE   HA     H N N 288 
PHE   HB2    H N N 289 
PHE   HB3    H N N 290 
PHE   HD1    H N N 291 
PHE   HD2    H N N 292 
PHE   HE1    H N N 293 
PHE   HE2    H N N 294 
PHE   HZ     H N N 295 
PHE   HXT    H N N 296 
PRO   N      N N N 297 
PRO   CA     C N S 298 
PRO   C      C N N 299 
PRO   O      O N N 300 
PRO   CB     C N N 301 
PRO   CG     C N N 302 
PRO   CD     C N N 303 
PRO   OXT    O N N 304 
PRO   H      H N N 305 
PRO   HA     H N N 306 
PRO   HB2    H N N 307 
PRO   HB3    H N N 308 
PRO   HG2    H N N 309 
PRO   HG3    H N N 310 
PRO   HD2    H N N 311 
PRO   HD3    H N N 312 
PRO   HXT    H N N 313 
SAM   N      N N N 314 
SAM   CA     C N S 315 
SAM   C      C N N 316 
SAM   O      O N N 317 
SAM   OXT    O N N 318 
SAM   CB     C N N 319 
SAM   CG     C N N 320 
SAM   SD     S N S 321 
SAM   CE     C N N 322 
SAM   "C5'"  C N N 323 
SAM   "C4'"  C N S 324 
SAM   "O4'"  O N N 325 
SAM   "C3'"  C N S 326 
SAM   "O3'"  O N N 327 
SAM   "C2'"  C N R 328 
SAM   "O2'"  O N N 329 
SAM   "C1'"  C N R 330 
SAM   N9     N Y N 331 
SAM   C8     C Y N 332 
SAM   N7     N Y N 333 
SAM   C5     C Y N 334 
SAM   C6     C Y N 335 
SAM   N6     N N N 336 
SAM   N1     N Y N 337 
SAM   C2     C Y N 338 
SAM   N3     N Y N 339 
SAM   C4     C Y N 340 
SAM   HN1    H N N 341 
SAM   HN2    H N N 342 
SAM   HA     H N N 343 
SAM   HB1    H N N 344 
SAM   HB2    H N N 345 
SAM   HG1    H N N 346 
SAM   HG2    H N N 347 
SAM   HE1    H N N 348 
SAM   HE2    H N N 349 
SAM   HE3    H N N 350 
SAM   "H5'1" H N N 351 
SAM   "H5'2" H N N 352 
SAM   "H4'"  H N N 353 
SAM   "H3'"  H N N 354 
SAM   "HO3'" H N N 355 
SAM   "H2'"  H N N 356 
SAM   "HO2'" H N N 357 
SAM   "H1'"  H N N 358 
SAM   H8     H N N 359 
SAM   HN61   H N N 360 
SAM   HN62   H N N 361 
SAM   H2     H N N 362 
SER   N      N N N 363 
SER   CA     C N S 364 
SER   C      C N N 365 
SER   O      O N N 366 
SER   CB     C N N 367 
SER   OG     O N N 368 
SER   OXT    O N N 369 
SER   H      H N N 370 
SER   H2     H N N 371 
SER   HA     H N N 372 
SER   HB2    H N N 373 
SER   HB3    H N N 374 
SER   HG     H N N 375 
SER   HXT    H N N 376 
THR   N      N N N 377 
THR   CA     C N S 378 
THR   C      C N N 379 
THR   O      O N N 380 
THR   CB     C N R 381 
THR   OG1    O N N 382 
THR   CG2    C N N 383 
THR   OXT    O N N 384 
THR   H      H N N 385 
THR   H2     H N N 386 
THR   HA     H N N 387 
THR   HB     H N N 388 
THR   HG1    H N N 389 
THR   HG21   H N N 390 
THR   HG22   H N N 391 
THR   HG23   H N N 392 
THR   HXT    H N N 393 
TRP   N      N N N 394 
TRP   CA     C N S 395 
TRP   C      C N N 396 
TRP   O      O N N 397 
TRP   CB     C N N 398 
TRP   CG     C Y N 399 
TRP   CD1    C Y N 400 
TRP   CD2    C Y N 401 
TRP   NE1    N Y N 402 
TRP   CE2    C Y N 403 
TRP   CE3    C Y N 404 
TRP   CZ2    C Y N 405 
TRP   CZ3    C Y N 406 
TRP   CH2    C Y N 407 
TRP   OXT    O N N 408 
TRP   H      H N N 409 
TRP   H2     H N N 410 
TRP   HA     H N N 411 
TRP   HB2    H N N 412 
TRP   HB3    H N N 413 
TRP   HD1    H N N 414 
TRP   HE1    H N N 415 
TRP   HE3    H N N 416 
TRP   HZ2    H N N 417 
TRP   HZ3    H N N 418 
TRP   HH2    H N N 419 
TRP   HXT    H N N 420 
TYR   N      N N N 421 
TYR   CA     C N S 422 
TYR   C      C N N 423 
TYR   O      O N N 424 
TYR   CB     C N N 425 
TYR   CG     C Y N 426 
TYR   CD1    C Y N 427 
TYR   CD2    C Y N 428 
TYR   CE1    C Y N 429 
TYR   CE2    C Y N 430 
TYR   CZ     C Y N 431 
TYR   OH     O N N 432 
TYR   OXT    O N N 433 
TYR   H      H N N 434 
TYR   H2     H N N 435 
TYR   HA     H N N 436 
TYR   HB2    H N N 437 
TYR   HB3    H N N 438 
TYR   HD1    H N N 439 
TYR   HD2    H N N 440 
TYR   HE1    H N N 441 
TYR   HE2    H N N 442 
TYR   HH     H N N 443 
TYR   HXT    H N N 444 
VAL   N      N N N 445 
VAL   CA     C N S 446 
VAL   C      C N N 447 
VAL   O      O N N 448 
VAL   CB     C N N 449 
VAL   CG1    C N N 450 
VAL   CG2    C N N 451 
VAL   OXT    O N N 452 
VAL   H      H N N 453 
VAL   H2     H N N 454 
VAL   HA     H N N 455 
VAL   HB     H N N 456 
VAL   HG11   H N N 457 
VAL   HG12   H N N 458 
VAL   HG13   H N N 459 
VAL   HG21   H N N 460 
VAL   HG22   H N N 461 
VAL   HG23   H N N 462 
VAL   HXT    H N N 463 
# 
loop_
_chem_comp_bond.comp_id 
_chem_comp_bond.atom_id_1 
_chem_comp_bond.atom_id_2 
_chem_comp_bond.value_order 
_chem_comp_bond.pdbx_aromatic_flag 
_chem_comp_bond.pdbx_stereo_config 
_chem_comp_bond.pdbx_ordinal 
A1LUD CE    SD     sing N N 1   
A1LUD SD    C2     sing N N 2   
A1LUD SD    CG     sing N N 3   
A1LUD CG    CB     sing N N 4   
A1LUD CB    CA     sing N N 5   
A1LUD CA    N      sing N N 6   
A1LUD CA    C      sing N N 7   
A1LUD C     OXT    sing N N 8   
A1LUD C     O      doub N N 9   
A1LUD CE    HE1    sing N N 10  
A1LUD CE    HE2    sing N N 11  
A1LUD CE    HE3    sing N N 12  
A1LUD C2    H4     sing N N 13  
A1LUD C2    H5     sing N N 14  
A1LUD C2    H6     sing N N 15  
A1LUD CG    HG2    sing N N 16  
A1LUD CG    HG3    sing N N 17  
A1LUD CB    HB2    sing N N 18  
A1LUD CB    HB3    sing N N 19  
A1LUD CA    HA     sing N N 20  
A1LUD N     H      sing N N 21  
A1LUD N     H2     sing N N 22  
A1LUD OXT   HXT    sing N N 23  
ALA   N     CA     sing N N 24  
ALA   N     H      sing N N 25  
ALA   N     H2     sing N N 26  
ALA   CA    C      sing N N 27  
ALA   CA    CB     sing N N 28  
ALA   CA    HA     sing N N 29  
ALA   C     O      doub N N 30  
ALA   C     OXT    sing N N 31  
ALA   CB    HB1    sing N N 32  
ALA   CB    HB2    sing N N 33  
ALA   CB    HB3    sing N N 34  
ALA   OXT   HXT    sing N N 35  
ARG   N     CA     sing N N 36  
ARG   N     H      sing N N 37  
ARG   N     H2     sing N N 38  
ARG   CA    C      sing N N 39  
ARG   CA    CB     sing N N 40  
ARG   CA    HA     sing N N 41  
ARG   C     O      doub N N 42  
ARG   C     OXT    sing N N 43  
ARG   CB    CG     sing N N 44  
ARG   CB    HB2    sing N N 45  
ARG   CB    HB3    sing N N 46  
ARG   CG    CD     sing N N 47  
ARG   CG    HG2    sing N N 48  
ARG   CG    HG3    sing N N 49  
ARG   CD    NE     sing N N 50  
ARG   CD    HD2    sing N N 51  
ARG   CD    HD3    sing N N 52  
ARG   NE    CZ     sing N N 53  
ARG   NE    HE     sing N N 54  
ARG   CZ    NH1    sing N N 55  
ARG   CZ    NH2    doub N N 56  
ARG   NH1   HH11   sing N N 57  
ARG   NH1   HH12   sing N N 58  
ARG   NH2   HH21   sing N N 59  
ARG   NH2   HH22   sing N N 60  
ARG   OXT   HXT    sing N N 61  
ASN   N     CA     sing N N 62  
ASN   N     H      sing N N 63  
ASN   N     H2     sing N N 64  
ASN   CA    C      sing N N 65  
ASN   CA    CB     sing N N 66  
ASN   CA    HA     sing N N 67  
ASN   C     O      doub N N 68  
ASN   C     OXT    sing N N 69  
ASN   CB    CG     sing N N 70  
ASN   CB    HB2    sing N N 71  
ASN   CB    HB3    sing N N 72  
ASN   CG    OD1    doub N N 73  
ASN   CG    ND2    sing N N 74  
ASN   ND2   HD21   sing N N 75  
ASN   ND2   HD22   sing N N 76  
ASN   OXT   HXT    sing N N 77  
ASP   N     CA     sing N N 78  
ASP   N     H      sing N N 79  
ASP   N     H2     sing N N 80  
ASP   CA    C      sing N N 81  
ASP   CA    CB     sing N N 82  
ASP   CA    HA     sing N N 83  
ASP   C     O      doub N N 84  
ASP   C     OXT    sing N N 85  
ASP   CB    CG     sing N N 86  
ASP   CB    HB2    sing N N 87  
ASP   CB    HB3    sing N N 88  
ASP   CG    OD1    doub N N 89  
ASP   CG    OD2    sing N N 90  
ASP   OD2   HD2    sing N N 91  
ASP   OXT   HXT    sing N N 92  
CYS   N     CA     sing N N 93  
CYS   N     H      sing N N 94  
CYS   N     H2     sing N N 95  
CYS   CA    C      sing N N 96  
CYS   CA    CB     sing N N 97  
CYS   CA    HA     sing N N 98  
CYS   C     O      doub N N 99  
CYS   C     OXT    sing N N 100 
CYS   CB    SG     sing N N 101 
CYS   CB    HB2    sing N N 102 
CYS   CB    HB3    sing N N 103 
CYS   SG    HG     sing N N 104 
CYS   OXT   HXT    sing N N 105 
GLN   N     CA     sing N N 106 
GLN   N     H      sing N N 107 
GLN   N     H2     sing N N 108 
GLN   CA    C      sing N N 109 
GLN   CA    CB     sing N N 110 
GLN   CA    HA     sing N N 111 
GLN   C     O      doub N N 112 
GLN   C     OXT    sing N N 113 
GLN   CB    CG     sing N N 114 
GLN   CB    HB2    sing N N 115 
GLN   CB    HB3    sing N N 116 
GLN   CG    CD     sing N N 117 
GLN   CG    HG2    sing N N 118 
GLN   CG    HG3    sing N N 119 
GLN   CD    OE1    doub N N 120 
GLN   CD    NE2    sing N N 121 
GLN   NE2   HE21   sing N N 122 
GLN   NE2   HE22   sing N N 123 
GLN   OXT   HXT    sing N N 124 
GLU   N     CA     sing N N 125 
GLU   N     H      sing N N 126 
GLU   N     H2     sing N N 127 
GLU   CA    C      sing N N 128 
GLU   CA    CB     sing N N 129 
GLU   CA    HA     sing N N 130 
GLU   C     O      doub N N 131 
GLU   C     OXT    sing N N 132 
GLU   CB    CG     sing N N 133 
GLU   CB    HB2    sing N N 134 
GLU   CB    HB3    sing N N 135 
GLU   CG    CD     sing N N 136 
GLU   CG    HG2    sing N N 137 
GLU   CG    HG3    sing N N 138 
GLU   CD    OE1    doub N N 139 
GLU   CD    OE2    sing N N 140 
GLU   OE2   HE2    sing N N 141 
GLU   OXT   HXT    sing N N 142 
GLY   N     CA     sing N N 143 
GLY   N     H      sing N N 144 
GLY   N     H2     sing N N 145 
GLY   CA    C      sing N N 146 
GLY   CA    HA2    sing N N 147 
GLY   CA    HA3    sing N N 148 
GLY   C     O      doub N N 149 
GLY   C     OXT    sing N N 150 
GLY   OXT   HXT    sing N N 151 
HIS   N     CA     sing N N 152 
HIS   N     H      sing N N 153 
HIS   N     H2     sing N N 154 
HIS   CA    C      sing N N 155 
HIS   CA    CB     sing N N 156 
HIS   CA    HA     sing N N 157 
HIS   C     O      doub N N 158 
HIS   C     OXT    sing N N 159 
HIS   CB    CG     sing N N 160 
HIS   CB    HB2    sing N N 161 
HIS   CB    HB3    sing N N 162 
HIS   CG    ND1    sing Y N 163 
HIS   CG    CD2    doub Y N 164 
HIS   ND1   CE1    doub Y N 165 
HIS   ND1   HD1    sing N N 166 
HIS   CD2   NE2    sing Y N 167 
HIS   CD2   HD2    sing N N 168 
HIS   CE1   NE2    sing Y N 169 
HIS   CE1   HE1    sing N N 170 
HIS   NE2   HE2    sing N N 171 
HIS   OXT   HXT    sing N N 172 
HOH   O     H1     sing N N 173 
HOH   O     H2     sing N N 174 
ILE   N     CA     sing N N 175 
ILE   N     H      sing N N 176 
ILE   N     H2     sing N N 177 
ILE   CA    C      sing N N 178 
ILE   CA    CB     sing N N 179 
ILE   CA    HA     sing N N 180 
ILE   C     O      doub N N 181 
ILE   C     OXT    sing N N 182 
ILE   CB    CG1    sing N N 183 
ILE   CB    CG2    sing N N 184 
ILE   CB    HB     sing N N 185 
ILE   CG1   CD1    sing N N 186 
ILE   CG1   HG12   sing N N 187 
ILE   CG1   HG13   sing N N 188 
ILE   CG2   HG21   sing N N 189 
ILE   CG2   HG22   sing N N 190 
ILE   CG2   HG23   sing N N 191 
ILE   CD1   HD11   sing N N 192 
ILE   CD1   HD12   sing N N 193 
ILE   CD1   HD13   sing N N 194 
ILE   OXT   HXT    sing N N 195 
LEU   N     CA     sing N N 196 
LEU   N     H      sing N N 197 
LEU   N     H2     sing N N 198 
LEU   CA    C      sing N N 199 
LEU   CA    CB     sing N N 200 
LEU   CA    HA     sing N N 201 
LEU   C     O      doub N N 202 
LEU   C     OXT    sing N N 203 
LEU   CB    CG     sing N N 204 
LEU   CB    HB2    sing N N 205 
LEU   CB    HB3    sing N N 206 
LEU   CG    CD1    sing N N 207 
LEU   CG    CD2    sing N N 208 
LEU   CG    HG     sing N N 209 
LEU   CD1   HD11   sing N N 210 
LEU   CD1   HD12   sing N N 211 
LEU   CD1   HD13   sing N N 212 
LEU   CD2   HD21   sing N N 213 
LEU   CD2   HD22   sing N N 214 
LEU   CD2   HD23   sing N N 215 
LEU   OXT   HXT    sing N N 216 
LYS   N     CA     sing N N 217 
LYS   N     H      sing N N 218 
LYS   N     H2     sing N N 219 
LYS   CA    C      sing N N 220 
LYS   CA    CB     sing N N 221 
LYS   CA    HA     sing N N 222 
LYS   C     O      doub N N 223 
LYS   C     OXT    sing N N 224 
LYS   CB    CG     sing N N 225 
LYS   CB    HB2    sing N N 226 
LYS   CB    HB3    sing N N 227 
LYS   CG    CD     sing N N 228 
LYS   CG    HG2    sing N N 229 
LYS   CG    HG3    sing N N 230 
LYS   CD    CE     sing N N 231 
LYS   CD    HD2    sing N N 232 
LYS   CD    HD3    sing N N 233 
LYS   CE    NZ     sing N N 234 
LYS   CE    HE2    sing N N 235 
LYS   CE    HE3    sing N N 236 
LYS   NZ    HZ1    sing N N 237 
LYS   NZ    HZ2    sing N N 238 
LYS   NZ    HZ3    sing N N 239 
LYS   OXT   HXT    sing N N 240 
MET   N     CA     sing N N 241 
MET   N     H      sing N N 242 
MET   N     H2     sing N N 243 
MET   CA    C      sing N N 244 
MET   CA    CB     sing N N 245 
MET   CA    HA     sing N N 246 
MET   C     O      doub N N 247 
MET   C     OXT    sing N N 248 
MET   CB    CG     sing N N 249 
MET   CB    HB2    sing N N 250 
MET   CB    HB3    sing N N 251 
MET   CG    SD     sing N N 252 
MET   CG    HG2    sing N N 253 
MET   CG    HG3    sing N N 254 
MET   SD    CE     sing N N 255 
MET   CE    HE1    sing N N 256 
MET   CE    HE2    sing N N 257 
MET   CE    HE3    sing N N 258 
MET   OXT   HXT    sing N N 259 
PHE   N     CA     sing N N 260 
PHE   N     H      sing N N 261 
PHE   N     H2     sing N N 262 
PHE   CA    C      sing N N 263 
PHE   CA    CB     sing N N 264 
PHE   CA    HA     sing N N 265 
PHE   C     O      doub N N 266 
PHE   C     OXT    sing N N 267 
PHE   CB    CG     sing N N 268 
PHE   CB    HB2    sing N N 269 
PHE   CB    HB3    sing N N 270 
PHE   CG    CD1    doub Y N 271 
PHE   CG    CD2    sing Y N 272 
PHE   CD1   CE1    sing Y N 273 
PHE   CD1   HD1    sing N N 274 
PHE   CD2   CE2    doub Y N 275 
PHE   CD2   HD2    sing N N 276 
PHE   CE1   CZ     doub Y N 277 
PHE   CE1   HE1    sing N N 278 
PHE   CE2   CZ     sing Y N 279 
PHE   CE2   HE2    sing N N 280 
PHE   CZ    HZ     sing N N 281 
PHE   OXT   HXT    sing N N 282 
PRO   N     CA     sing N N 283 
PRO   N     CD     sing N N 284 
PRO   N     H      sing N N 285 
PRO   CA    C      sing N N 286 
PRO   CA    CB     sing N N 287 
PRO   CA    HA     sing N N 288 
PRO   C     O      doub N N 289 
PRO   C     OXT    sing N N 290 
PRO   CB    CG     sing N N 291 
PRO   CB    HB2    sing N N 292 
PRO   CB    HB3    sing N N 293 
PRO   CG    CD     sing N N 294 
PRO   CG    HG2    sing N N 295 
PRO   CG    HG3    sing N N 296 
PRO   CD    HD2    sing N N 297 
PRO   CD    HD3    sing N N 298 
PRO   OXT   HXT    sing N N 299 
SAM   N     CA     sing N N 300 
SAM   N     HN1    sing N N 301 
SAM   N     HN2    sing N N 302 
SAM   CA    C      sing N N 303 
SAM   CA    CB     sing N N 304 
SAM   CA    HA     sing N N 305 
SAM   C     O      doub N N 306 
SAM   C     OXT    sing N N 307 
SAM   CB    CG     sing N N 308 
SAM   CB    HB1    sing N N 309 
SAM   CB    HB2    sing N N 310 
SAM   CG    SD     sing N N 311 
SAM   CG    HG1    sing N N 312 
SAM   CG    HG2    sing N N 313 
SAM   SD    CE     sing N N 314 
SAM   SD    "C5'"  sing N N 315 
SAM   CE    HE1    sing N N 316 
SAM   CE    HE2    sing N N 317 
SAM   CE    HE3    sing N N 318 
SAM   "C5'" "C4'"  sing N N 319 
SAM   "C5'" "H5'1" sing N N 320 
SAM   "C5'" "H5'2" sing N N 321 
SAM   "C4'" "O4'"  sing N N 322 
SAM   "C4'" "C3'"  sing N N 323 
SAM   "C4'" "H4'"  sing N N 324 
SAM   "O4'" "C1'"  sing N N 325 
SAM   "C3'" "O3'"  sing N N 326 
SAM   "C3'" "C2'"  sing N N 327 
SAM   "C3'" "H3'"  sing N N 328 
SAM   "O3'" "HO3'" sing N N 329 
SAM   "C2'" "O2'"  sing N N 330 
SAM   "C2'" "C1'"  sing N N 331 
SAM   "C2'" "H2'"  sing N N 332 
SAM   "O2'" "HO2'" sing N N 333 
SAM   "C1'" N9     sing N N 334 
SAM   "C1'" "H1'"  sing N N 335 
SAM   N9    C8     sing Y N 336 
SAM   N9    C4     sing Y N 337 
SAM   C8    N7     doub Y N 338 
SAM   C8    H8     sing N N 339 
SAM   N7    C5     sing Y N 340 
SAM   C5    C6     sing Y N 341 
SAM   C5    C4     doub Y N 342 
SAM   C6    N6     sing N N 343 
SAM   C6    N1     doub Y N 344 
SAM   N6    HN61   sing N N 345 
SAM   N6    HN62   sing N N 346 
SAM   N1    C2     sing Y N 347 
SAM   C2    N3     doub Y N 348 
SAM   C2    H2     sing N N 349 
SAM   N3    C4     sing Y N 350 
SER   N     CA     sing N N 351 
SER   N     H      sing N N 352 
SER   N     H2     sing N N 353 
SER   CA    C      sing N N 354 
SER   CA    CB     sing N N 355 
SER   CA    HA     sing N N 356 
SER   C     O      doub N N 357 
SER   C     OXT    sing N N 358 
SER   CB    OG     sing N N 359 
SER   CB    HB2    sing N N 360 
SER   CB    HB3    sing N N 361 
SER   OG    HG     sing N N 362 
SER   OXT   HXT    sing N N 363 
THR   N     CA     sing N N 364 
THR   N     H      sing N N 365 
THR   N     H2     sing N N 366 
THR   CA    C      sing N N 367 
THR   CA    CB     sing N N 368 
THR   CA    HA     sing N N 369 
THR   C     O      doub N N 370 
THR   C     OXT    sing N N 371 
THR   CB    OG1    sing N N 372 
THR   CB    CG2    sing N N 373 
THR   CB    HB     sing N N 374 
THR   OG1   HG1    sing N N 375 
THR   CG2   HG21   sing N N 376 
THR   CG2   HG22   sing N N 377 
THR   CG2   HG23   sing N N 378 
THR   OXT   HXT    sing N N 379 
TRP   N     CA     sing N N 380 
TRP   N     H      sing N N 381 
TRP   N     H2     sing N N 382 
TRP   CA    C      sing N N 383 
TRP   CA    CB     sing N N 384 
TRP   CA    HA     sing N N 385 
TRP   C     O      doub N N 386 
TRP   C     OXT    sing N N 387 
TRP   CB    CG     sing N N 388 
TRP   CB    HB2    sing N N 389 
TRP   CB    HB3    sing N N 390 
TRP   CG    CD1    doub Y N 391 
TRP   CG    CD2    sing Y N 392 
TRP   CD1   NE1    sing Y N 393 
TRP   CD1   HD1    sing N N 394 
TRP   CD2   CE2    doub Y N 395 
TRP   CD2   CE3    sing Y N 396 
TRP   NE1   CE2    sing Y N 397 
TRP   NE1   HE1    sing N N 398 
TRP   CE2   CZ2    sing Y N 399 
TRP   CE3   CZ3    doub Y N 400 
TRP   CE3   HE3    sing N N 401 
TRP   CZ2   CH2    doub Y N 402 
TRP   CZ2   HZ2    sing N N 403 
TRP   CZ3   CH2    sing Y N 404 
TRP   CZ3   HZ3    sing N N 405 
TRP   CH2   HH2    sing N N 406 
TRP   OXT   HXT    sing N N 407 
TYR   N     CA     sing N N 408 
TYR   N     H      sing N N 409 
TYR   N     H2     sing N N 410 
TYR   CA    C      sing N N 411 
TYR   CA    CB     sing N N 412 
TYR   CA    HA     sing N N 413 
TYR   C     O      doub N N 414 
TYR   C     OXT    sing N N 415 
TYR   CB    CG     sing N N 416 
TYR   CB    HB2    sing N N 417 
TYR   CB    HB3    sing N N 418 
TYR   CG    CD1    doub Y N 419 
TYR   CG    CD2    sing Y N 420 
TYR   CD1   CE1    sing Y N 421 
TYR   CD1   HD1    sing N N 422 
TYR   CD2   CE2    doub Y N 423 
TYR   CD2   HD2    sing N N 424 
TYR   CE1   CZ     doub Y N 425 
TYR   CE1   HE1    sing N N 426 
TYR   CE2   CZ     sing Y N 427 
TYR   CE2   HE2    sing N N 428 
TYR   CZ    OH     sing N N 429 
TYR   OH    HH     sing N N 430 
TYR   OXT   HXT    sing N N 431 
VAL   N     CA     sing N N 432 
VAL   N     H      sing N N 433 
VAL   N     H2     sing N N 434 
VAL   CA    C      sing N N 435 
VAL   CA    CB     sing N N 436 
VAL   CA    HA     sing N N 437 
VAL   C     O      doub N N 438 
VAL   C     OXT    sing N N 439 
VAL   CB    CG1    sing N N 440 
VAL   CB    CG2    sing N N 441 
VAL   CB    HB     sing N N 442 
VAL   CG1   HG11   sing N N 443 
VAL   CG1   HG12   sing N N 444 
VAL   CG1   HG13   sing N N 445 
VAL   CG2   HG21   sing N N 446 
VAL   CG2   HG22   sing N N 447 
VAL   CG2   HG23   sing N N 448 
VAL   OXT   HXT    sing N N 449 
# 
loop_
_pdbx_audit_support.funding_organization 
_pdbx_audit_support.country 
_pdbx_audit_support.grant_number 
_pdbx_audit_support.ordinal 
'National Natural Science Foundation of China (NSFC)' China 42276102  1 
'National Natural Science Foundation of China (NSFC)' China 332330001 2 
# 
_pdbx_initial_refinement_model.id               1 
_pdbx_initial_refinement_model.entity_id_list   ? 
_pdbx_initial_refinement_model.type             'in silico model' 
_pdbx_initial_refinement_model.source_name      AlphaFold 
_pdbx_initial_refinement_model.accession_code   ? 
_pdbx_initial_refinement_model.details          ? 
# 
_space_group.name_H-M_alt     'I 2 2 2' 
_space_group.name_Hall        'I 2 2' 
_space_group.IT_number        23 
_space_group.crystal_system   orthorhombic 
_space_group.id               1 
# 
_atom_sites.entry_id                    9L4V 
_atom_sites.Cartn_transf_matrix[1][1]   ? 
_atom_sites.Cartn_transf_matrix[1][2]   ? 
_atom_sites.Cartn_transf_matrix[1][3]   ? 
_atom_sites.Cartn_transf_matrix[2][1]   ? 
_atom_sites.Cartn_transf_matrix[2][2]   ? 
_atom_sites.Cartn_transf_matrix[2][3]   ? 
_atom_sites.Cartn_transf_matrix[3][1]   ? 
_atom_sites.Cartn_transf_matrix[3][2]   ? 
_atom_sites.Cartn_transf_matrix[3][3]   ? 
_atom_sites.Cartn_transf_vector[1]      ? 
_atom_sites.Cartn_transf_vector[2]      ? 
_atom_sites.Cartn_transf_vector[3]      ? 
_atom_sites.Cartn_transform_axes        ? 
_atom_sites.fract_transf_matrix[1][1]   0.01262346 
_atom_sites.fract_transf_matrix[1][2]   -0.00890218 
_atom_sites.fract_transf_matrix[1][3]   0.00356611 
_atom_sites.fract_transf_matrix[2][1]   -0.00862214 
_atom_sites.fract_transf_matrix[2][2]   -0.00893375 
_atom_sites.fract_transf_matrix[2][3]   0.00821942 
_atom_sites.fract_transf_matrix[3][1]   -0.00169080 
_atom_sites.fract_transf_matrix[3][2]   -0.00550496 
_atom_sites.fract_transf_matrix[3][3]   -0.00775703 
_atom_sites.fract_transf_vector[1]      0.178787 
_atom_sites.fract_transf_vector[2]      0.016980 
_atom_sites.fract_transf_vector[3]      0.335168 
_atom_sites.solution_primary            ? 
_atom_sites.solution_secondary          ? 
_atom_sites.solution_hydrogens          ? 
_atom_sites.special_details             ? 
# 
loop_
_atom_type.symbol 
_atom_type.scat_dispersion_real 
_atom_type.scat_dispersion_imag 
_atom_type.scat_Cromer_Mann_a1 
_atom_type.scat_Cromer_Mann_a2 
_atom_type.scat_Cromer_Mann_a3 
_atom_type.scat_Cromer_Mann_a4 
_atom_type.scat_Cromer_Mann_b1 
_atom_type.scat_Cromer_Mann_b2 
_atom_type.scat_Cromer_Mann_b3 
_atom_type.scat_Cromer_Mann_b4 
_atom_type.scat_Cromer_Mann_c 
_atom_type.scat_source 
_atom_type.scat_dispersion_source 
C   ? ? 3.54356  2.42580 ? ? 25.62398 1.50364  ? ? 0.0 
;2-Gaussian fit: Grosse-Kunstleve RW, Sauter NK, Adams PD: Newsletter of the IUCr Commission on Crystallographic Computing 2004, 3, 22-31.
;
? 
N   ? ? 4.01032  2.96436 ? ? 19.97189 1.75589  ? ? 0.0 
;2-Gaussian fit: Grosse-Kunstleve RW, Sauter NK, Adams PD: Newsletter of the IUCr Commission on Crystallographic Computing 2004, 3, 22-31.
;
? 
O   ? ? 4.49882  3.47563 ? ? 15.80542 1.70748  ? ? 0.0 
;2-Gaussian fit: Grosse-Kunstleve RW, Sauter NK, Adams PD: Newsletter of the IUCr Commission on Crystallographic Computing 2004, 3, 22-31.
;
? 
O1- ? ? 5.12366  3.84317 ? ? 3.49406  27.47979 ? ? 0.0 
;2-Gaussian fit: Grosse-Kunstleve RW, Sauter NK, Adams PD: Newsletter of the IUCr Commission on Crystallographic Computing 2004, 3, 22-31.
;
? 
S   ? ? 9.55732  6.39887 ? ? 1.23737  29.19336 ? ? 0.0 
;2-Gaussian fit: Grosse-Kunstleve RW, Sauter NK, Adams PD: Newsletter of the IUCr Commission on Crystallographic Computing 2004, 3, 22-31.
;
? 
ZN  ? ? 24.64596 5.25405 ? ? 2.14387  29.76375 ? ? 0.0 
;2-Gaussian fit: Grosse-Kunstleve RW, Sauter NK, Adams PD: Newsletter of the IUCr Commission on Crystallographic Computing 2004, 3, 22-31.
;
? 
# 
loop_
_atom_site.group_PDB 
_atom_site.id 
_atom_site.type_symbol 
_atom_site.label_atom_id 
_atom_site.label_alt_id 
_atom_site.label_comp_id 
_atom_site.label_asym_id 
_atom_site.label_entity_id 
_atom_site.label_seq_id 
_atom_site.pdbx_PDB_ins_code 
_atom_site.Cartn_x 
_atom_site.Cartn_y 
_atom_site.Cartn_z 
_atom_site.occupancy 
_atom_site.B_iso_or_equiv 
_atom_site.pdbx_formal_charge 
_atom_site.auth_seq_id 
_atom_site.auth_comp_id 
_atom_site.auth_asym_id 
_atom_site.auth_atom_id 
_atom_site.pdbx_PDB_model_num 
ATOM   1    N N     . GLN   A 1 11  ? 22.049  -1.887  -15.776 1.00 75.19 ?  11  GLN   A N     1 
ATOM   2    C CA    . GLN   A 1 11  ? 22.952  -1.245  -14.819 1.00 79.38 ?  11  GLN   A CA    1 
ATOM   3    C C     . GLN   A 1 11  ? 22.359  -1.101  -13.422 1.00 77.22 ?  11  GLN   A C     1 
ATOM   4    O O     . GLN   A 1 11  ? 23.066  -1.276  -12.422 1.00 80.68 ?  11  GLN   A O     1 
ATOM   5    C CB    . GLN   A 1 11  ? 23.369  0.136   -15.313 1.00 82.56 ?  11  GLN   A CB    1 
ATOM   6    C CG    . GLN   A 1 11  ? 24.443  0.131   -16.364 1.00 83.34 ?  11  GLN   A CG    1 
ATOM   7    C CD    . GLN   A 1 11  ? 24.621  1.498   -16.979 1.00 90.30 ?  11  GLN   A CD    1 
ATOM   8    O OE1   . GLN   A 1 11  ? 24.591  2.514   -16.281 1.00 92.84 ?  11  GLN   A OE1   1 
ATOM   9    N NE2   . GLN   A 1 11  ? 24.809  1.536   -18.291 1.00 91.36 ?  11  GLN   A NE2   1 
ATOM   10   N N     . ARG   A 1 12  ? 21.078  -0.745  -13.342 1.00 70.43 ?  12  ARG   A N     1 
ATOM   11   C CA    . ARG   A 1 12  ? 20.402  -0.654  -12.055 1.00 64.48 ?  12  ARG   A CA    1 
ATOM   12   C C     . ARG   A 1 12  ? 19.708  -1.974  -11.743 1.00 66.54 ?  12  ARG   A C     1 
ATOM   13   O O     . ARG   A 1 12  ? 19.187  -2.651  -12.637 1.00 66.19 ?  12  ARG   A O     1 
ATOM   14   C CB    . ARG   A 1 12  ? 19.391  0.492   -12.035 1.00 62.17 ?  12  ARG   A CB    1 
ATOM   15   C CG    . ARG   A 1 12  ? 20.012  1.868   -12.002 1.00 58.27 ?  12  ARG   A CG    1 
ATOM   16   C CD    . ARG   A 1 12  ? 18.989  2.910   -12.419 1.00 57.03 ?  12  ARG   A CD    1 
ATOM   17   N NE    . ARG   A 1 12  ? 18.162  3.326   -11.292 1.00 58.34 ?  12  ARG   A NE    1 
ATOM   18   C CZ    . ARG   A 1 12  ? 17.111  4.130   -11.393 1.00 58.17 ?  12  ARG   A CZ    1 
ATOM   19   N NH1   . ARG   A 1 12  ? 16.712  4.607   -12.565 1.00 58.94 ?  12  ARG   A NH1   1 
ATOM   20   N NH2   . ARG   A 1 12  ? 16.447  4.468   -10.291 1.00 57.59 ?  12  ARG   A NH2   1 
ATOM   21   N N     . THR   A 1 13  ? 19.717  -2.334  -10.468 1.00 60.84 ?  13  THR   A N     1 
ATOM   22   C CA    . THR   A 1 13  ? 19.185  -3.606  -9.997  1.00 60.56 ?  13  THR   A CA    1 
ATOM   23   C C     . THR   A 1 13  ? 17.726  -3.449  -9.559  1.00 55.99 ?  13  THR   A C     1 
ATOM   24   O O     . THR   A 1 13  ? 17.386  -2.517  -8.820  1.00 52.68 ?  13  THR   A O     1 
ATOM   25   C CB    . THR   A 1 13  ? 20.066  -4.118  -8.854  1.00 63.56 ?  13  THR   A CB    1 
ATOM   26   O OG1   . THR   A 1 13  ? 19.445  -5.237  -8.197  1.00 58.92 ?  13  THR   A OG1   1 
ATOM   27   C CG2   . THR   A 1 13  ? 20.381  -2.975  -7.863  1.00 64.08 ?  13  THR   A CG2   1 
ATOM   28   N N     . GLY   A 1 14  ? 16.874  -4.372  -10.013 1.00 52.70 ?  14  GLY   A N     1 
ATOM   29   C CA    . GLY   A 1 14  ? 15.442  -4.256  -9.806  1.00 52.25 ?  14  GLY   A CA    1 
ATOM   30   C C     . GLY   A 1 14  ? 14.931  -4.958  -8.556  1.00 52.07 ?  14  GLY   A C     1 
ATOM   31   O O     . GLY   A 1 14  ? 15.490  -5.957  -8.099  1.00 53.10 ?  14  GLY   A O     1 
ATOM   32   N N     . ILE   A 1 15  ? 13.845  -4.409  -8.002  1.00 48.08 ?  15  ILE   A N     1 
ATOM   33   C CA    . ILE   A 1 15  ? 13.168  -5.059  -6.883  1.00 47.59 ?  15  ILE   A CA    1 
ATOM   34   C C     . ILE   A 1 15  ? 12.521  -6.361  -7.336  1.00 48.93 ?  15  ILE   A C     1 
ATOM   35   O O     . ILE   A 1 15  ? 12.585  -7.377  -6.631  1.00 46.98 ?  15  ILE   A O     1 
ATOM   36   C CB    . ILE   A 1 15  ? 12.126  -4.111  -6.256  1.00 47.40 ?  15  ILE   A CB    1 
ATOM   37   C CG1   . ILE   A 1 15  ? 12.784  -2.816  -5.774  1.00 48.51 ?  15  ILE   A CG1   1 
ATOM   38   C CG2   . ILE   A 1 15  ? 11.391  -4.800  -5.103  1.00 45.52 ?  15  ILE   A CG2   1 
ATOM   39   C CD1   . ILE   A 1 15  ? 13.424  -2.936  -4.423  1.00 47.22 ?  15  ILE   A CD1   1 
ATOM   40   N N     . TYR   A 1 16  ? 11.873  -6.348  -8.504  1.00 46.88 ?  16  TYR   A N     1 
ATOM   41   C CA    . TYR   A 1 16  ? 11.228  -7.557  -9.023  1.00 45.19 ?  16  TYR   A CA    1 
ATOM   42   C C     . TYR   A 1 16  ? 12.295  -8.533  -9.508  1.00 51.76 ?  16  TYR   A C     1 
ATOM   43   O O     . TYR   A 1 16  ? 13.200  -8.134  -10.259 1.00 50.77 ?  16  TYR   A O     1 
ATOM   44   C CB    . TYR   A 1 16  ? 10.280  -7.213  -10.178 1.00 47.89 ?  16  TYR   A CB    1 
ATOM   45   C CG    . TYR   A 1 16  ? 9.000   -6.483  -9.769  1.00 48.66 ?  16  TYR   A CG    1 
ATOM   46   C CD1   . TYR   A 1 16  ? 8.081   -7.083  -8.908  1.00 40.74 ?  16  TYR   A CD1   1 
ATOM   47   C CD2   . TYR   A 1 16  ? 8.706   -5.198  -10.251 1.00 40.57 ?  16  TYR   A CD2   1 
ATOM   48   C CE1   . TYR   A 1 16  ? 6.916   -6.439  -8.523  1.00 35.98 ?  16  TYR   A CE1   1 
ATOM   49   C CE2   . TYR   A 1 16  ? 7.522   -4.534  -9.866  1.00 36.38 ?  16  TYR   A CE2   1 
ATOM   50   C CZ    . TYR   A 1 16  ? 6.633   -5.173  -9.000  1.00 36.73 ?  16  TYR   A CZ    1 
ATOM   51   O OH    . TYR   A 1 16  ? 5.456   -4.575  -8.594  1.00 31.66 ?  16  TYR   A OH    1 
ATOM   52   N N     . PRO   A 1 17  ? 12.222  -9.817  -9.133  1.00 50.04 ?  17  PRO   A N     1 
ATOM   53   C CA    . PRO   A 1 17  ? 13.311  -10.741 -9.489  1.00 48.99 ?  17  PRO   A CA    1 
ATOM   54   C C     . PRO   A 1 17  ? 13.366  -11.052 -10.968 1.00 52.13 ?  17  PRO   A C     1 
ATOM   55   O O     . PRO   A 1 17  ? 14.427  -11.449 -11.463 1.00 57.91 ?  17  PRO   A O     1 
ATOM   56   C CB    . PRO   A 1 17  ? 13.020  -12.009 -8.667  1.00 48.59 ?  17  PRO   A CB    1 
ATOM   57   C CG    . PRO   A 1 17  ? 11.775  -11.779 -7.916  1.00 54.07 ?  17  PRO   A CG    1 
ATOM   58   C CD    . PRO   A 1 17  ? 11.217  -10.414 -8.231  1.00 54.30 ?  17  PRO   A CD    1 
ATOM   59   N N     . SER   A 1 18  ? 12.268  -10.869 -11.692 1.00 51.55 ?  18  SER   A N     1 
ATOM   60   C CA    . SER   A 1 18  ? 12.236  -11.244 -13.099 1.00 51.41 ?  18  SER   A CA    1 
ATOM   61   C C     . SER   A 1 18  ? 13.146  -10.356 -13.938 1.00 50.82 ?  18  SER   A C     1 
ATOM   62   O O     . SER   A 1 18  ? 13.137  -9.128  -13.818 1.00 48.70 ?  18  SER   A O     1 
ATOM   63   C CB    . SER   A 1 18  ? 10.815  -11.163 -13.642 1.00 44.25 ?  18  SER   A CB    1 
ATOM   64   O OG    . SER   A 1 18  ? 10.867  -11.143 -15.055 1.00 50.65 ?  18  SER   A OG    1 
ATOM   65   N N     . SER   A 1 19  ? 13.913  -10.982 -14.823 1.00 53.45 ?  19  SER   A N     1 
ATOM   66   C CA    . SER   A 1 19  ? 14.802  -10.224 -15.698 1.00 51.54 ?  19  SER   A CA    1 
ATOM   67   C C     . SER   A 1 19  ? 14.018  -9.383  -16.699 1.00 51.53 ?  19  SER   A C     1 
ATOM   68   O O     . SER   A 1 19  ? 14.483  -8.315  -17.100 1.00 53.65 ?  19  SER   A O     1 
ATOM   69   C CB    . SER   A 1 19  ? 15.748  -11.168 -16.440 1.00 54.15 ?  19  SER   A CB    1 
ATOM   70   O OG    . SER   A 1 19  ? 15.271  -11.446 -17.746 1.00 60.42 ?  19  SER   A OG    1 
ATOM   71   N N     . ASP   A 1 20  ? 12.837  -9.850  -17.105 1.00 53.37 ?  20  ASP   A N     1 
ATOM   72   C CA    . ASP   A 1 20  ? 12.090  -9.120  -18.125 1.00 50.04 ?  20  ASP   A CA    1 
ATOM   73   C C     . ASP   A 1 20  ? 11.580  -7.760  -17.628 1.00 47.40 ?  20  ASP   A C     1 
ATOM   74   O O     . ASP   A 1 20  ? 11.156  -6.934  -18.445 1.00 46.99 ?  20  ASP   A O     1 
ATOM   75   C CB    . ASP   A 1 20  ? 10.916  -9.979  -18.616 1.00 52.33 ?  20  ASP   A CB    1 
ATOM   76   C CG    . ASP   A 1 20  ? 11.364  -11.284 -19.290 1.00 53.66 ?  20  ASP   A CG    1 
ATOM   77   O OD1   . ASP   A 1 20  ? 12.486  -11.343 -19.839 1.00 55.05 ?  20  ASP   A OD1   1 
ATOM   78   O OD2   . ASP   A 1 20  ? 10.591  -12.268 -19.245 1.00 53.03 ?  20  ASP   A OD2   1 
ATOM   79   N N     . LEU   A 1 21  ? 11.606  -7.511  -16.320 1.00 45.26 ?  21  LEU   A N     1 
ATOM   80   C CA    . LEU   A 1 21  ? 11.175  -6.235  -15.745 1.00 46.87 ?  21  LEU   A CA    1 
ATOM   81   C C     . LEU   A 1 21  ? 12.421  -5.388  -15.496 1.00 45.22 ?  21  LEU   A C     1 
ATOM   82   O O     . LEU   A 1 21  ? 13.159  -5.613  -14.531 1.00 48.27 ?  21  LEU   A O     1 
ATOM   83   C CB    . LEU   A 1 21  ? 10.372  -6.454  -14.463 1.00 41.18 ?  21  LEU   A CB    1 
ATOM   84   C CG    . LEU   A 1 21  ? 9.190   -7.436  -14.568 1.00 48.35 ?  21  LEU   A CG    1 
ATOM   85   C CD1   . LEU   A 1 21  ? 8.575   -7.748  -13.203 1.00 40.90 ?  21  LEU   A CD1   1 
ATOM   86   C CD2   . LEU   A 1 21  ? 8.126   -6.915  -15.541 1.00 43.15 ?  21  LEU   A CD2   1 
ATOM   87   N N     . LYS   A 1 22  ? 12.651  -4.411  -16.357 1.00 43.38 ?  22  LYS   A N     1 
ATOM   88   C CA    . LYS   A 1 22  ? 13.888  -3.633  -16.343 1.00 47.29 ?  22  LYS   A CA    1 
ATOM   89   C C     . LYS   A 1 22  ? 13.673  -2.275  -15.690 1.00 41.45 ?  22  LYS   A C     1 
ATOM   90   O O     . LYS   A 1 22  ? 12.662  -1.614  -15.935 1.00 44.74 ?  22  LYS   A O     1 
ATOM   91   C CB    . LYS   A 1 22  ? 14.416  -3.427  -17.766 1.00 46.72 ?  22  LYS   A CB    1 
ATOM   92   C CG    . LYS   A 1 22  ? 14.846  -4.698  -18.482 1.00 51.15 ?  22  LYS   A CG    1 
ATOM   93   C CD    . LYS   A 1 22  ? 14.666  -4.540  -19.982 1.00 53.98 ?  22  LYS   A CD    1 
ATOM   94   C CE    . LYS   A 1 22  ? 15.642  -5.415  -20.760 1.00 61.95 ?  22  LYS   A CE    1 
ATOM   95   N NZ    . LYS   A 1 22  ? 15.352  -5.363  -22.226 1.00 62.67 ?  22  LYS   A NZ    1 
ATOM   96   N N     . VAL   A 1 23  ? 14.654  -1.844  -14.890 1.00 42.60 ?  23  VAL   A N     1 
ATOM   97   C CA    . VAL   A 1 23  ? 14.594  -0.519  -14.267 1.00 42.05 ?  23  VAL   A CA    1 
ATOM   98   C C     . VAL   A 1 23  ? 14.554  0.582   -15.320 1.00 41.36 ?  23  VAL   A C     1 
ATOM   99   O O     . VAL   A 1 23  ? 13.876  1.602   -15.138 1.00 38.51 ?  23  VAL   A O     1 
ATOM   100  C CB    . VAL   A 1 23  ? 15.776  -0.331  -13.295 1.00 48.77 ?  23  VAL   A CB    1 
ATOM   101  C CG1   . VAL   A 1 23  ? 15.941  1.150   -12.925 1.00 49.30 ?  23  VAL   A CG1   1 
ATOM   102  C CG2   . VAL   A 1 23  ? 15.584  -1.201  -12.039 1.00 48.23 ?  23  VAL   A CG2   1 
ATOM   103  N N     . GLU   A 1 24  ? 15.237  0.377   -16.457 1.00 45.56 ?  24  GLU   A N     1 
ATOM   104  C CA    . GLU   A 1 24  ? 15.232  1.352   -17.550 1.00 48.95 ?  24  GLU   A CA    1 
ATOM   105  C C     . GLU   A 1 24  ? 13.852  1.531   -18.177 1.00 46.20 ?  24  GLU   A C     1 
ATOM   106  O O     . GLU   A 1 24  ? 13.627  2.522   -18.885 1.00 45.65 ?  24  GLU   A O     1 
ATOM   107  C CB    . GLU   A 1 24  ? 16.252  0.948   -18.631 1.00 48.29 ?  24  GLU   A CB    1 
ATOM   108  C CG    . GLU   A 1 24  ? 15.854  -0.303  -19.443 1.00 57.19 ?  24  GLU   A CG    1 
ATOM   109  C CD    . GLU   A 1 24  ? 16.532  -0.403  -20.823 1.00 66.55 ?  24  GLU   A CD    1 
ATOM   110  O OE1   . GLU   A 1 24  ? 17.765  -0.203  -20.907 1.00 70.90 ?  24  GLU   A OE1   1 
ATOM   111  O OE2   . GLU   A 1 24  ? 15.829  -0.712  -21.821 1.00 68.27 ?  24  GLU   A OE2   1 
ATOM   112  N N     . ASP   A 1 25  ? 12.926  0.604   -17.943 1.00 43.63 ?  25  ASP   A N     1 
ATOM   113  C CA    . ASP   A 1 25  ? 11.551  0.740   -18.400 1.00 41.73 ?  25  ASP   A CA    1 
ATOM   114  C C     . ASP   A 1 25  ? 10.607  1.237   -17.303 1.00 43.73 ?  25  ASP   A C     1 
ATOM   115  O O     . ASP   A 1 25  ? 9.396   1.321   -17.535 1.00 43.39 ?  25  ASP   A O     1 
ATOM   116  C CB    . ASP   A 1 25  ? 11.065  -0.592  -18.968 1.00 43.47 ?  25  ASP   A CB    1 
ATOM   117  C CG    . ASP   A 1 25  ? 11.829  -0.992  -20.205 1.00 47.00 ?  25  ASP   A CG    1 
ATOM   118  O OD1   . ASP   A 1 25  ? 11.973  -0.133  -21.104 1.00 46.48 ?  25  ASP   A OD1   1 
ATOM   119  O OD2   . ASP   A 1 25  ? 12.300  -2.147  -20.273 1.00 46.63 ?  25  ASP   A OD2   1 
ATOM   120  N N     . GLY   A 1 26  ? 11.127  1.577   -16.123 1.00 40.74 ?  26  GLY   A N     1 
ATOM   121  C CA    . GLY   A 1 26  ? 10.322  2.160   -15.066 1.00 40.26 ?  26  GLY   A CA    1 
ATOM   122  C C     . GLY   A 1 26  ? 10.061  1.247   -13.888 1.00 39.21 ?  26  GLY   A C     1 
ATOM   123  O O     . GLY   A 1 26  ? 9.437   1.681   -12.916 1.00 38.62 ?  26  GLY   A O     1 
ATOM   124  N N     . TYR   A 1 27  ? 10.521  0.002   -13.938 1.00 38.70 ?  27  TYR   A N     1 
ATOM   125  C CA    . TYR   A 1 27  ? 10.294  -0.886  -12.818 1.00 41.30 ?  27  TYR   A CA    1 
ATOM   126  C C     . TYR   A 1 27  ? 11.219  -0.507  -11.657 1.00 42.16 ?  27  TYR   A C     1 
ATOM   127  O O     . TYR   A 1 27  ? 12.317  0.016   -11.864 1.00 43.20 ?  27  TYR   A O     1 
ATOM   128  C CB    . TYR   A 1 27  ? 10.466  -2.348  -13.258 1.00 41.13 ?  27  TYR   A CB    1 
ATOM   129  C CG    . TYR   A 1 27  ? 9.315   -2.743  -14.181 1.00 42.58 ?  27  TYR   A CG    1 
ATOM   130  C CD1   . TYR   A 1 27  ? 8.052   -3.055  -13.662 1.00 42.52 ?  27  TYR   A CD1   1 
ATOM   131  C CD2   . TYR   A 1 27  ? 9.462   -2.716  -15.563 1.00 39.00 ?  27  TYR   A CD2   1 
ATOM   132  C CE1   . TYR   A 1 27  ? 6.983   -3.374  -14.496 1.00 38.13 ?  27  TYR   A CE1   1 
ATOM   133  C CE2   . TYR   A 1 27  ? 8.405   -3.026  -16.398 1.00 42.12 ?  27  TYR   A CE2   1 
ATOM   134  C CZ    . TYR   A 1 27  ? 7.169   -3.353  -15.856 1.00 37.81 ?  27  TYR   A CZ    1 
ATOM   135  O OH    . TYR   A 1 27  ? 6.127   -3.649  -16.683 1.00 37.30 ?  27  TYR   A OH    1 
ATOM   136  N N     . PRO   A 1 28  ? 10.768  -0.716  -10.427 1.00 42.55 ?  28  PRO   A N     1 
ATOM   137  C CA    . PRO   A 1 28  ? 11.481  -0.151  -9.268  1.00 42.89 ?  28  PRO   A CA    1 
ATOM   138  C C     . PRO   A 1 28  ? 12.886  -0.725  -9.097  1.00 46.34 ?  28  PRO   A C     1 
ATOM   139  O O     . PRO   A 1 28  ? 13.140  -1.905  -9.369  1.00 44.64 ?  28  PRO   A O     1 
ATOM   140  C CB    . PRO   A 1 28  ? 10.577  -0.530  -8.088  1.00 39.23 ?  28  PRO   A CB    1 
ATOM   141  C CG    . PRO   A 1 28  ? 9.785   -1.749  -8.587  1.00 39.62 ?  28  PRO   A CG    1 
ATOM   142  C CD    . PRO   A 1 28  ? 9.591   -1.518  -10.044 1.00 37.13 ?  28  PRO   A CD    1 
ATOM   143  N N     . SER   A 1 29  ? 13.805  0.134   -8.643  1.00 43.28 ?  29  SER   A N     1 
ATOM   144  C CA    . SER   A 1 29  ? 15.185  -0.245  -8.365  1.00 44.46 ?  29  SER   A CA    1 
ATOM   145  C C     . SER   A 1 29  ? 15.453  -0.215  -6.865  1.00 43.66 ?  29  SER   A C     1 
ATOM   146  O O     . SER   A 1 29  ? 14.901  0.618   -6.143  1.00 42.33 ?  29  SER   A O     1 
ATOM   147  C CB    . SER   A 1 29  ? 16.177  0.694   -9.061  1.00 48.23 ?  29  SER   A CB    1 
ATOM   148  O OG    . SER   A 1 29  ? 17.493  0.462   -8.577  1.00 47.86 ?  29  SER   A OG    1 
ATOM   149  N N     . SER   A 1 30  ? 16.321  -1.116  -6.406  1.00 44.70 ?  30  SER   A N     1 
ATOM   150  C CA    . SER   A 1 30  ? 16.722  -1.103  -5.004  1.00 50.74 ?  30  SER   A CA    1 
ATOM   151  C C     . SER   A 1 30  ? 17.561  0.120   -4.654  1.00 48.10 ?  30  SER   A C     1 
ATOM   152  O O     . SER   A 1 30  ? 17.769  0.382   -3.465  1.00 43.77 ?  30  SER   A O     1 
ATOM   153  C CB    . SER   A 1 30  ? 17.494  -2.383  -4.650  1.00 48.09 ?  30  SER   A CB    1 
ATOM   154  O OG    . SER   A 1 30  ? 18.512  -2.636  -5.604  1.00 52.66 ?  30  SER   A OG    1 
ATOM   155  N N     . ASP   A 1 31  ? 18.030  0.882   -5.647  1.00 48.08 ?  31  ASP   A N     1 
ATOM   156  C CA    . ASP   A 1 31  ? 18.625  2.174   -5.337  1.00 49.45 ?  31  ASP   A CA    1 
ATOM   157  C C     . ASP   A 1 31  ? 17.581  3.264   -5.100  1.00 49.74 ?  31  ASP   A C     1 
ATOM   158  O O     . ASP   A 1 31  ? 17.957  4.403   -4.772  1.00 48.35 ?  31  ASP   A O     1 
ATOM   159  C CB    . ASP   A 1 31  ? 19.622  2.591   -6.439  1.00 51.70 ?  31  ASP   A CB    1 
ATOM   160  C CG    . ASP   A 1 31  ? 18.968  2.882   -7.790  1.00 48.69 ?  31  ASP   A CG    1 
ATOM   161  O OD1   . ASP   A 1 31  ? 17.862  3.453   -7.855  1.00 49.43 ?  31  ASP   A OD1   1 
ATOM   162  O OD2   . ASP   A 1 31  ? 19.599  2.559   -8.821  1.00 55.15 ?  31  ASP   A OD2   1 
ATOM   163  N N     . THR   A 1 32  ? 16.289  2.942   -5.226  1.00 45.00 ?  32  THR   A N     1 
ATOM   164  C CA    . THR   A 1 32  ? 15.219  3.910   -5.003  1.00 45.25 ?  32  THR   A CA    1 
ATOM   165  C C     . THR   A 1 32  ? 14.221  3.453   -3.947  1.00 43.09 ?  32  THR   A C     1 
ATOM   166  O O     . THR   A 1 32  ? 13.688  4.283   -3.201  1.00 42.96 ?  32  THR   A O     1 
ATOM   167  C CB    . THR   A 1 32  ? 14.453  4.173   -6.313  1.00 46.39 ?  32  THR   A CB    1 
ATOM   168  O OG1   . THR   A 1 32  ? 15.280  4.886   -7.242  1.00 49.30 ?  32  THR   A OG1   1 
ATOM   169  C CG2   . THR   A 1 32  ? 13.228  5.034   -6.040  1.00 42.43 ?  32  THR   A CG2   1 
ATOM   170  N N     . PHE   A 1 33  ? 13.957  2.156   -3.854  1.00 41.74 ?  33  PHE   A N     1 
ATOM   171  C CA    . PHE   A 1 33  ? 12.996  1.625   -2.907  1.00 41.33 ?  33  PHE   A CA    1 
ATOM   172  C C     . PHE   A 1 33  ? 13.656  0.545   -2.072  1.00 44.89 ?  33  PHE   A C     1 
ATOM   173  O O     . PHE   A 1 33  ? 14.516  -0.204  -2.556  1.00 45.25 ?  33  PHE   A O     1 
ATOM   174  C CB    . PHE   A 1 33  ? 11.760  1.026   -3.610  1.00 40.55 ?  33  PHE   A CB    1 
ATOM   175  C CG    . PHE   A 1 33  ? 11.128  1.941   -4.604  1.00 39.17 ?  33  PHE   A CG    1 
ATOM   176  C CD1   . PHE   A 1 33  ? 10.196  2.884   -4.202  1.00 41.12 ?  33  PHE   A CD1   1 
ATOM   177  C CD2   . PHE   A 1 33  ? 11.486  1.879   -5.943  1.00 40.16 ?  33  PHE   A CD2   1 
ATOM   178  C CE1   . PHE   A 1 33  ? 9.614   3.736   -5.127  1.00 39.93 ?  33  PHE   A CE1   1 
ATOM   179  C CE2   . PHE   A 1 33  ? 10.908  2.719   -6.871  1.00 38.62 ?  33  PHE   A CE2   1 
ATOM   180  C CZ    . PHE   A 1 33  ? 9.976   3.654   -6.464  1.00 42.01 ?  33  PHE   A CZ    1 
ATOM   181  N N     . GLN   A 1 34  ? 13.201  0.449   -0.825  1.00 42.17 ?  34  GLN   A N     1 
ATOM   182  C CA    . GLN   A 1 34  ? 13.707  -0.499  0.152   1.00 44.35 ?  34  GLN   A CA    1 
ATOM   183  C C     . GLN   A 1 34  ? 12.554  -0.977  1.036   1.00 43.63 ?  34  GLN   A C     1 
ATOM   184  O O     . GLN   A 1 34  ? 11.702  -0.181  1.453   1.00 40.23 ?  34  GLN   A O     1 
ATOM   185  C CB    . GLN   A 1 34  ? 14.800  0.154   1.013   1.00 38.65 ?  34  GLN   A CB    1 
ATOM   186  C CG    . GLN   A 1 34  ? 15.584  -0.811  1.864   1.00 44.28 ?  34  GLN   A CG    1 
ATOM   187  C CD    . GLN   A 1 34  ? 16.332  -0.102  2.997   1.00 47.62 ?  34  GLN   A CD    1 
ATOM   188  O OE1   . GLN   A 1 34  ? 15.978  1.012   3.402   1.00 43.71 ?  34  GLN   A OE1   1 
ATOM   189  N NE2   . GLN   A 1 34  ? 17.359  -0.760  3.517   1.00 47.00 ?  34  GLN   A NE2   1 
ATOM   190  N N     . ILE   A 1 35  ? 12.544  -2.276  1.326   1.00 37.50 ?  35  ILE   A N     1 
ATOM   191  C CA    . ILE   A 1 35  ? 11.632  -2.852  2.306   1.00 42.96 ?  35  ILE   A CA    1 
ATOM   192  C C     . ILE   A 1 35  ? 12.287  -2.782  3.671   1.00 41.51 ?  35  ILE   A C     1 
ATOM   193  O O     . ILE   A 1 35  ? 13.414  -3.250  3.839   1.00 43.18 ?  35  ILE   A O     1 
ATOM   194  C CB    . ILE   A 1 35  ? 11.296  -4.312  1.961   1.00 38.95 ?  35  ILE   A CB    1 
ATOM   195  C CG1   . ILE   A 1 35  ? 11.014  -4.468  0.469   1.00 38.75 ?  35  ILE   A CG1   1 
ATOM   196  C CG2   . ILE   A 1 35  ? 10.152  -4.796  2.847   1.00 40.30 ?  35  ILE   A CG2   1 
ATOM   197  C CD1   . ILE   A 1 35  ? 9.839   -3.651  -0.001  1.00 40.75 ?  35  ILE   A CD1   1 
ATOM   198  N N     . ILE   A 1 36  ? 11.585  -2.238  4.661   1.00 46.40 ?  36  ILE   A N     1 
ATOM   199  C CA    . ILE   A 1 36  ? 12.139  -2.170  6.004   1.00 48.35 ?  36  ILE   A CA    1 
ATOM   200  C C     . ILE   A 1 36  ? 11.072  -2.619  6.992   1.00 49.54 ?  36  ILE   A C     1 
ATOM   201  O O     . ILE   A 1 36  ? 9.875   -2.594  6.689   1.00 47.83 ?  36  ILE   A O     1 
ATOM   202  C CB    . ILE   A 1 36  ? 12.712  -0.749  6.314   1.00 50.14 ?  36  ILE   A CB    1 
ATOM   203  C CG1   . ILE   A 1 36  ? 11.704  0.394   6.142   1.00 47.82 ?  36  ILE   A CG1   1 
ATOM   204  C CG2   . ILE   A 1 36  ? 13.883  -0.423  5.396   1.00 48.94 ?  36  ILE   A CG2   1 
ATOM   205  C CD1   . ILE   A 1 36  ? 10.488  0.407   7.061   1.00 57.29 ?  36  ILE   A CD1   1 
ATOM   206  N N     . GLN   A 1 37  ? 11.512  -3.031  8.179   1.00 49.64 ?  37  GLN   A N     1 
ATOM   207  C CA    . GLN   A 1 37  ? 10.590  -3.373  9.257   1.00 50.51 ?  37  GLN   A CA    1 
ATOM   208  C C     . GLN   A 1 37  ? 10.253  -2.107  10.027  1.00 53.03 ?  37  GLN   A C     1 
ATOM   209  O O     . GLN   A 1 37  ? 11.147  -1.478  10.602  1.00 56.97 ?  37  GLN   A O     1 
ATOM   210  C CB    . GLN   A 1 37  ? 11.200  -4.405  10.205  1.00 48.46 ?  37  GLN   A CB    1 
ATOM   211  C CG    . GLN   A 1 37  ? 10.998  -5.839  9.775   1.00 52.80 ?  37  GLN   A CG    1 
ATOM   212  C CD    . GLN   A 1 37  ? 9.545   -6.282  9.829   1.00 50.20 ?  37  GLN   A CD    1 
ATOM   213  O OE1   . GLN   A 1 37  ? 9.118   -7.084  9.008   1.00 55.22 ?  37  GLN   A OE1   1 
ATOM   214  N NE2   . GLN   A 1 37  ? 8.781   -5.753  10.781  1.00 52.27 ?  37  GLN   A NE2   1 
ATOM   215  N N     . THR   A 1 38  ? 8.978   -1.726  10.043  1.00 50.81 ?  38  THR   A N     1 
ATOM   216  C CA    . THR   A 1 38  ? 8.617   -0.548  10.816  1.00 54.31 ?  38  THR   A CA    1 
ATOM   217  C C     . THR   A 1 38  ? 8.810   -0.832  12.305  1.00 57.69 ?  38  THR   A C     1 
ATOM   218  O O     . THR   A 1 38  ? 8.854   -1.985  12.756  1.00 52.89 ?  38  THR   A O     1 
ATOM   219  C CB    . THR   A 1 38  ? 7.160   -0.133  10.576  1.00 52.53 ?  38  THR   A CB    1 
ATOM   220  O OG1   . THR   A 1 38  ? 6.305   -1.274  10.718  1.00 50.21 ?  38  THR   A OG1   1 
ATOM   221  C CG2   . THR   A 1 38  ? 7.009   0.434   9.148   1.00 47.45 ?  38  THR   A CG2   1 
ATOM   222  N N     . GLN   A 1 39  ? 8.852   0.216   13.101  1.00 57.80 ?  39  GLN   A N     1 
ATOM   223  C CA    . GLN   A 1 39  ? 9.024   0.036   14.533  1.00 58.80 ?  39  GLN   A CA    1 
ATOM   224  C C     . GLN   A 1 39  ? 7.799   0.435   15.304  1.00 58.85 ?  39  GLN   A C     1 
ATOM   225  O O     . GLN   A 1 39  ? 7.837   0.512   16.518  1.00 58.91 ?  39  GLN   A O     1 
ATOM   226  C CB    . GLN   A 1 39  ? 10.218  0.845   15.008  1.00 59.24 ?  39  GLN   A CB    1 
ATOM   227  C CG    . GLN   A 1 39  ? 11.422  -0.005  15.381  1.00 58.48 ?  39  GLN   A CG    1 
ATOM   228  C CD    . GLN   A 1 39  ? 12.091  -0.635  14.175  1.00 59.48 ?  39  GLN   A CD    1 
ATOM   229  O OE1   . GLN   A 1 39  ? 12.579  0.064   13.290  1.00 63.34 ?  39  GLN   A OE1   1 
ATOM   230  N NE2   . GLN   A 1 39  ? 12.114  -1.959  14.134  1.00 60.60 ?  39  GLN   A NE2   1 
ATOM   231  N N     . ASP   A 1 40  ? 6.705   0.680   14.608  1.00 59.00 ?  40  ASP   A N     1 
ATOM   232  C CA    . ASP   A 1 40  ? 5.485   1.147   15.255  1.00 53.52 ?  40  ASP   A CA    1 
ATOM   233  C C     . ASP   A 1 40  ? 4.292   0.230   15.006  1.00 47.57 ?  40  ASP   A C     1 
ATOM   234  O O     . ASP   A 1 40  ? 3.147   0.688   15.015  1.00 49.08 ?  40  ASP   A O     1 
ATOM   235  C CB    . ASP   A 1 40  ? 5.160   2.572   14.810  1.00 52.66 ?  40  ASP   A CB    1 
ATOM   236  C CG    . ASP   A 1 40  ? 5.183   2.741   13.284  1.00 53.55 ?  40  ASP   A CG    1 
ATOM   237  O OD1   . ASP   A 1 40  ? 5.415   1.752   12.559  1.00 50.60 ?  40  ASP   A OD1   1 
ATOM   238  O OD2   . ASP   A 1 40  ? 4.957   3.879   12.810  1.00 54.50 ?  40  ASP   A OD2   1 
ATOM   239  N N     . GLY   A 1 41  ? 4.531   -1.058  14.783  1.00 50.97 ?  41  GLY   A N     1 
ATOM   240  C CA    . GLY   A 1 41  ? 3.430   -1.999  14.692  1.00 44.85 ?  41  GLY   A CA    1 
ATOM   241  C C     . GLY   A 1 41  ? 2.777   -2.143  13.329  1.00 49.61 ?  41  GLY   A C     1 
ATOM   242  O O     . GLY   A 1 41  ? 1.679   -2.704  13.238  1.00 50.00 ?  41  GLY   A O     1 
ATOM   243  N N     . ARG   A 1 42  ? 3.417   -1.674  12.257  1.00 48.58 ?  42  ARG   A N     1 
ATOM   244  C CA    . ARG   A 1 42  ? 2.872   -1.821  10.909  1.00 48.77 ?  42  ARG   A CA    1 
ATOM   245  C C     . ARG   A 1 42  ? 3.532   -2.949  10.115  1.00 42.80 ?  42  ARG   A C     1 
ATOM   246  O O     . ARG   A 1 42  ? 3.219   -3.129  8.929   1.00 46.39 ?  42  ARG   A O     1 
ATOM   247  C CB    . ARG   A 1 42  ? 2.981   -0.497  10.147  1.00 41.20 ?  42  ARG   A CB    1 
ATOM   248  C CG    . ARG   A 1 42  ? 2.063   0.587   10.679  1.00 45.08 ?  42  ARG   A CG    1 
ATOM   249  C CD    . ARG   A 1 42  ? 2.319   1.926   9.978   1.00 48.26 ?  42  ARG   A CD    1 
ATOM   250  N NE    . ARG   A 1 42  ? 3.677   2.414   10.192  1.00 45.93 ?  42  ARG   A NE    1 
ATOM   251  C CZ    . ARG   A 1 42  ? 4.273   3.344   9.453   1.00 47.83 ?  42  ARG   A CZ    1 
ATOM   252  N NH1   . ARG   A 1 42  ? 3.673   3.891   8.402   1.00 46.10 ?  42  ARG   A NH1   1 
ATOM   253  N NH2   . ARG   A 1 42  ? 5.504   3.730   9.770   1.00 46.39 ?  42  ARG   A NH2   1 
ATOM   254  N N     . GLY   A 1 43  ? 4.416   -3.728  10.742  1.00 41.17 ?  43  GLY   A N     1 
ATOM   255  C CA    . GLY   A 1 43  ? 5.124   -4.762  10.023  1.00 41.56 ?  43  GLY   A CA    1 
ATOM   256  C C     . GLY   A 1 43  ? 6.085   -4.146  9.014   1.00 47.86 ?  43  GLY   A C     1 
ATOM   257  O O     . GLY   A 1 43  ? 6.519   -2.995  9.131   1.00 46.03 ?  43  GLY   A O     1 
ATOM   258  N N     . ALA   A 1 44  ? 6.418   -4.934  8.002   1.00 41.06 ?  44  ALA   A N     1 
ATOM   259  C CA    . ALA   A 1 44  ? 7.329   -4.430  6.989   1.00 43.93 ?  44  ALA   A CA    1 
ATOM   260  C C     . ALA   A 1 44  ? 6.585   -3.526  6.002   1.00 46.30 ?  44  ALA   A C     1 
ATOM   261  O O     . ALA   A 1 44  ? 5.361   -3.614  5.838   1.00 42.49 ?  44  ALA   A O     1 
ATOM   262  C CB    . ALA   A 1 44  ? 8.001   -5.591  6.259   1.00 46.47 ?  44  ALA   A CB    1 
ATOM   263  N N     . GLY   A 1 45  ? 7.341   -2.642  5.340   1.00 43.96 ?  45  GLY   A N     1 
ATOM   264  C CA    . GLY   A 1 45  ? 6.747   -1.758  4.351   1.00 46.52 ?  45  GLY   A CA    1 
ATOM   265  C C     . GLY   A 1 45  ? 7.771   -1.155  3.413   1.00 43.19 ?  45  GLY   A C     1 
ATOM   266  O O     . GLY   A 1 45  ? 8.980   -1.223  3.639   1.00 42.72 ?  45  GLY   A O     1 
ATOM   267  N N     . VAL   A 1 46  ? 7.264   -0.560  2.339   1.00 40.94 ?  46  VAL   A N     1 
ATOM   268  C CA    . VAL   A 1 46  ? 8.121   0.013   1.310   1.00 39.56 ?  46  VAL   A CA    1 
ATOM   269  C C     . VAL   A 1 46  ? 8.530   1.407   1.761   1.00 41.39 ?  46  VAL   A C     1 
ATOM   270  O O     . VAL   A 1 46  ? 7.680   2.196   2.187   1.00 38.89 ?  46  VAL   A O     1 
ATOM   271  C CB    . VAL   A 1 46  ? 7.407   0.072   -0.049  1.00 42.75 ?  46  VAL   A CB    1 
ATOM   272  C CG1   . VAL   A 1 46  ? 8.266   0.863   -1.063  1.00 40.62 ?  46  VAL   A CG1   1 
ATOM   273  C CG2   . VAL   A 1 46  ? 7.073   -1.331  -0.553  1.00 39.10 ?  46  VAL   A CG2   1 
ATOM   274  N N     . ARG   A 1 47  ? 9.830   1.696   1.668   1.00 41.29 ?  47  ARG   A N     1 
ATOM   275  C CA    . ARG   A 1 47  ? 10.407  3.012   1.932   1.00 44.06 ?  47  ARG   A CA    1 
ATOM   276  C C     . ARG   A 1 47  ? 11.063  3.545   0.666   1.00 39.96 ?  47  ARG   A C     1 
ATOM   277  O O     . ARG   A 1 47  ? 11.694  2.792   -0.078  1.00 40.75 ?  47  ARG   A O     1 
ATOM   278  C CB    . ARG   A 1 47  ? 11.456  2.937   3.055   1.00 45.68 ?  47  ARG   A CB    1 
ATOM   279  C CG    . ARG   A 1 47  ? 11.973  4.279   3.459   1.00 50.21 ?  47  ARG   A CG    1 
ATOM   280  C CD    . ARG   A 1 47  ? 12.801  4.250   4.730   1.00 53.87 ?  47  ARG   A CD    1 
ATOM   281  N NE    . ARG   A 1 47  ? 14.045  3.495   4.640   1.00 56.35 ?  47  ARG   A NE    1 
ATOM   282  C CZ    . ARG   A 1 47  ? 15.047  3.667   5.494   1.00 60.31 ?  47  ARG   A CZ    1 
ATOM   283  N NH1   . ARG   A 1 47  ? 14.993  4.599   6.433   1.00 51.28 ?  47  ARG   A NH1   1 
ATOM   284  N NH2   . ARG   A 1 47  ? 16.129  2.895   5.399   1.00 54.18 ?  47  ARG   A NH2   1 
ATOM   285  N N     . VAL   A 1 48  ? 10.925  4.839   0.418   1.00 40.42 ?  48  VAL   A N     1 
ATOM   286  C CA    . VAL   A 1 48  ? 11.555  5.469   -0.739  1.00 44.46 ?  48  VAL   A CA    1 
ATOM   287  C C     . VAL   A 1 48  ? 12.880  6.089   -0.300  1.00 45.00 ?  48  VAL   A C     1 
ATOM   288  O O     . VAL   A 1 48  ? 13.024  6.547   0.847   1.00 40.96 ?  48  VAL   A O     1 
ATOM   289  C CB    . VAL   A 1 48  ? 10.611  6.496   -1.402  1.00 41.79 ?  48  VAL   A CB    1 
ATOM   290  C CG1   . VAL   A 1 48  ? 10.636  7.845   -0.686  1.00 38.91 ?  48  VAL   A CG1   1 
ATOM   291  C CG2   . VAL   A 1 48  ? 10.951  6.666   -2.874  1.00 43.42 ?  48  VAL   A CG2   1 
ATOM   292  N N     . LEU   A 1 49  ? 13.878  6.042   -1.185  1.00 39.04 ?  49  LEU   A N     1 
ATOM   293  C CA    . LEU   A 1 49  ? 15.219  6.491   -0.845  1.00 40.81 ?  49  LEU   A CA    1 
ATOM   294  C C     . LEU   A 1 49  ? 15.617  7.768   -1.557  1.00 44.58 ?  49  LEU   A C     1 
ATOM   295  O O     . LEU   A 1 49  ? 16.675  8.322   -1.249  1.00 48.09 ?  49  LEU   A O     1 
ATOM   296  C CB    . LEU   A 1 49  ? 16.254  5.389   -1.141  1.00 39.44 ?  49  LEU   A CB    1 
ATOM   297  C CG    . LEU   A 1 49  ? 16.014  4.012   -0.496  1.00 46.82 ?  49  LEU   A CG    1 
ATOM   298  C CD1   . LEU   A 1 49  ? 17.022  2.976   -1.008  1.00 46.29 ?  49  LEU   A CD1   1 
ATOM   299  C CD2   . LEU   A 1 49  ? 16.076  4.096   1.028   1.00 41.24 ?  49  LEU   A CD2   1 
ATOM   300  N N     . LYS   A 1 50  ? 14.802  8.248   -2.487  1.00 44.29 ?  50  LYS   A N     1 
ATOM   301  C CA    . LYS   A 1 50  ? 15.004  9.495   -3.203  1.00 41.72 ?  50  LYS   A CA    1 
ATOM   302  C C     . LYS   A 1 50  ? 13.774  10.369  -3.003  1.00 49.15 ?  50  LYS   A C     1 
ATOM   303  O O     . LYS   A 1 50  ? 12.698  9.895   -2.610  1.00 43.92 ?  50  LYS   A O     1 
ATOM   304  C CB    . LYS   A 1 50  ? 15.222  9.252   -4.705  1.00 42.78 ?  50  LYS   A CB    1 
ATOM   305  C CG    . LYS   A 1 50  ? 16.493  8.479   -5.018  1.00 46.52 ?  50  LYS   A CG    1 
ATOM   306  C CD    . LYS   A 1 50  ? 16.297  7.514   -6.158  1.00 50.99 ?  50  LYS   A CD    1 
ATOM   307  C CE    . LYS   A 1 50  ? 17.533  7.365   -7.038  1.00 49.15 ?  50  LYS   A CE    1 
ATOM   308  N NZ    . LYS   A 1 50  ? 17.454  8.228   -8.249  1.00 61.32 ?  50  LYS   A NZ    1 
ATOM   309  N N     . THR   A 1 51  ? 13.937  11.648  -3.300  1.00 43.51 ?  51  THR   A N     1 
ATOM   310  C CA    . THR   A 1 51  ? 12.846  12.598  -3.221  1.00 47.04 ?  51  THR   A CA    1 
ATOM   311  C C     . THR   A 1 51  ? 12.002  12.537  -4.499  1.00 45.26 ?  51  THR   A C     1 
ATOM   312  O O     . THR   A 1 51  ? 12.530  12.351  -5.600  1.00 44.47 ?  51  THR   A O     1 
ATOM   313  C CB    . THR   A 1 51  ? 13.416  14.006  -2.974  1.00 45.17 ?  51  THR   A CB    1 
ATOM   314  O OG1   . THR   A 1 51  ? 12.435  14.822  -2.324  1.00 46.83 ?  51  THR   A OG1   1 
ATOM   315  C CG2   . THR   A 1 51  ? 13.871  14.669  -4.280  1.00 39.45 ?  51  THR   A CG2   1 
ATOM   316  N N     . PHE   A 1 52  ? 10.680  12.656  -4.344  1.00 43.29 ?  52  PHE   A N     1 
ATOM   317  C CA    . PHE   A 1 52  ? 9.769   12.664  -5.487  1.00 42.83 ?  52  PHE   A CA    1 
ATOM   318  C C     . PHE   A 1 52  ? 8.831   13.850  -5.366  1.00 41.67 ?  52  PHE   A C     1 
ATOM   319  O O     . PHE   A 1 52  ? 8.131   13.985  -4.358  1.00 43.31 ?  52  PHE   A O     1 
ATOM   320  C CB    . PHE   A 1 52  ? 8.951   11.368  -5.572  1.00 43.80 ?  52  PHE   A CB    1 
ATOM   321  C CG    . PHE   A 1 52  ? 9.687   10.236  -6.235  1.00 42.32 ?  52  PHE   A CG    1 
ATOM   322  C CD1   . PHE   A 1 52  ? 9.679   10.096  -7.610  1.00 43.37 ?  52  PHE   A CD1   1 
ATOM   323  C CD2   . PHE   A 1 52  ? 10.409  9.322   -5.475  1.00 41.52 ?  52  PHE   A CD2   1 
ATOM   324  C CE1   . PHE   A 1 52  ? 10.370  9.048   -8.225  1.00 45.85 ?  52  PHE   A CE1   1 
ATOM   325  C CE2   . PHE   A 1 52  ? 11.091  8.268   -6.071  1.00 40.54 ?  52  PHE   A CE2   1 
ATOM   326  C CZ    . PHE   A 1 52  ? 11.076  8.132   -7.452  1.00 41.39 ?  52  PHE   A CZ    1 
ATOM   327  N N     . ALA   A 1 53  ? 8.807   14.698  -6.388  1.00 38.58 ?  53  ALA   A N     1 
ATOM   328  C CA    . ALA   A 1 53  ? 7.776   15.724  -6.459  1.00 41.82 ?  53  ALA   A CA    1 
ATOM   329  C C     . ALA   A 1 53  ? 6.412   15.080  -6.707  1.00 39.17 ?  53  ALA   A C     1 
ATOM   330  O O     . ALA   A 1 53  ? 6.306   14.013  -7.323  1.00 37.45 ?  53  ALA   A O     1 
ATOM   331  C CB    . ALA   A 1 53  ? 8.094   16.729  -7.571  1.00 37.70 ?  53  ALA   A CB    1 
ATOM   332  N N     . ARG   A 1 54  ? 5.363   15.747  -6.228  1.00 39.83 ?  54  ARG   A N     1 
ATOM   333  C CA    . ARG   A 1 54  ? 4.009   15.278  -6.472  1.00 38.98 ?  54  ARG   A CA    1 
ATOM   334  C C     . ARG   A 1 54  ? 3.721   15.216  -7.963  1.00 37.31 ?  54  ARG   A C     1 
ATOM   335  O O     . ARG   A 1 54  ? 4.247   15.997  -8.757  1.00 40.14 ?  54  ARG   A O     1 
ATOM   336  C CB    . ARG   A 1 54  ? 2.984   16.182  -5.775  1.00 41.52 ?  54  ARG   A CB    1 
ATOM   337  C CG    . ARG   A 1 54  ? 2.920   17.601  -6.299  1.00 40.04 ?  54  ARG   A CG    1 
ATOM   338  C CD    . ARG   A 1 54  ? 1.751   18.369  -5.672  1.00 37.97 ?  54  ARG   A CD    1 
ATOM   339  N NE    . ARG   A 1 54  ? 0.499   18.056  -6.349  1.00 37.74 ?  54  ARG   A NE    1 
ATOM   340  C CZ    . ARG   A 1 54  ? -0.678  18.599  -6.066  1.00 39.63 ?  54  ARG   A CZ    1 
ATOM   341  N NH1   . ARG   A 1 54  ? -0.819  19.486  -5.089  1.00 38.36 ?  54  ARG   A NH1   1 
ATOM   342  N NH2   . ARG   A 1 54  ? -1.734  18.268  -6.801  1.00 33.01 ?  54  ARG   A NH2   1 
ATOM   343  N N     . GLY   A 1 55  ? 2.886   14.258  -8.347  1.00 37.62 ?  55  GLY   A N     1 
ATOM   344  C CA    . GLY   A 1 55  ? 2.494   14.136  -9.734  1.00 40.24 ?  55  GLY   A CA    1 
ATOM   345  C C     . GLY   A 1 55  ? 3.511   13.497  -10.650 1.00 39.35 ?  55  GLY   A C     1 
ATOM   346  O O     . GLY   A 1 55  ? 3.572   13.847  -11.835 1.00 41.85 ?  55  GLY   A O     1 
ATOM   347  N N     . ARG   A 1 56  ? 4.301   12.554  -10.152 1.00 35.84 ?  56  ARG   A N     1 
ATOM   348  C CA    . ARG   A 1 56  ? 5.274   11.860  -10.975 1.00 39.69 ?  56  ARG   A CA    1 
ATOM   349  C C     . ARG   A 1 56  ? 5.048   10.356  -10.873 1.00 40.82 ?  56  ARG   A C     1 
ATOM   350  O O     . ARG   A 1 56  ? 4.571   9.852   -9.853  1.00 36.53 ?  56  ARG   A O     1 
ATOM   351  C CB    . ARG   A 1 56  ? 6.710   12.188  -10.535 1.00 39.94 ?  56  ARG   A CB    1 
ATOM   352  C CG    . ARG   A 1 56  ? 7.256   13.549  -10.934 1.00 43.45 ?  56  ARG   A CG    1 
ATOM   353  C CD    . ARG   A 1 56  ? 8.659   13.680  -10.329 1.00 50.37 ?  56  ARG   A CD    1 
ATOM   354  N NE    . ARG   A 1 56  ? 9.466   12.547  -10.777 1.00 55.08 ?  56  ARG   A NE    1 
ATOM   355  C CZ    . ARG   A 1 56  ? 10.661  12.208  -10.312 1.00 52.64 ?  56  ARG   A CZ    1 
ATOM   356  N NH1   . ARG   A 1 56  ? 11.256  12.897  -9.346  1.00 49.69 ?  56  ARG   A NH1   1 
ATOM   357  N NH2   . ARG   A 1 56  ? 11.277  11.152  -10.834 1.00 53.45 ?  56  ARG   A NH2   1 
ATOM   358  N N     . ARG   A 1 57  ? 5.401   9.628   -11.929 1.00 37.53 ?  57  ARG   A N     1 
ATOM   359  C CA    . ARG   A 1 57  ? 5.327   8.173   -11.861 1.00 38.60 ?  57  ARG   A CA    1 
ATOM   360  C C     . ARG   A 1 57  ? 6.525   7.647   -11.080 1.00 40.23 ?  57  ARG   A C     1 
ATOM   361  O O     . ARG   A 1 57  ? 7.673   7.783   -11.523 1.00 40.16 ?  57  ARG   A O     1 
ATOM   362  C CB    . ARG   A 1 57  ? 5.296   7.565   -13.256 1.00 37.76 ?  57  ARG   A CB    1 
ATOM   363  C CG    . ARG   A 1 57  ? 5.009   6.076   -13.224 1.00 39.11 ?  57  ARG   A CG    1 
ATOM   364  C CD    . ARG   A 1 57  ? 5.033   5.485   -14.610 1.00 38.13 ?  57  ARG   A CD    1 
ATOM   365  N NE    . ARG   A 1 57  ? 6.398   5.281   -15.071 1.00 40.83 ?  57  ARG   A NE    1 
ATOM   366  C CZ    . ARG   A 1 57  ? 6.731   5.050   -16.335 1.00 42.60 ?  57  ARG   A CZ    1 
ATOM   367  N NH1   . ARG   A 1 57  ? 5.814   4.991   -17.291 1.00 42.37 ?  57  ARG   A NH1   1 
ATOM   368  N NH2   . ARG   A 1 57  ? 8.011   4.884   -16.650 1.00 42.64 ?  57  ARG   A NH2   1 
ATOM   369  N N     . MET   A 1 58  ? 6.282   7.024   -9.929  1.00 38.30 ?  58  MET   A N     1 
ATOM   370  C CA    . MET   A 1 58  ? 7.439   6.528   -9.205  1.00 37.59 ?  58  MET   A CA    1 
ATOM   371  C C     . MET   A 1 58  ? 7.864   5.136   -9.650  1.00 37.43 ?  58  MET   A C     1 
ATOM   372  O O     . MET   A 1 58  ? 9.038   4.791   -9.492  1.00 35.79 ?  58  MET   A O     1 
ATOM   373  C CB    . MET   A 1 58  ? 7.218   6.528   -7.697  1.00 36.84 ?  58  MET   A CB    1 
ATOM   374  C CG    . MET   A 1 58  ? 6.876   7.888   -7.131  1.00 41.13 ?  58  MET   A CG    1 
ATOM   375  S SD    . MET   A 1 58  ? 5.630   7.803   -5.828  1.00 40.77 ?  58  MET   A SD    1 
ATOM   376  C CE    . MET   A 1 58  ? 6.806   7.973   -4.513  1.00 36.66 ?  58  MET   A CE    1 
ATOM   377  N N     . ALA   A 1 59  ? 6.952   4.332   -10.198 1.00 38.87 ?  59  ALA   A N     1 
ATOM   378  C CA    . ALA   A 1 59  ? 7.323   2.976   -10.593 1.00 38.23 ?  59  ALA   A CA    1 
ATOM   379  C C     . ALA   A 1 59  ? 6.220   2.361   -11.433 1.00 36.93 ?  59  ALA   A C     1 
ATOM   380  O O     . ALA   A 1 59  ? 5.036   2.647   -11.239 1.00 38.37 ?  59  ALA   A O     1 
ATOM   381  C CB    . ALA   A 1 59  ? 7.599   2.080   -9.371  1.00 35.07 ?  59  ALA   A CB    1 
ATOM   382  N N     . ARG   A 1 60  ? 6.628   1.517   -12.375 1.00 37.31 ?  60  ARG   A N     1 
ATOM   383  C CA    . ARG   A 1 60  ? 5.715   0.540   -12.934 1.00 40.02 ?  60  ARG   A CA    1 
ATOM   384  C C     . ARG   A 1 60  ? 5.555   -0.602  -11.934 1.00 40.17 ?  60  ARG   A C     1 
ATOM   385  O O     . ARG   A 1 60  ? 6.460   -0.895  -11.144 1.00 41.32 ?  60  ARG   A O     1 
ATOM   386  C CB    . ARG   A 1 60  ? 6.231   0.017   -14.278 1.00 39.68 ?  60  ARG   A CB    1 
ATOM   387  C CG    . ARG   A 1 60  ? 6.090   1.005   -15.456 1.00 38.37 ?  60  ARG   A CG    1 
ATOM   388  C CD    . ARG   A 1 60  ? 6.415   0.290   -16.790 1.00 41.33 ?  60  ARG   A CD    1 
ATOM   389  N NE    . ARG   A 1 60  ? 6.477   1.175   -17.954 1.00 37.23 ?  60  ARG   A NE    1 
ATOM   390  C CZ    . ARG   A 1 60  ? 5.417   1.715   -18.537 1.00 41.65 ?  60  ARG   A CZ    1 
ATOM   391  N NH1   . ARG   A 1 60  ? 4.188   1.530   -18.056 1.00 39.62 ?  60  ARG   A NH1   1 
ATOM   392  N NH2   . ARG   A 1 60  ? 5.585   2.451   -19.633 1.00 40.45 ?  60  ARG   A NH2   1 
ATOM   393  N N     . VAL   A 1 61  ? 4.395   -1.249  -11.966 1.00 37.67 ?  61  VAL   A N     1 
ATOM   394  C CA    . VAL   A 1 61  ? 4.065   -2.302  -11.019 1.00 35.97 ?  61  VAL   A CA    1 
ATOM   395  C C     . VAL   A 1 61  ? 3.814   -3.598  -11.784 1.00 41.03 ?  61  VAL   A C     1 
ATOM   396  O O     . VAL   A 1 61  ? 3.360   -3.579  -12.936 1.00 36.79 ?  61  VAL   A O     1 
ATOM   397  C CB    . VAL   A 1 61  ? 2.841   -1.880  -10.183 1.00 39.80 ?  61  VAL   A CB    1 
ATOM   398  C CG1   . VAL   A 1 61  ? 2.262   -3.059  -9.369  1.00 34.30 ?  61  VAL   A CG1   1 
ATOM   399  C CG2   . VAL   A 1 61  ? 3.218   -0.697  -9.283  1.00 37.10 ?  61  VAL   A CG2   1 
ATOM   400  N N     . SER   A 1 62  ? 4.131   -4.729  -11.148 1.00 37.59 ?  62  SER   A N     1 
ATOM   401  C CA    . SER   A 1 62  ? 3.890   -6.028  -11.773 1.00 35.42 ?  62  SER   A CA    1 
ATOM   402  C C     . SER   A 1 62  ? 3.613   -7.070  -10.690 1.00 36.09 ?  62  SER   A C     1 
ATOM   403  O O     . SER   A 1 62  ? 3.614   -6.779  -9.489  1.00 35.60 ?  62  SER   A O     1 
ATOM   404  C CB    . SER   A 1 62  ? 5.079   -6.426  -12.659 1.00 36.51 ?  62  SER   A CB    1 
ATOM   405  O OG    . SER   A 1 62  ? 4.903   -7.730  -13.180 1.00 34.37 ?  62  SER   A OG    1 
ATOM   406  N N     . GLY   A 1 63  ? 3.399   -8.298  -11.121 1.00 34.62 ?  63  GLY   A N     1 
ATOM   407  C CA    . GLY   A 1 63  ? 3.074   -9.375  -10.214 1.00 33.19 ?  63  GLY   A CA    1 
ATOM   408  C C     . GLY   A 1 63  ? 2.456   -10.511 -11.005 1.00 36.62 ?  63  GLY   A C     1 
ATOM   409  O O     . GLY   A 1 63  ? 2.565   -10.559 -12.228 1.00 36.47 ?  63  GLY   A O     1 
ATOM   410  N N     . GLN   A 1 64  ? 1.788   -11.398 -10.280 1.00 35.87 ?  64  GLN   A N     1 
ATOM   411  C CA    . GLN   A 1 64  ? 1.235   -12.611 -10.856 1.00 40.24 ?  64  GLN   A CA    1 
ATOM   412  C C     . GLN   A 1 64  ? -0.286  -12.563 -10.734 1.00 36.13 ?  64  GLN   A C     1 
ATOM   413  O O     . GLN   A 1 64  ? -0.823  -12.248 -9.662  1.00 36.76 ?  64  GLN   A O     1 
ATOM   414  C CB    . GLN   A 1 64  ? 1.792   -13.857 -10.157 1.00 43.32 ?  64  GLN   A CB    1 
ATOM   415  C CG    . GLN   A 1 64  ? 0.771   -15.003 -10.097 1.00 45.07 ?  64  GLN   A CG    1 
ATOM   416  C CD    . GLN   A 1 64  ? 1.258   -16.222 -9.329  1.00 47.55 ?  64  GLN   A CD    1 
ATOM   417  O OE1   . GLN   A 1 64  ? 1.044   -16.324 -8.118  1.00 47.32 ?  64  GLN   A OE1   1 
ATOM   418  N NE2   . GLN   A 1 64  ? 1.902   -17.154 -10.030 1.00 49.94 ?  64  GLN   A NE2   1 
ATOM   419  N N     . ILE   A 1 65  ? -0.975  -12.859 -11.832 1.00 36.49 ?  65  ILE   A N     1 
ATOM   420  C CA    . ILE   A 1 65  ? -2.432  -12.888 -11.809 1.00 36.73 ?  65  ILE   A CA    1 
ATOM   421  C C     . ILE   A 1 65  ? -2.918  -14.058 -10.964 1.00 37.26 ?  65  ILE   A C     1 
ATOM   422  O O     . ILE   A 1 65  ? -2.410  -15.183 -11.073 1.00 38.15 ?  65  ILE   A O     1 
ATOM   423  C CB    . ILE   A 1 65  ? -2.975  -12.982 -13.242 1.00 36.18 ?  65  ILE   A CB    1 
ATOM   424  C CG1   . ILE   A 1 65  ? -2.802  -11.641 -13.944 1.00 37.53 ?  65  ILE   A CG1   1 
ATOM   425  C CG2   . ILE   A 1 65  ? -4.447  -13.347 -13.206 1.00 33.69 ?  65  ILE   A CG2   1 
ATOM   426  C CD1   . ILE   A 1 65  ? -3.926  -10.687 -13.602 1.00 35.78 ?  65  ILE   A CD1   1 
ATOM   427  N N     . THR   A 1 66  ? -3.904  -13.795 -10.107 1.00 36.32 ?  66  THR   A N     1 
ATOM   428  C CA    . THR   A 1 66  ? -4.560  -14.859 -9.362  1.00 35.16 ?  66  THR   A CA    1 
ATOM   429  C C     . THR   A 1 66  ? -6.017  -14.484 -9.115  1.00 38.38 ?  66  THR   A C     1 
ATOM   430  O O     . THR   A 1 66  ? -6.374  -13.305 -9.056  1.00 36.11 ?  66  THR   A O     1 
ATOM   431  C CB    . THR   A 1 66  ? -3.854  -15.135 -8.027  1.00 38.32 ?  66  THR   A CB    1 
ATOM   432  O OG1   . THR   A 1 66  ? -4.575  -16.151 -7.314  1.00 38.49 ?  66  THR   A OG1   1 
ATOM   433  C CG2   . THR   A 1 66  ? -3.761  -13.855 -7.163  1.00 33.09 ?  66  THR   A CG2   1 
ATOM   434  N N     . ALA   A 1 67  ? -6.855  -15.511 -8.947  1.00 38.62 ?  67  ALA   A N     1 
ATOM   435  C CA    . ALA   A 1 67  ? -8.276  -15.309 -8.689  1.00 38.67 ?  67  ALA   A CA    1 
ATOM   436  C C     . ALA   A 1 67  ? -8.608  -15.010 -7.226  1.00 42.70 ?  67  ALA   A C     1 
ATOM   437  O O     . ALA   A 1 67  ? -9.773  -14.737 -6.915  1.00 39.53 ?  67  ALA   A O     1 
ATOM   438  C CB    . ALA   A 1 67  ? -9.069  -16.546 -9.134  1.00 37.34 ?  67  ALA   A CB    1 
ATOM   439  N N     . PHE   A 1 68  ? -7.633  -15.036 -6.316  1.00 37.33 ?  68  PHE   A N     1 
ATOM   440  C CA    . PHE   A 1 68  ? -7.937  -15.074 -4.893  1.00 41.52 ?  68  PHE   A CA    1 
ATOM   441  C C     . PHE   A 1 68  ? -7.294  -13.901 -4.159  1.00 39.84 ?  68  PHE   A C     1 
ATOM   442  O O     . PHE   A 1 68  ? -6.117  -13.589 -4.366  1.00 36.73 ?  68  PHE   A O     1 
ATOM   443  C CB    . PHE   A 1 68  ? -7.512  -16.436 -4.298  1.00 37.73 ?  68  PHE   A CB    1 
ATOM   444  C CG    . PHE   A 1 68  ? -8.169  -17.614 -4.989  1.00 40.78 ?  68  PHE   A CG    1 
ATOM   445  C CD1   . PHE   A 1 68  ? -9.528  -17.873 -4.807  1.00 40.33 ?  68  PHE   A CD1   1 
ATOM   446  C CD2   . PHE   A 1 68  ? -7.443  -18.430 -5.856  1.00 44.52 ?  68  PHE   A CD2   1 
ATOM   447  C CE1   . PHE   A 1 68  ? -10.156 -18.940 -5.465  1.00 44.73 ?  68  PHE   A CE1   1 
ATOM   448  C CE2   . PHE   A 1 68  ? -8.053  -19.507 -6.523  1.00 45.50 ?  68  PHE   A CE2   1 
ATOM   449  C CZ    . PHE   A 1 68  ? -9.415  -19.761 -6.325  1.00 48.32 ?  68  PHE   A CZ    1 
ATOM   450  N N     . CYS   A 1 69  ? -8.095  -13.235 -3.329  1.00 41.25 ?  69  CYS   A N     1 
ATOM   451  C CA    . CYS   A 1 69  ? -7.580  -12.196 -2.461  1.00 40.67 ?  69  CYS   A CA    1 
ATOM   452  C C     . CYS   A 1 69  ? -6.645  -12.815 -1.430  1.00 41.08 ?  69  CYS   A C     1 
ATOM   453  O O     . CYS   A 1 69  ? -6.951  -13.862 -0.856  1.00 46.41 ?  69  CYS   A O     1 
ATOM   454  C CB    . CYS   A 1 69  ? -8.733  -11.457 -1.779  1.00 39.44 ?  69  CYS   A CB    1 
ATOM   455  S SG    . CYS   A 1 69  ? -8.189  -9.987  -0.820  1.00 41.49 ?  69  CYS   A SG    1 
ATOM   456  N N     . ARG   A 1 70  ? -5.478  -12.190 -1.245  1.00 41.11 ?  70  ARG   A N     1 
ATOM   457  C CA    . ARG   A 1 70  ? -4.452  -12.620 -0.294  1.00 40.55 ?  70  ARG   A CA    1 
ATOM   458  C C     . ARG   A 1 70  ? -3.875  -11.384 0.392   1.00 40.96 ?  70  ARG   A C     1 
ATOM   459  O O     . ARG   A 1 70  ? -4.136  -10.244 -0.009  1.00 40.55 ?  70  ARG   A O     1 
ATOM   460  C CB    . ARG   A 1 70  ? -3.315  -13.411 -0.963  1.00 38.44 ?  70  ARG   A CB    1 
ATOM   461  C CG    . ARG   A 1 70  ? -3.740  -14.608 -1.793  1.00 43.67 ?  70  ARG   A CG    1 
ATOM   462  C CD    . ARG   A 1 70  ? -2.533  -15.139 -2.587  1.00 43.33 ?  70  ARG   A CD    1 
ATOM   463  N NE    . ARG   A 1 70  ? -1.590  -15.767 -1.669  1.00 49.51 ?  70  ARG   A NE    1 
ATOM   464  C CZ    . ARG   A 1 70  ? -0.453  -16.349 -2.026  1.00 46.64 ?  70  ARG   A CZ    1 
ATOM   465  N NH1   . ARG   A 1 70  ? -0.094  -16.441 -3.295  1.00 47.65 ?  70  ARG   A NH1   1 
ATOM   466  N NH2   . ARG   A 1 70  ? 0.343   -16.850 -1.082  1.00 48.61 ?  70  ARG   A NH2   1 
ATOM   467  N N     . LEU   A 1 71  ? -3.084  -11.608 1.444   1.00 37.31 ?  71  LEU   A N     1 
ATOM   468  C CA    . LEU   A 1 71  ? -2.553  -10.470 2.191   1.00 40.27 ?  71  LEU   A CA    1 
ATOM   469  C C     . LEU   A 1 71  ? -1.698  -9.570  1.293   1.00 40.11 ?  71  LEU   A C     1 
ATOM   470  O O     . LEU   A 1 71  ? -1.742  -8.340  1.413   1.00 36.67 ?  71  LEU   A O     1 
ATOM   471  C CB    . LEU   A 1 71  ? -1.766  -10.956 3.421   1.00 38.36 ?  71  LEU   A CB    1 
ATOM   472  C CG    . LEU   A 1 71  ? -1.169  -9.853  4.309   1.00 44.48 ?  71  LEU   A CG    1 
ATOM   473  C CD1   . LEU   A 1 71  ? -2.242  -9.029  5.023   1.00 38.75 ?  71  LEU   A CD1   1 
ATOM   474  C CD2   . LEU   A 1 71  ? -0.135  -10.398 5.326   1.00 43.75 ?  71  LEU   A CD2   1 
ATOM   475  N N     . HIS   A 1 72  ? -0.965  -10.158 0.346   1.00 40.16 ?  72  HIS   A N     1 
ATOM   476  C CA    . HIS   A 1 72  ? -0.083  -9.411  -0.545  1.00 42.95 ?  72  HIS   A CA    1 
ATOM   477  C C     . HIS   A 1 72  ? -0.631  -9.288  -1.978  1.00 40.87 ?  72  HIS   A C     1 
ATOM   478  O O     . HIS   A 1 72  ? 0.141   -9.072  -2.920  1.00 37.59 ?  72  HIS   A O     1 
ATOM   479  C CB    . HIS   A 1 72  ? 1.314   -10.048 -0.558  1.00 41.40 ?  72  HIS   A CB    1 
ATOM   480  C CG    . HIS   A 1 72  ? 2.006   -10.007 0.776   1.00 42.01 ?  72  HIS   A CG    1 
ATOM   481  N ND1   . HIS   A 1 72  ? 2.022   -8.884  1.577   1.00 43.45 ?  72  HIS   A ND1   1 
ATOM   482  C CD2   . HIS   A 1 72  ? 2.691   -10.957 1.454   1.00 42.43 ?  72  HIS   A CD2   1 
ATOM   483  C CE1   . HIS   A 1 72  ? 2.712   -9.136  2.677   1.00 45.62 ?  72  HIS   A CE1   1 
ATOM   484  N NE2   . HIS   A 1 72  ? 3.136   -10.388 2.625   1.00 46.82 ?  72  HIS   A NE2   1 
ATOM   485  N N     . THR   A 1 73  ? -1.949  -9.409  -2.174  1.00 41.56 ?  73  THR   A N     1 
ATOM   486  C CA    . THR   A 1 73  ? -2.522  -9.100  -3.481  1.00 37.06 ?  73  THR   A CA    1 
ATOM   487  C C     . THR   A 1 73  ? -3.083  -7.687  -3.503  1.00 37.62 ?  73  THR   A C     1 
ATOM   488  O O     . THR   A 1 73  ? -3.413  -7.095  -2.464  1.00 33.94 ?  73  THR   A O     1 
ATOM   489  C CB    . THR   A 1 73  ? -3.653  -10.060 -3.892  1.00 37.68 ?  73  THR   A CB    1 
ATOM   490  O OG1   . THR   A 1 73  ? -4.748  -9.953  -2.966  1.00 34.76 ?  73  THR   A OG1   1 
ATOM   491  C CG2   . THR   A 1 73  ? -3.173  -11.485 -4.016  1.00 35.91 ?  73  THR   A CG2   1 
ATOM   492  N N     . LEU   A 1 74  ? -3.224  -7.165  -4.718  1.00 34.50 ?  74  LEU   A N     1 
ATOM   493  C CA    . LEU   A 1 74  ? -4.019  -5.977  -4.957  1.00 34.21 ?  74  LEU   A CA    1 
ATOM   494  C C     . LEU   A 1 74  ? -5.125  -6.303  -5.948  1.00 37.20 ?  74  LEU   A C     1 
ATOM   495  O O     . LEU   A 1 74  ? -4.978  -7.172  -6.806  1.00 35.77 ?  74  LEU   A O     1 
ATOM   496  C CB    . LEU   A 1 74  ? -3.149  -4.802  -5.447  1.00 35.57 ?  74  LEU   A CB    1 
ATOM   497  C CG    . LEU   A 1 74  ? -2.410  -4.336  -4.180  1.00 42.05 ?  74  LEU   A CG    1 
ATOM   498  C CD1   . LEU   A 1 74  ? -0.925  -4.680  -4.157  1.00 36.61 ?  74  LEU   A CD1   1 
ATOM   499  C CD2   . LEU   A 1 74  ? -2.725  -2.926  -3.775  1.00 38.13 ?  74  LEU   A CD2   1 
ATOM   500  N N     . GLN   A 1 75  ? -6.260  -5.624  -5.794  1.00 38.23 ?  75  GLN   A N     1 
ATOM   501  C CA    . GLN   A 1 75  ? -7.413  -5.944  -6.613  1.00 34.50 ?  75  GLN   A CA    1 
ATOM   502  C C     . GLN   A 1 75  ? -7.302  -5.269  -7.981  1.00 35.20 ?  75  GLN   A C     1 
ATOM   503  O O     . GLN   A 1 75  ? -7.090  -4.049  -8.080  1.00 32.80 ?  75  GLN   A O     1 
ATOM   504  C CB    . GLN   A 1 75  ? -8.704  -5.530  -5.910  1.00 34.15 ?  75  GLN   A CB    1 
ATOM   505  C CG    . GLN   A 1 75  ? -9.928  -5.977  -6.671  1.00 33.44 ?  75  GLN   A CG    1 
ATOM   506  C CD    . GLN   A 1 75  ? -11.188 -5.903  -5.836  1.00 39.93 ?  75  GLN   A CD    1 
ATOM   507  O OE1   . GLN   A 1 75  ? -11.202 -5.281  -4.782  1.00 36.90 ?  75  GLN   A OE1   1 
ATOM   508  N NE2   . GLN   A 1 75  ? -12.255 -6.548  -6.306  1.00 37.66 ?  75  GLN   A NE2   1 
ATOM   509  N N     . ILE   A 1 76  ? -7.458  -6.070  -9.031  1.00 33.14 ?  76  ILE   A N     1 
ATOM   510  C CA    . ILE   A 1 76  ? -7.425  -5.581  -10.406 1.00 32.17 ?  76  ILE   A CA    1 
ATOM   511  C C     . ILE   A 1 76  ? -8.812  -5.167  -10.877 1.00 37.02 ?  76  ILE   A C     1 
ATOM   512  O O     . ILE   A 1 76  ? -9.010  -4.051  -11.373 1.00 32.98 ?  76  ILE   A O     1 
ATOM   513  C CB    . ILE   A 1 76  ? -6.812  -6.670  -11.317 1.00 33.70 ?  76  ILE   A CB    1 
ATOM   514  C CG1   . ILE   A 1 76  ? -5.303  -6.775  -11.071 1.00 32.92 ?  76  ILE   A CG1   1 
ATOM   515  C CG2   . ILE   A 1 76  ? -7.133  -6.395  -12.783 1.00 32.99 ?  76  ILE   A CG2   1 
ATOM   516  C CD1   . ILE   A 1 76  ? -4.637  -7.887  -11.856 1.00 35.61 ?  76  ILE   A CD1   1 
ATOM   517  N N     . ASN   A 1 77  ? -9.780  -6.068  -10.716 1.00 33.43 ?  77  ASN   A N     1 
ATOM   518  C CA    . ASN   A 1 77  ? -11.164 -5.838  -11.089 1.00 34.36 ?  77  ASN   A CA    1 
ATOM   519  C C     . ASN   A 1 77  ? -12.024 -6.717  -10.183 1.00 35.68 ?  77  ASN   A C     1 
ATOM   520  O O     . ASN   A 1 77  ? -11.554 -7.201  -9.151  1.00 35.90 ?  77  ASN   A O     1 
ATOM   521  C CB    . ASN   A 1 77  ? -11.369 -6.079  -12.600 1.00 36.40 ?  77  ASN   A CB    1 
ATOM   522  C CG    . ASN   A 1 77  ? -10.991 -7.497  -13.036 1.00 39.71 ?  77  ASN   A CG    1 
ATOM   523  O OD1   . ASN   A 1 77  ? -11.245 -8.471  -12.318 1.00 33.25 ?  77  ASN   A OD1   1 
ATOM   524  N ND2   . ASN   A 1 77  ? -10.377 -7.615  -14.223 1.00 36.43 ?  77  ASN   A ND2   1 
ATOM   525  N N     . ALA   A 1 78  ? -13.289 -6.920  -10.554 1.00 36.45 ?  78  ALA   A N     1 
ATOM   526  C CA    . ALA   A 1 78  ? -14.232 -7.543  -9.628  1.00 36.55 ?  78  ALA   A CA    1 
ATOM   527  C C     . ALA   A 1 78  ? -13.748 -8.907  -9.151  1.00 37.18 ?  78  ALA   A C     1 
ATOM   528  O O     . ALA   A 1 78  ? -13.922 -9.246  -7.976  1.00 38.80 ?  78  ALA   A O     1 
ATOM   529  C CB    . ALA   A 1 78  ? -15.610 -7.672  -10.283 1.00 38.24 ?  78  ALA   A CB    1 
ATOM   530  N N     . HIS   A 1 79  ? -13.124 -9.693  -10.031 1.00 35.33 ?  79  HIS   A N     1 
ATOM   531  C CA    . HIS   A 1 79  ? -12.827 -11.083 -9.722  1.00 38.67 ?  79  HIS   A CA    1 
ATOM   532  C C     . HIS   A 1 79  ? -11.353 -11.435 -9.842  1.00 37.17 ?  79  HIS   A C     1 
ATOM   533  O O     . HIS   A 1 79  ? -11.007 -12.621 -9.746  1.00 35.99 ?  79  HIS   A O     1 
ATOM   534  C CB    . HIS   A 1 79  ? -13.658 -12.004 -10.628 1.00 40.43 ?  79  HIS   A CB    1 
ATOM   535  C CG    . HIS   A 1 79  ? -15.125 -11.905 -10.375 1.00 42.58 ?  79  HIS   A CG    1 
ATOM   536  N ND1   . HIS   A 1 79  ? -15.662 -11.995 -9.104  1.00 43.30 ?  79  HIS   A ND1   1 
ATOM   537  C CD2   . HIS   A 1 79  ? -16.166 -11.685 -11.210 1.00 42.79 ?  79  HIS   A CD2   1 
ATOM   538  C CE1   . HIS   A 1 79  ? -16.973 -11.856 -9.174  1.00 44.71 ?  79  HIS   A CE1   1 
ATOM   539  N NE2   . HIS   A 1 79  ? -17.306 -11.666 -10.440 1.00 44.85 ?  79  HIS   A NE2   1 
ATOM   540  N N     . THR   A 1 80  ? -10.478 -10.454 -10.049 1.00 35.22 ?  80  THR   A N     1 
ATOM   541  C CA    . THR   A 1 80  ? -9.081  -10.737 -10.341 1.00 36.88 ?  80  THR   A CA    1 
ATOM   542  C C     . THR   A 1 80  ? -8.173  -9.860  -9.486  1.00 36.54 ?  80  THR   A C     1 
ATOM   543  O O     . THR   A 1 80  ? -8.429  -8.664  -9.304  1.00 34.47 ?  80  THR   A O     1 
ATOM   544  C CB    . THR   A 1 80  ? -8.782  -10.534 -11.830 1.00 33.51 ?  80  THR   A CB    1 
ATOM   545  O OG1   . THR   A 1 80  ? -9.818  -11.172 -12.601 1.00 34.54 ?  80  THR   A OG1   1 
ATOM   546  C CG2   . THR   A 1 80  ? -7.424  -11.143 -12.192 1.00 28.94 ?  80  THR   A CG2   1 
ATOM   547  N N     . HIS   A 1 81  ? -7.119  -10.472 -8.955  1.00 35.30 ?  81  HIS   A N     1 
ATOM   548  C CA    . HIS   A 1 81  ? -6.176  -9.788  -8.085  1.00 33.84 ?  81  HIS   A CA    1 
ATOM   549  C C     . HIS   A 1 81  ? -4.760  -9.994  -8.607  1.00 34.69 ?  81  HIS   A C     1 
ATOM   550  O O     . HIS   A 1 81  ? -4.484  -10.844 -9.468  1.00 29.99 ?  81  HIS   A O     1 
ATOM   551  C CB    . HIS   A 1 81  ? -6.305  -10.270 -6.630  1.00 34.42 ?  81  HIS   A CB    1 
ATOM   552  C CG    . HIS   A 1 81  ? -7.715  -10.258 -6.135  1.00 36.88 ?  81  HIS   A CG    1 
ATOM   553  N ND1   . HIS   A 1 81  ? -8.225  -9.236  -5.359  1.00 36.96 ?  81  HIS   A ND1   1 
ATOM   554  C CD2   . HIS   A 1 81  ? -8.741  -11.119 -6.354  1.00 30.95 ?  81  HIS   A CD2   1 
ATOM   555  C CE1   . HIS   A 1 81  ? -9.502  -9.478  -5.106  1.00 34.95 ?  81  HIS   A CE1   1 
ATOM   556  N NE2   . HIS   A 1 81  ? -9.839  -10.612 -5.696  1.00 34.99 ?  81  HIS   A NE2   1 
ATOM   557  N N     . LEU   A 1 82  ? -3.875  -9.166  -8.083  1.00 34.56 ?  82  LEU   A N     1 
ATOM   558  C CA    . LEU   A 1 82  ? -2.480  -9.133  -8.480  1.00 34.42 ?  82  LEU   A CA    1 
ATOM   559  C C     . LEU   A 1 82  ? -1.640  -9.512  -7.272  1.00 38.79 ?  82  LEU   A C     1 
ATOM   560  O O     . LEU   A 1 82  ? -1.578  -8.754  -6.294  1.00 34.59 ?  82  LEU   A O     1 
ATOM   561  C CB    . LEU   A 1 82  ? -2.094  -7.752  -8.992  1.00 35.06 ?  82  LEU   A CB    1 
ATOM   562  C CG    . LEU   A 1 82  ? -0.617  -7.719  -9.371  1.00 39.73 ?  82  LEU   A CG    1 
ATOM   563  C CD1   . LEU   A 1 82  ? -0.406  -8.511  -10.661 1.00 34.65 ?  82  LEU   A CD1   1 
ATOM   564  C CD2   . LEU   A 1 82  ? -0.134  -6.279  -9.522  1.00 36.80 ?  82  LEU   A CD2   1 
ATOM   565  N N     . TYR   A 1 83  ? -1.020  -10.688 -7.333  1.00 35.04 ?  83  TYR   A N     1 
ATOM   566  C CA    . TYR   A 1 83  ? -0.133  -11.155 -6.277  1.00 37.66 ?  83  TYR   A CA    1 
ATOM   567  C C     . TYR   A 1 83  ? 1.255   -10.538 -6.470  1.00 37.22 ?  83  TYR   A C     1 
ATOM   568  O O     . TYR   A 1 83  ? 1.961   -10.874 -7.427  1.00 37.49 ?  83  TYR   A O     1 
ATOM   569  C CB    . TYR   A 1 83  ? -0.060  -12.678 -6.277  1.00 35.62 ?  83  TYR   A CB    1 
ATOM   570  C CG    . TYR   A 1 83  ? 0.759   -13.197 -5.134  1.00 37.80 ?  83  TYR   A CG    1 
ATOM   571  C CD1   . TYR   A 1 83  ? 0.446   -12.846 -3.824  1.00 39.43 ?  83  TYR   A CD1   1 
ATOM   572  C CD2   . TYR   A 1 83  ? 1.856   -14.013 -5.358  1.00 35.55 ?  83  TYR   A CD2   1 
ATOM   573  C CE1   . TYR   A 1 83  ? 1.200   -13.309 -2.758  1.00 41.83 ?  83  TYR   A CE1   1 
ATOM   574  C CE2   . TYR   A 1 83  ? 2.614   -14.496 -4.303  1.00 44.61 ?  83  TYR   A CE2   1 
ATOM   575  C CZ    . TYR   A 1 83  ? 2.285   -14.131 -3.007  1.00 47.50 ?  83  TYR   A CZ    1 
ATOM   576  O OH    . TYR   A 1 83  ? 3.038   -14.593 -1.953  1.00 50.36 ?  83  TYR   A OH    1 
ATOM   577  N N     . ASP   A 1 84  ? 1.645   -9.638  -5.563  1.00 34.46 ?  84  ASP   A N     1 
ATOM   578  C CA    . ASP   A 1 84  ? 2.946   -8.967  -5.636  1.00 35.25 ?  84  ASP   A CA    1 
ATOM   579  C C     . ASP   A 1 84  ? 3.507   -8.838  -4.231  1.00 35.73 ?  84  ASP   A C     1 
ATOM   580  O O     . ASP   A 1 84  ? 3.305   -7.821  -3.554  1.00 33.58 ?  84  ASP   A O     1 
ATOM   581  C CB    . ASP   A 1 84  ? 2.840   -7.597  -6.310  1.00 35.54 ?  84  ASP   A CB    1 
ATOM   582  C CG    . ASP   A 1 84  ? 4.158   -6.815  -6.294  1.00 37.88 ?  84  ASP   A CG    1 
ATOM   583  O OD1   . ASP   A 1 84  ? 5.232   -7.389  -5.987  1.00 36.83 ?  84  ASP   A OD1   1 
ATOM   584  O OD2   . ASP   A 1 84  ? 4.112   -5.609  -6.621  1.00 38.40 ?  84  ASP   A OD2   1 
ATOM   585  N N     . PRO   A 1 85  ? 4.218   -9.860  -3.750  1.00 38.94 ?  85  PRO   A N     1 
ATOM   586  C CA    . PRO   A 1 85  ? 4.847   -9.763  -2.435  1.00 40.84 ?  85  PRO   A CA    1 
ATOM   587  C C     . PRO   A 1 85  ? 6.205   -9.083  -2.463  1.00 38.72 ?  85  PRO   A C     1 
ATOM   588  O O     . PRO   A 1 85  ? 6.793   -8.893  -1.396  1.00 39.61 ?  85  PRO   A O     1 
ATOM   589  C CB    . PRO   A 1 85  ? 4.966   -11.239 -2.012  1.00 34.17 ?  85  PRO   A CB    1 
ATOM   590  C CG    . PRO   A 1 85  ? 5.214   -11.943 -3.262  1.00 38.42 ?  85  PRO   A CG    1 
ATOM   591  C CD    . PRO   A 1 85  ? 4.409   -11.200 -4.338  1.00 42.21 ?  85  PRO   A CD    1 
ATOM   592  N N     . HIS   A 1 86  ? 6.707   -8.700  -3.638  1.00 37.84 ?  86  HIS   A N     1 
ATOM   593  C CA    . HIS   A 1 86  ? 7.993   -8.010  -3.711  1.00 40.55 ?  86  HIS   A CA    1 
ATOM   594  C C     . HIS   A 1 86  ? 7.878   -6.502  -3.579  1.00 37.74 ?  86  HIS   A C     1 
ATOM   595  O O     . HIS   A 1 86  ? 8.837   -5.857  -3.148  1.00 41.99 ?  86  HIS   A O     1 
ATOM   596  C CB    . HIS   A 1 86  ? 8.691   -8.317  -5.030  1.00 43.26 ?  86  HIS   A CB    1 
ATOM   597  C CG    . HIS   A 1 86  ? 8.687   -9.767  -5.377  1.00 47.90 ?  86  HIS   A CG    1 
ATOM   598  N ND1   . HIS   A 1 86  ? 7.815   -10.304 -6.301  1.00 49.08 ?  86  HIS   A ND1   1 
ATOM   599  C CD2   . HIS   A 1 86  ? 9.429   -10.797 -4.908  1.00 43.99 ?  86  HIS   A CD2   1 
ATOM   600  C CE1   . HIS   A 1 86  ? 8.031   -11.603 -6.398  1.00 45.75 ?  86  HIS   A CE1   1 
ATOM   601  N NE2   . HIS   A 1 86  ? 9.007   -11.927 -5.566  1.00 51.10 ?  86  HIS   A NE2   1 
ATOM   602  N N     . PHE   A 1 87  ? 6.744   -5.913  -3.951  1.00 41.18 ?  87  PHE   A N     1 
ATOM   603  C CA    . PHE   A 1 87  ? 6.668   -4.463  -4.039  1.00 37.18 ?  87  PHE   A CA    1 
ATOM   604  C C     . PHE   A 1 87  ? 5.313   -3.920  -3.589  1.00 38.37 ?  87  PHE   A C     1 
ATOM   605  O O     . PHE   A 1 87  ? 5.169   -3.495  -2.437  1.00 34.45 ?  87  PHE   A O     1 
ATOM   606  C CB    . PHE   A 1 87  ? 6.969   -4.014  -5.472  1.00 37.55 ?  87  PHE   A CB    1 
ATOM   607  C CG    . PHE   A 1 87  ? 7.141   -2.522  -5.619  1.00 37.46 ?  87  PHE   A CG    1 
ATOM   608  C CD1   . PHE   A 1 87  ? 8.060   -1.837  -4.851  1.00 37.39 ?  87  PHE   A CD1   1 
ATOM   609  C CD2   . PHE   A 1 87  ? 6.375   -1.811  -6.536  1.00 36.31 ?  87  PHE   A CD2   1 
ATOM   610  C CE1   . PHE   A 1 87  ? 8.222   -0.442  -4.981  1.00 42.37 ?  87  PHE   A CE1   1 
ATOM   611  C CE2   . PHE   A 1 87  ? 6.526   -0.427  -6.681  1.00 35.03 ?  87  PHE   A CE2   1 
ATOM   612  C CZ    . PHE   A 1 87  ? 7.445   0.257   -5.907  1.00 40.73 ?  87  PHE   A CZ    1 
ATOM   613  N N     . SER   A 1 88  ? 4.313   -3.942  -4.483  1.00 33.58 ?  88  SER   A N     1 
ATOM   614  C CA    . SER   A 1 88  ? 3.059   -3.241  -4.213  1.00 38.43 ?  88  SER   A CA    1 
ATOM   615  C C     . SER   A 1 88  ? 2.260   -3.877  -3.072  1.00 33.68 ?  88  SER   A C     1 
ATOM   616  O O     . SER   A 1 88  ? 1.552   -3.163  -2.352  1.00 35.54 ?  88  SER   A O     1 
ATOM   617  C CB    . SER   A 1 88  ? 2.211   -3.153  -5.498  1.00 37.72 ?  88  SER   A CB    1 
ATOM   618  O OG    . SER   A 1 88  ? 1.722   -4.422  -5.897  1.00 33.41 ?  88  SER   A OG    1 
ATOM   619  N N     . GLY   A 1 89  ? 2.352   -5.194  -2.873  1.00 37.16 ?  89  GLY   A N     1 
ATOM   620  C CA    . GLY   A 1 89  ? 1.726   -5.801  -1.697  1.00 33.12 ?  89  GLY   A CA    1 
ATOM   621  C C     . GLY   A 1 89  ? 2.381   -5.426  -0.374  1.00 39.87 ?  89  GLY   A C     1 
ATOM   622  O O     . GLY   A 1 89  ? 1.790   -5.639  0.697   1.00 38.50 ?  89  GLY   A O     1 
ATOM   623  N N     . LEU   A 1 90  ? 3.583   -4.859  -0.411  1.00 37.09 ?  90  LEU   A N     1 
ATOM   624  C CA    . LEU   A 1 90  ? 4.230   -4.397  0.809   1.00 38.14 ?  90  LEU   A CA    1 
ATOM   625  C C     . LEU   A 1 90  ? 4.028   -2.906  1.043   1.00 38.34 ?  90  LEU   A C     1 
ATOM   626  O O     . LEU   A 1 90  ? 4.638   -2.346  1.958   1.00 39.18 ?  90  LEU   A O     1 
ATOM   627  C CB    . LEU   A 1 90  ? 5.721   -4.742  0.785   1.00 34.70 ?  90  LEU   A CB    1 
ATOM   628  C CG    . LEU   A 1 90  ? 6.009   -6.211  0.455   1.00 36.37 ?  90  LEU   A CG    1 
ATOM   629  C CD1   . LEU   A 1 90  ? 7.512   -6.482  0.414   1.00 39.58 ?  90  LEU   A CD1   1 
ATOM   630  C CD2   . LEU   A 1 90  ? 5.288   -7.151  1.441   1.00 38.38 ?  90  LEU   A CD2   1 
ATOM   631  N N     . LEU   A 1 91  ? 3.178   -2.254  0.254   1.00 38.71 ?  91  LEU   A N     1 
ATOM   632  C CA    . LEU   A 1 91  ? 2.820   -0.862  0.530   1.00 36.65 ?  91  LEU   A CA    1 
ATOM   633  C C     . LEU   A 1 91  ? 1.905   -0.802  1.742   1.00 41.36 ?  91  LEU   A C     1 
ATOM   634  O O     . LEU   A 1 91  ? 0.896   -1.515  1.793   1.00 37.96 ?  91  LEU   A O     1 
ATOM   635  C CB    . LEU   A 1 91  ? 2.121   -0.231  -0.662  1.00 35.19 ?  91  LEU   A CB    1 
ATOM   636  C CG    . LEU   A 1 91  ? 2.979   -0.014  -1.897  1.00 37.72 ?  91  LEU   A CG    1 
ATOM   637  C CD1   . LEU   A 1 91  ? 2.046   0.330   -3.066  1.00 34.60 ?  91  LEU   A CD1   1 
ATOM   638  C CD2   . LEU   A 1 91  ? 3.994   1.105   -1.640  1.00 36.29 ?  91  LEU   A CD2   1 
ATOM   639  N N     . LEU   A 1 92  ? 2.257   0.041   2.717   1.00 39.94 ?  92  LEU   A N     1 
ATOM   640  C CA    . LEU   A 1 92  ? 1.471   0.159   3.935   1.00 40.17 ?  92  LEU   A CA    1 
ATOM   641  C C     . LEU   A 1 92  ? 0.270   1.056   3.686   1.00 41.63 ?  92  LEU   A C     1 
ATOM   642  O O     . LEU   A 1 92  ? 0.224   1.813   2.712   1.00 39.09 ?  92  LEU   A O     1 
ATOM   643  C CB    . LEU   A 1 92  ? 2.303   0.746   5.074   1.00 34.90 ?  92  LEU   A CB    1 
ATOM   644  C CG    . LEU   A 1 92  ? 3.548   -0.056  5.447   1.00 46.00 ?  92  LEU   A CG    1 
ATOM   645  C CD1   . LEU   A 1 92  ? 4.398   0.724   6.449   1.00 39.39 ?  92  LEU   A CD1   1 
ATOM   646  C CD2   . LEU   A 1 92  ? 3.138   -1.449  5.991   1.00 40.01 ?  92  LEU   A CD2   1 
ATOM   647  N N     . HIS   A 1 93  ? -0.687  0.999   4.607   1.00 38.05 ?  93  HIS   A N     1 
ATOM   648  C CA    . HIS   A 1 93  ? -1.886  1.810   4.502   1.00 36.76 ?  93  HIS   A CA    1 
ATOM   649  C C     . HIS   A 1 93  ? -1.688  3.134   5.220   1.00 37.32 ?  93  HIS   A C     1 
ATOM   650  O O     . HIS   A 1 93  ? -1.026  3.207   6.262   1.00 38.69 ?  93  HIS   A O     1 
ATOM   651  C CB    . HIS   A 1 93  ? -3.101  1.105   5.117   1.00 34.09 ?  93  HIS   A CB    1 
ATOM   652  C CG    . HIS   A 1 93  ? -4.267  2.021   5.327   1.00 36.20 ?  93  HIS   A CG    1 
ATOM   653  N ND1   . HIS   A 1 93  ? -5.114  2.390   4.299   1.00 36.92 ?  93  HIS   A ND1   1 
ATOM   654  C CD2   . HIS   A 1 93  ? -4.689  2.700   6.419   1.00 33.42 ?  93  HIS   A CD2   1 
ATOM   655  C CE1   . HIS   A 1 93  ? -6.023  3.229   4.759   1.00 34.30 ?  93  HIS   A CE1   1 
ATOM   656  N NE2   . HIS   A 1 93  ? -5.788  3.432   6.043   1.00 35.85 ?  93  HIS   A NE2   1 
ATOM   657  N N     . SER   A 1 94  ? -2.293  4.183   4.670   1.00 36.93 ?  94  SER   A N     1 
ATOM   658  C CA    . SER   A 1 94  ? -2.498  5.403   5.427   1.00 34.31 ?  94  SER   A CA    1 
ATOM   659  C C     . SER   A 1 94  ? -3.842  5.989   5.048   1.00 41.02 ?  94  SER   A C     1 
ATOM   660  O O     . SER   A 1 94  ? -4.265  5.915   3.885   1.00 38.77 ?  94  SER   A O     1 
ATOM   661  C CB    . SER   A 1 94  ? -1.430  6.457   5.193   1.00 37.11 ?  94  SER   A CB    1 
ATOM   662  O OG    . SER   A 1 94  ? -1.900  7.717   5.639   1.00 38.01 ?  94  SER   A OG    1 
ATOM   663  N N     . CYS   A 1 95  ? -4.509  6.567   6.054   1.00 38.72 ?  95  CYS   A N     1 
ATOM   664  C CA    . CYS   A 1 95  ? -5.748  7.300   5.835   1.00 40.25 ?  95  CYS   A CA    1 
ATOM   665  C C     . CYS   A 1 95  ? -5.532  8.610   5.085   1.00 39.97 ?  95  CYS   A C     1 
ATOM   666  O O     . CYS   A 1 95  ? -6.498  9.176   4.567   1.00 42.39 ?  95  CYS   A O     1 
ATOM   667  C CB    . CYS   A 1 95  ? -6.435  7.557   7.182   1.00 35.19 ?  95  CYS   A CB    1 
ATOM   668  S SG    . CYS   A 1 95  ? -6.792  6.007   8.067   1.00 41.15 ?  95  CYS   A SG    1 
ATOM   669  N N     . VAL   A 1 96  ? -4.304  9.078   4.998   1.00 40.47 ?  96  VAL   A N     1 
ATOM   670  C CA    . VAL   A 1 96  ? -3.978  10.268  4.214   1.00 41.99 ?  96  VAL   A CA    1 
ATOM   671  C C     . VAL   A 1 96  ? -2.813  9.804   3.376   1.00 40.30 ?  96  VAL   A C     1 
ATOM   672  O O     . VAL   A 1 96  ? -1.674  9.945   3.748   1.00 42.80 ?  96  VAL   A O     1 
ATOM   673  C CB    . VAL   A 1 96  ? -3.615  11.498  5.069   1.00 45.72 ?  96  VAL   A CB    1 
ATOM   674  C CG1   . VAL   A 1 96  ? -3.241  12.678  4.190   1.00 50.79 ?  96  VAL   A CG1   1 
ATOM   675  C CG2   . VAL   A 1 96  ? -4.788  11.914  5.934   1.00 47.41 ?  96  VAL   A CG2   1 
ATOM   676  N N     . PRO   A 1 97  ? -3.100  9.206   2.243   1.00 38.05 ?  97  PRO   A N     1 
ATOM   677  C CA    . PRO   A 1 97  ? -1.999  8.628   1.485   1.00 38.12 ?  97  PRO   A CA    1 
ATOM   678  C C     . PRO   A 1 97  ? -1.073  9.547   0.686   1.00 39.45 ?  97  PRO   A C     1 
ATOM   679  O O     . PRO   A 1 97  ? -1.505  10.554  0.186   1.00 40.24 ?  97  PRO   A O     1 
ATOM   680  C CB    . PRO   A 1 97  ? -2.729  7.685   0.556   1.00 38.54 ?  97  PRO   A CB    1 
ATOM   681  C CG    . PRO   A 1 97  ? -4.054  8.298   0.335   1.00 37.42 ?  97  PRO   A CG    1 
ATOM   682  C CD    . PRO   A 1 97  ? -4.411  8.920   1.639   1.00 37.79 ?  97  PRO   A CD    1 
ATOM   683  N N     . ASN   A 1 98  ? 0.200   9.200   0.570   1.00 37.62 ?  98  ASN   A N     1 
ATOM   684  C CA    . ASN   A 1 98  ? 1.084   9.995   -0.275  1.00 39.00 ?  98  ASN   A CA    1 
ATOM   685  C C     . ASN   A 1 98  ? 1.305   9.424   -1.673  1.00 39.51 ?  98  ASN   A C     1 
ATOM   686  O O     . ASN   A 1 98  ? 1.922   10.108  -2.503  1.00 35.84 ?  98  ASN   A O     1 
ATOM   687  C CB    . ASN   A 1 98  ? 2.448   10.216  0.410   1.00 36.61 ?  98  ASN   A CB    1 
ATOM   688  C CG    . ASN   A 1 98  ? 3.179   8.925   0.745   1.00 39.14 ?  98  ASN   A CG    1 
ATOM   689  O OD1   . ASN   A 1 98  ? 2.867   7.848   0.236   1.00 41.09 ?  98  ASN   A OD1   1 
ATOM   690  N ND2   . ASN   A 1 98  ? 4.165   9.035   1.636   1.00 41.79 ?  98  ASN   A ND2   1 
ATOM   691  N N     . VAL   A 1 99  ? 0.828   8.207   -1.965  1.00 36.53 ?  99  VAL   A N     1 
ATOM   692  C CA    . VAL   A 1 99  ? 0.913   7.636   -3.310  1.00 35.87 ?  99  VAL   A CA    1 
ATOM   693  C C     . VAL   A 1 99  ? -0.437  7.058   -3.718  1.00 35.13 ?  99  VAL   A C     1 
ATOM   694  O O     . VAL   A 1 99  ? -1.248  6.658   -2.875  1.00 35.87 ?  99  VAL   A O     1 
ATOM   695  C CB    . VAL   A 1 99  ? 1.987   6.535   -3.417  1.00 35.89 ?  99  VAL   A CB    1 
ATOM   696  C CG1   . VAL   A 1 99  ? 3.344   7.072   -3.025  1.00 35.27 ?  99  VAL   A CG1   1 
ATOM   697  C CG2   . VAL   A 1 99  ? 1.586   5.288   -2.578  1.00 37.50 ?  99  VAL   A CG2   1 
ATOM   698  N N     . ARG   A 1 100 ? -0.674  7.000   -5.027  1.00 37.01 ?  100 ARG   A N     1 
ATOM   699  C CA    . ARG   A 1 100 ? -1.802  6.251   -5.577  1.00 36.23 ?  100 ARG   A CA    1 
ATOM   700  C C     . ARG   A 1 100 ? -1.260  5.077   -6.372  1.00 36.56 ?  100 ARG   A C     1 
ATOM   701  O O     . ARG   A 1 100 ? -0.367  5.252   -7.207  1.00 36.87 ?  100 ARG   A O     1 
ATOM   702  C CB    . ARG   A 1 100 ? -2.691  7.100   -6.491  1.00 37.25 ?  100 ARG   A CB    1 
ATOM   703  C CG    . ARG   A 1 100 ? -3.601  6.202   -7.393  1.00 32.98 ?  100 ARG   A CG    1 
ATOM   704  C CD    . ARG   A 1 100 ? -4.842  6.887   -7.913  1.00 34.25 ?  100 ARG   A CD    1 
ATOM   705  N NE    . ARG   A 1 100 ? -5.504  6.069   -8.930  1.00 40.68 ?  100 ARG   A NE    1 
ATOM   706  C CZ    . ARG   A 1 100 ? -6.117  6.564   -9.997  1.00 36.03 ?  100 ARG   A CZ    1 
ATOM   707  N NH1   . ARG   A 1 100 ? -6.222  7.865   -10.183 1.00 35.33 ?  100 ARG   A NH1   1 
ATOM   708  N NH2   . ARG   A 1 100 ? -6.599  5.733   -10.922 1.00 34.64 ?  100 ARG   A NH2   1 
ATOM   709  N N     . LEU   A 1 101 ? -1.795  3.890   -6.116  1.00 33.56 ?  101 LEU   A N     1 
ATOM   710  C CA    . LEU   A 1 101 ? -1.517  2.730   -6.951  1.00 36.53 ?  101 LEU   A CA    1 
ATOM   711  C C     . LEU   A 1 101 ? -2.613  2.633   -8.014  1.00 36.33 ?  101 LEU   A C     1 
ATOM   712  O O     . LEU   A 1 101 ? -3.772  2.316   -7.704  1.00 35.80 ?  101 LEU   A O     1 
ATOM   713  C CB    . LEU   A 1 101 ? -1.456  1.460   -6.112  1.00 36.73 ?  101 LEU   A CB    1 
ATOM   714  C CG    . LEU   A 1 101 ? -1.237  0.171   -6.896  1.00 34.51 ?  101 LEU   A CG    1 
ATOM   715  C CD1   . LEU   A 1 101 ? 0.003   0.232   -7.783  1.00 41.14 ?  101 LEU   A CD1   1 
ATOM   716  C CD2   . LEU   A 1 101 ? -1.086  -0.914  -5.912  1.00 36.69 ?  101 LEU   A CD2   1 
ATOM   717  N N     . ASP   A 1 102 ? -2.262  2.954   -9.254  1.00 33.24 ?  102 ASP   A N     1 
ATOM   718  C CA    . ASP   A 1 102 ? -3.191  2.850   -10.374 1.00 34.63 ?  102 ASP   A CA    1 
ATOM   719  C C     . ASP   A 1 102 ? -3.191  1.396   -10.837 1.00 36.05 ?  102 ASP   A C     1 
ATOM   720  O O     . ASP   A 1 102 ? -2.199  0.926   -11.392 1.00 35.49 ?  102 ASP   A O     1 
ATOM   721  C CB    . ASP   A 1 102 ? -2.778  3.794   -11.499 1.00 36.05 ?  102 ASP   A CB    1 
ATOM   722  C CG    . ASP   A 1 102 ? -3.382  3.410   -12.843 1.00 38.76 ?  102 ASP   A CG    1 
ATOM   723  O OD1   . ASP   A 1 102 ? -4.457  2.741   -12.873 1.00 34.84 ?  102 ASP   A OD1   1 
ATOM   724  O OD2   . ASP   A 1 102 ? -2.755  3.776   -13.873 1.00 40.28 ?  102 ASP   A OD2   1 
ATOM   725  N N     . MET   A 1 103 ? -4.289  0.689   -10.595 1.00 31.86 ?  103 MET   A N     1 
ATOM   726  C CA    . MET   A 1 103 ? -4.447  -0.725  -10.932 1.00 38.74 ?  103 MET   A CA    1 
ATOM   727  C C     . MET   A 1 103 ? -4.973  -0.969  -12.348 1.00 39.43 ?  103 MET   A C     1 
ATOM   728  O O     . MET   A 1 103 ? -5.237  -2.125  -12.708 1.00 39.44 ?  103 MET   A O     1 
ATOM   729  C CB    . MET   A 1 103 ? -5.390  -1.391  -9.914  1.00 36.83 ?  103 MET   A CB    1 
ATOM   730  C CG    . MET   A 1 103 ? -4.843  -1.776  -8.543  1.00 38.42 ?  103 MET   A CG    1 
ATOM   731  S SD    . MET   A 1 103 ? -3.096  -2.141  -8.343  1.00 36.97 ?  103 MET   A SD    1 
ATOM   732  C CE    . MET   A 1 103 ? -3.218  -3.914  -8.670  1.00 37.79 ?  103 MET   A CE    1 
ATOM   733  N N     . ALA   A 1 104 ? -5.156  0.073   -13.153 1.00 38.38 ?  104 ALA   A N     1 
ATOM   734  C CA    . ALA   A 1 104 ? -5.456  -0.109  -14.566 1.00 36.69 ?  104 ALA   A CA    1 
ATOM   735  C C     . ALA   A 1 104 ? -4.206  0.039   -15.426 1.00 36.40 ?  104 ALA   A C     1 
ATOM   736  O O     . ALA   A 1 104 ? -3.937  -0.805  -16.290 1.00 39.60 ?  104 ALA   A O     1 
ATOM   737  C CB    . ALA   A 1 104 ? -6.541  0.887   -15.006 1.00 34.24 ?  104 ALA   A CB    1 
ATOM   738  N N     . GLY   A 1 105 ? -3.423  1.092   -15.198 1.00 36.52 ?  105 GLY   A N     1 
ATOM   739  C CA    . GLY   A 1 105 ? -2.129  1.248   -15.832 1.00 33.67 ?  105 GLY   A CA    1 
ATOM   740  C C     . GLY   A 1 105 ? -0.984  0.545   -15.133 1.00 38.12 ?  105 GLY   A C     1 
ATOM   741  O O     . GLY   A 1 105 ? 0.112   0.458   -15.705 1.00 36.57 ?  105 GLY   A O     1 
ATOM   742  N N     . PHE   A 1 106 ? -1.228  0.027   -13.920 1.00 34.22 ?  106 PHE   A N     1 
ATOM   743  C CA    . PHE   A 1 106 ? -0.223  -0.642  -13.084 1.00 34.31 ?  106 PHE   A CA    1 
ATOM   744  C C     . PHE   A 1 106 ? 1.014   0.242   -12.898 1.00 36.51 ?  106 PHE   A C     1 
ATOM   745  O O     . PHE   A 1 106 ? 2.138   -0.097  -13.289 1.00 36.05 ?  106 PHE   A O     1 
ATOM   746  C CB    . PHE   A 1 106 ? 0.122   -2.028  -13.643 1.00 34.30 ?  106 PHE   A CB    1 
ATOM   747  C CG    . PHE   A 1 106 ? -1.035  -2.994  -13.571 1.00 35.70 ?  106 PHE   A CG    1 
ATOM   748  C CD1   . PHE   A 1 106 ? -2.024  -2.976  -14.556 1.00 33.20 ?  106 PHE   A CD1   1 
ATOM   749  C CD2   . PHE   A 1 106 ? -1.153  -3.890  -12.519 1.00 34.68 ?  106 PHE   A CD2   1 
ATOM   750  C CE1   . PHE   A 1 106 ? -3.112  -3.837  -14.507 1.00 35.95 ?  106 PHE   A CE1   1 
ATOM   751  C CE2   . PHE   A 1 106 ? -2.260  -4.768  -12.445 1.00 37.62 ?  106 PHE   A CE2   1 
ATOM   752  C CZ    . PHE   A 1 106 ? -3.233  -4.743  -13.442 1.00 36.18 ?  106 PHE   A CZ    1 
ATOM   753  N N     . GLU   A 1 107 ? 0.776   1.394   -12.265 1.00 36.95 ?  107 GLU   A N     1 
ATOM   754  C CA    . GLU   A 1 107 ? 1.804   2.384   -11.986 1.00 37.92 ?  107 GLU   A CA    1 
ATOM   755  C C     . GLU   A 1 107 ? 1.550   2.973   -10.604 1.00 38.70 ?  107 GLU   A C     1 
ATOM   756  O O     . GLU   A 1 107 ? 0.403   3.102   -10.172 1.00 37.26 ?  107 GLU   A O     1 
ATOM   757  C CB    . GLU   A 1 107 ? 1.817   3.523   -13.032 1.00 34.54 ?  107 GLU   A CB    1 
ATOM   758  C CG    . GLU   A 1 107 ? 1.898   3.064   -14.484 1.00 38.29 ?  107 GLU   A CG    1 
ATOM   759  C CD    . GLU   A 1 107 ? 1.823   4.212   -15.486 1.00 40.08 ?  107 GLU   A CD    1 
ATOM   760  O OE1   . GLU   A 1 107 ? 1.137   5.223   -15.200 1.00 39.02 ?  107 GLU   A OE1   1 
ATOM   761  O OE2   . GLU   A 1 107 ? 2.436   4.085   -16.577 1.00 45.15 ?  107 GLU   A OE2   1 
ATOM   762  N N     . LEU   A 1 108 ? 2.632   3.343   -9.921  1.00 37.34 ?  108 LEU   A N     1 
ATOM   763  C CA    . LEU   A 1 108 ? 2.562   4.046   -8.646  1.00 34.95 ?  108 LEU   A CA    1 
ATOM   764  C C     . LEU   A 1 108 ? 2.876   5.523   -8.879  1.00 36.92 ?  108 LEU   A C     1 
ATOM   765  O O     . LEU   A 1 108 ? 3.899   5.844   -9.496  1.00 36.56 ?  108 LEU   A O     1 
ATOM   766  C CB    . LEU   A 1 108 ? 3.560   3.425   -7.663  1.00 32.29 ?  108 LEU   A CB    1 
ATOM   767  C CG    . LEU   A 1 108 ? 3.532   3.912   -6.223  1.00 34.50 ?  108 LEU   A CG    1 
ATOM   768  C CD1   . LEU   A 1 108 ? 2.253   3.407   -5.563  1.00 34.42 ?  108 LEU   A CD1   1 
ATOM   769  C CD2   . LEU   A 1 108 ? 4.779   3.464   -5.446  1.00 36.37 ?  108 LEU   A CD2   1 
ATOM   770  N N     . TRP   A 1 109 ? 2.001   6.420   -8.400  1.00 33.71 ?  109 TRP   A N     1 
ATOM   771  C CA    . TRP   A 1 109 ? 2.192   7.863   -8.588  1.00 36.76 ?  109 TRP   A CA    1 
ATOM   772  C C     . TRP   A 1 109 ? 2.167   8.618   -7.259  1.00 37.32 ?  109 TRP   A C     1 
ATOM   773  O O     . TRP   A 1 109 ? 1.362   8.321   -6.369  1.00 34.69 ?  109 TRP   A O     1 
ATOM   774  C CB    . TRP   A 1 109 ? 1.124   8.482   -9.512  1.00 36.93 ?  109 TRP   A CB    1 
ATOM   775  C CG    . TRP   A 1 109 ? 1.252   8.103   -10.970 1.00 39.05 ?  109 TRP   A CG    1 
ATOM   776  C CD1   . TRP   A 1 109 ? 0.943   6.890   -11.530 1.00 36.70 ?  109 TRP   A CD1   1 
ATOM   777  C CD2   . TRP   A 1 109 ? 1.699   8.943   -12.049 1.00 37.27 ?  109 TRP   A CD2   1 
ATOM   778  N NE1   . TRP   A 1 109 ? 1.167   6.928   -12.893 1.00 38.92 ?  109 TRP   A NE1   1 
ATOM   779  C CE2   . TRP   A 1 109 ? 1.634   8.172   -13.236 1.00 40.35 ?  109 TRP   A CE2   1 
ATOM   780  C CE3   . TRP   A 1 109 ? 2.135   10.273  -12.131 1.00 42.67 ?  109 TRP   A CE3   1 
ATOM   781  C CZ2   . TRP   A 1 109 ? 2.008   8.686   -14.491 1.00 39.79 ?  109 TRP   A CZ2   1 
ATOM   782  C CZ3   . TRP   A 1 109 ? 2.507   10.790  -13.391 1.00 38.78 ?  109 TRP   A CZ3   1 
ATOM   783  C CH2   . TRP   A 1 109 ? 2.438   9.994   -14.545 1.00 38.74 ?  109 TRP   A CH2   1 
ATOM   784  N N     . SER   A 1 110 ? 3.026   9.630   -7.147  1.00 36.98 ?  110 SER   A N     1 
ATOM   785  C CA    . SER   A 1 110 ? 3.072   10.448  -5.936  1.00 34.38 ?  110 SER   A CA    1 
ATOM   786  C C     . SER   A 1 110 ? 1.845   11.363  -5.876  1.00 37.99 ?  110 SER   A C     1 
ATOM   787  O O     . SER   A 1 110 ? 1.588   12.127  -6.809  1.00 38.16 ?  110 SER   A O     1 
ATOM   788  C CB    . SER   A 1 110 ? 4.357   11.273  -5.925  1.00 36.09 ?  110 SER   A CB    1 
ATOM   789  O OG    . SER   A 1 110 ? 4.527   11.956  -7.170  1.00 36.33 ?  110 SER   A OG    1 
ATOM   790  N N     . LEU   A 1 111 ? 1.067   11.267  -4.794  1.00 38.18 ?  111 LEU   A N     1 
ATOM   791  C CA    . LEU   A 1 111 ? -0.011  12.223  -4.584  1.00 37.25 ?  111 LEU   A CA    1 
ATOM   792  C C     . LEU   A 1 111 ? 0.481   13.505  -3.929  1.00 38.82 ?  111 LEU   A C     1 
ATOM   793  O O     . LEU   A 1 111 ? -0.213  14.521  -3.990  1.00 36.59 ?  111 LEU   A O     1 
ATOM   794  C CB    . LEU   A 1 111 ? -1.122  11.609  -3.732  1.00 39.33 ?  111 LEU   A CB    1 
ATOM   795  C CG    . LEU   A 1 111 ? -1.853  10.453  -4.420  1.00 39.44 ?  111 LEU   A CG    1 
ATOM   796  C CD1   . LEU   A 1 111 ? -2.676  9.624   -3.407  1.00 31.97 ?  111 LEU   A CD1   1 
ATOM   797  C CD2   . LEU   A 1 111 ? -2.712  10.969  -5.595  1.00 36.92 ?  111 LEU   A CD2   1 
ATOM   798  N N     . ARG   A 1 112 ? 1.656   13.489  -3.310  1.00 40.78 ?  112 ARG   A N     1 
ATOM   799  C CA    . ARG   A 1 112 ? 2.246   14.710  -2.783  1.00 43.60 ?  112 ARG   A CA    1 
ATOM   800  C C     . ARG   A 1 112 ? 3.758   14.609  -2.898  1.00 46.83 ?  112 ARG   A C     1 
ATOM   801  O O     . ARG   A 1 112 ? 4.309   13.578  -3.320  1.00 41.70 ?  112 ARG   A O     1 
ATOM   802  C CB    . ARG   A 1 112 ? 1.818   14.988  -1.335  1.00 41.79 ?  112 ARG   A CB    1 
ATOM   803  C CG    . ARG   A 1 112 ? 1.764   13.801  -0.442  1.00 48.88 ?  112 ARG   A CG    1 
ATOM   804  C CD    . ARG   A 1 112 ? 0.970   14.146  0.831   1.00 57.83 ?  112 ARG   A CD    1 
ATOM   805  N NE    . ARG   A 1 112 ? -0.468  13.935  0.663   1.00 55.24 ?  112 ARG   A NE    1 
ATOM   806  C CZ    . ARG   A 1 112 ? -1.420  14.650  1.257   1.00 60.97 ?  112 ARG   A CZ    1 
ATOM   807  N NH1   . ARG   A 1 112 ? -1.132  15.683  2.037   1.00 54.99 ?  112 ARG   A NH1   1 
ATOM   808  N NH2   . ARG   A 1 112 ? -2.697  14.317  1.067   1.00 56.67 ?  112 ARG   A NH2   1 
ATOM   809  N N     . ASP   A 1 113 ? 4.421   15.723  -2.565  1.00 42.92 ?  113 ASP   A N     1 
ATOM   810  C CA    . ASP   A 1 113 ? 5.867   15.712  -2.420  1.00 44.61 ?  113 ASP   A CA    1 
ATOM   811  C C     . ASP   A 1 113 ? 6.225   14.716  -1.338  1.00 44.13 ?  113 ASP   A C     1 
ATOM   812  O O     . ASP   A 1 113 ? 5.665   14.748  -0.236  1.00 46.89 ?  113 ASP   A O     1 
ATOM   813  C CB    . ASP   A 1 113 ? 6.401   17.103  -2.055  1.00 41.04 ?  113 ASP   A CB    1 
ATOM   814  C CG    . ASP   A 1 113 ? 6.053   18.138  -3.081  1.00 43.25 ?  113 ASP   A CG    1 
ATOM   815  O OD1   . ASP   A 1 113 ? 5.740   17.753  -4.219  1.00 47.62 ?  113 ASP   A OD1   1 
ATOM   816  O OD2   . ASP   A 1 113 ? 6.073   19.344  -2.755  1.00 56.32 ?  113 ASP   A OD2   1 
ATOM   817  N N     . ILE   A 1 114 ? 7.145   13.822  -1.665  1.00 40.65 ?  114 ILE   A N     1 
ATOM   818  C CA    . ILE   A 1 114 ? 7.634   12.810  -0.745  1.00 42.53 ?  114 ILE   A CA    1 
ATOM   819  C C     . ILE   A 1 114 ? 9.133   13.026  -0.590  1.00 43.39 ?  114 ILE   A C     1 
ATOM   820  O O     . ILE   A 1 114 ? 9.860   13.117  -1.590  1.00 42.93 ?  114 ILE   A O     1 
ATOM   821  C CB    . ILE   A 1 114 ? 7.317   11.389  -1.245  1.00 41.48 ?  114 ILE   A CB    1 
ATOM   822  C CG1   . ILE   A 1 114 ? 5.800   11.210  -1.426  1.00 41.18 ?  114 ILE   A CG1   1 
ATOM   823  C CG2   . ILE   A 1 114 ? 7.829   10.364  -0.254  1.00 39.16 ?  114 ILE   A CG2   1 
ATOM   824  C CD1   . ILE   A 1 114 ? 5.422   10.006  -2.303  1.00 36.85 ?  114 ILE   A CD1   1 
ATOM   825  N N     . ALA   A 1 115 ? 9.580   13.150  0.658   1.00 42.70 ?  115 ALA   A N     1 
ATOM   826  C CA    . ALA   A 1 115 ? 10.991  13.325  0.967   1.00 47.52 ?  115 ALA   A CA    1 
ATOM   827  C C     . ALA   A 1 115 ? 11.664  11.963  1.072   1.00 50.17 ?  115 ALA   A C     1 
ATOM   828  O O     . ALA   A 1 115 ? 11.025  10.966  1.432   1.00 45.29 ?  115 ALA   A O     1 
ATOM   829  C CB    . ALA   A 1 115 ? 11.160  14.100  2.273   1.00 42.59 ?  115 ALA   A CB    1 
ATOM   830  N N     . ALA   A 1 116 ? 12.956  11.923  0.745   1.00 44.87 ?  116 ALA   A N     1 
ATOM   831  C CA    . ALA   A 1 116 ? 13.693  10.671  0.824   1.00 42.31 ?  116 ALA   A CA    1 
ATOM   832  C C     . ALA   A 1 116 ? 13.623  10.104  2.241   1.00 45.48 ?  116 ALA   A C     1 
ATOM   833  O O     . ALA   A 1 116 ? 13.652  10.847  3.228   1.00 42.52 ?  116 ALA   A O     1 
ATOM   834  C CB    . ALA   A 1 116 ? 15.141  10.885  0.387   1.00 45.16 ?  116 ALA   A CB    1 
ATOM   835  N N     . GLY   A 1 117 ? 13.465  8.782   2.332   1.00 38.75 ?  117 GLY   A N     1 
ATOM   836  C CA    . GLY   A 1 117 ? 13.297  8.097   3.597   1.00 42.73 ?  117 GLY   A CA    1 
ATOM   837  C C     . GLY   A 1 117 ? 11.860  7.903   4.056   1.00 44.48 ?  117 GLY   A C     1 
ATOM   838  O O     . GLY   A 1 117 ? 11.627  7.107   4.975   1.00 47.36 ?  117 GLY   A O     1 
ATOM   839  N N     . GLU   A 1 118 ? 10.893  8.598   3.467   1.00 40.18 ?  118 GLU   A N     1 
ATOM   840  C CA    . GLU   A 1 118 ? 9.502   8.448   3.893   1.00 46.53 ?  118 GLU   A CA    1 
ATOM   841  C C     . GLU   A 1 118 ? 8.938   7.082   3.494   1.00 45.39 ?  118 GLU   A C     1 
ATOM   842  O O     . GLU   A 1 118 ? 9.190   6.589   2.392   1.00 41.86 ?  118 GLU   A O     1 
ATOM   843  C CB    . GLU   A 1 118 ? 8.634   9.531   3.254   1.00 46.57 ?  118 GLU   A CB    1 
ATOM   844  C CG    . GLU   A 1 118 ? 8.462   10.823  4.017   1.00 49.21 ?  118 GLU   A CG    1 
ATOM   845  C CD    . GLU   A 1 118 ? 7.450   11.736  3.325   1.00 50.24 ?  118 GLU   A CD    1 
ATOM   846  O OE1   . GLU   A 1 118 ? 6.230   11.578  3.590   1.00 58.00 ?  118 GLU   A OE1   1 
ATOM   847  O OE2   . GLU   A 1 118 ? 7.859   12.585  2.504   1.00 45.77 ?  118 GLU   A OE2   1 
ATOM   848  N N     . MET   A 1 119 ? 8.141   6.489   4.386   1.00 42.25 ?  119 MET   A N     1 
ATOM   849  C CA    . MET   A 1 119 ? 7.277   5.364   4.034   1.00 44.02 ?  119 MET   A CA    1 
ATOM   850  C C     . MET   A 1 119 ? 6.309   5.754   2.920   1.00 40.03 ?  119 MET   A C     1 
ATOM   851  O O     . MET   A 1 119 ? 5.748   6.853   2.928   1.00 41.01 ?  119 MET   A O     1 
ATOM   852  C CB    . MET   A 1 119 ? 6.480   4.931   5.270   1.00 41.31 ?  119 MET   A CB    1 
ATOM   853  C CG    . MET   A 1 119 ? 7.217   4.192   6.389   1.00 39.82 ?  119 MET   A CG    1 
ATOM   854  S SD    . MET   A 1 119 ? 8.779   3.378   5.995   1.00 42.86 ?  119 MET   A SD    1 
ATOM   855  C CE    . MET   A 1 119 ? 8.110   1.819   5.365   1.00 42.03 ?  119 MET   A CE    1 
ATOM   856  N N     . LEU   A 1 120 ? 6.100   4.841   1.971   1.00 35.81 ?  120 LEU   A N     1 
ATOM   857  C CA    . LEU   A 1 120 ? 5.070   5.011   0.952   1.00 41.73 ?  120 LEU   A CA    1 
ATOM   858  C C     . LEU   A 1 120 ? 3.754   4.414   1.438   1.00 43.56 ?  120 LEU   A C     1 
ATOM   859  O O     . LEU   A 1 120 ? 3.721   3.281   1.932   1.00 46.40 ?  120 LEU   A O     1 
ATOM   860  C CB    . LEU   A 1 120 ? 5.478   4.356   -0.366  1.00 35.52 ?  120 LEU   A CB    1 
ATOM   861  C CG    . LEU   A 1 120 ? 6.757   4.856   -1.032  1.00 42.63 ?  120 LEU   A CG    1 
ATOM   862  C CD1   . LEU   A 1 120 ? 6.910   4.210   -2.418  1.00 41.45 ?  120 LEU   A CD1   1 
ATOM   863  C CD2   . LEU   A 1 120 ? 6.757   6.372   -1.126  1.00 35.15 ?  120 LEU   A CD2   1 
ATOM   864  N N     . THR   A 1 121 ? 2.667   5.169   1.280   1.00 41.21 ?  121 THR   A N     1 
ATOM   865  C CA    . THR   A 1 121 ? 1.371   4.756   1.808   1.00 38.08 ?  121 THR   A CA    1 
ATOM   866  C C     . THR   A 1 121 ? 0.269   4.981   0.774   1.00 38.48 ?  121 THR   A C     1 
ATOM   867  O O     . THR   A 1 121 ? 0.205   6.046   0.145   1.00 36.42 ?  121 THR   A O     1 
ATOM   868  C CB    . THR   A 1 121 ? 1.052   5.515   3.114   1.00 37.76 ?  121 THR   A CB    1 
ATOM   869  O OG1   . THR   A 1 121 ? 0.975   6.922   2.852   1.00 38.13 ?  121 THR   A OG1   1 
ATOM   870  C CG2   . THR   A 1 121 ? 2.126   5.275   4.193   1.00 41.02 ?  121 THR   A CG2   1 
ATOM   871  N N     . MET   A 1 122 ? -0.599  3.979   0.597   1.00 37.71 ?  122 MET   A N     1 
ATOM   872  C CA    . MET   A 1 122 ? -1.819  4.132   -0.190  1.00 36.68 ?  122 MET   A CA    1 
ATOM   873  C C     . MET   A 1 122 ? -3.015  3.980   0.743   1.00 38.33 ?  122 MET   A C     1 
ATOM   874  O O     . MET   A 1 122 ? -2.912  3.374   1.818   1.00 37.33 ?  122 MET   A O     1 
ATOM   875  C CB    . MET   A 1 122 ? -1.992  3.059   -1.275  1.00 35.96 ?  122 MET   A CB    1 
ATOM   876  C CG    . MET   A 1 122 ? -1.677  1.661   -0.781  1.00 36.46 ?  122 MET   A CG    1 
ATOM   877  S SD    . MET   A 1 122 ? -1.443  0.450   -2.065  1.00 39.08 ?  122 MET   A SD    1 
ATOM   878  C CE    . MET   A 1 122 ? -3.106  0.502   -2.769  1.00 33.92 ?  122 MET   A CE    1 
ATOM   879  N N     . ASP   A 1 123 ? -4.171  4.492   0.312   1.00 36.77 ?  123 ASP   A N     1 
ATOM   880  C CA    . ASP   A 1 123 ? -5.446  4.151   0.952   1.00 37.95 ?  123 ASP   A CA    1 
ATOM   881  C C     . ASP   A 1 123 ? -5.871  2.775   0.441   1.00 35.44 ?  123 ASP   A C     1 
ATOM   882  O O     . ASP   A 1 123 ? -6.269  2.629   -0.721  1.00 32.81 ?  123 ASP   A O     1 
ATOM   883  C CB    . ASP   A 1 123 ? -6.508  5.208   0.649   1.00 34.30 ?  123 ASP   A CB    1 
ATOM   884  C CG    . ASP   A 1 123 ? -7.826  4.959   1.386   1.00 35.37 ?  123 ASP   A CG    1 
ATOM   885  O OD1   . ASP   A 1 123 ? -7.943  3.935   2.097   1.00 33.78 ?  123 ASP   A OD1   1 
ATOM   886  O OD2   . ASP   A 1 123 ? -8.757  5.789   1.249   1.00 35.97 ?  123 ASP   A OD2   1 
ATOM   887  N N     . TYR   A 1 124 ? -5.775  1.756   1.292   1.00 32.82 ?  124 TYR   A N     1 
ATOM   888  C CA    . TYR   A 1 124 ? -6.197  0.421   0.860   1.00 36.20 ?  124 TYR   A CA    1 
ATOM   889  C C     . TYR   A 1 124 ? -7.626  0.428   0.333   1.00 33.44 ?  124 TYR   A C     1 
ATOM   890  O O     . TYR   A 1 124 ? -7.962  -0.353  -0.566  1.00 33.77 ?  124 TYR   A O     1 
ATOM   891  C CB    . TYR   A 1 124 ? -6.099  -0.588  2.008   1.00 36.73 ?  124 TYR   A CB    1 
ATOM   892  C CG    . TYR   A 1 124 ? -4.695  -1.048  2.375   1.00 35.81 ?  124 TYR   A CG    1 
ATOM   893  C CD1   . TYR   A 1 124 ? -3.565  -0.494  1.782   1.00 33.45 ?  124 TYR   A CD1   1 
ATOM   894  C CD2   . TYR   A 1 124 ? -4.513  -2.022  3.350   1.00 37.46 ?  124 TYR   A CD2   1 
ATOM   895  C CE1   . TYR   A 1 124 ? -2.292  -0.910  2.145   1.00 35.26 ?  124 TYR   A CE1   1 
ATOM   896  C CE2   . TYR   A 1 124 ? -3.250  -2.449  3.718   1.00 36.89 ?  124 TYR   A CE2   1 
ATOM   897  C CZ    . TYR   A 1 124 ? -2.141  -1.895  3.118   1.00 37.04 ?  124 TYR   A CZ    1 
ATOM   898  O OH    . TYR   A 1 124 ? -0.887  -2.349  3.483   1.00 33.66 ?  124 TYR   A OH    1 
ATOM   899  N N     . ALA   A 1 125 ? -8.487  1.288   0.877   1.00 31.81 ?  125 ALA   A N     1 
ATOM   900  C CA    . ALA   A 1 125 ? -9.868  1.278   0.410   1.00 36.83 ?  125 ALA   A CA    1 
ATOM   901  C C     . ALA   A 1 125 ? -10.026 1.867   -0.991  1.00 40.27 ?  125 ALA   A C     1 
ATOM   902  O O     . ALA   A 1 125 ? -11.101 1.713   -1.586  1.00 35.43 ?  125 ALA   A O     1 
ATOM   903  C CB    . ALA   A 1 125 ? -10.772 2.017   1.398   1.00 35.99 ?  125 ALA   A CB    1 
ATOM   904  N N     . SER   A 1 126 ? -8.978  2.504   -1.538  1.00 35.14 ?  126 SER   A N     1 
ATOM   905  C CA    . SER   A 1 126 ? -9.075  3.113   -2.858  1.00 35.41 ?  126 SER   A CA    1 
ATOM   906  C C     . SER   A 1 126 ? -9.006  2.081   -3.979  1.00 35.86 ?  126 SER   A C     1 
ATOM   907  O O     . SER   A 1 126 ? -9.512  2.357   -5.069  1.00 35.95 ?  126 SER   A O     1 
ATOM   908  C CB    . SER   A 1 126 ? -7.970  4.166   -3.056  1.00 34.40 ?  126 SER   A CB    1 
ATOM   909  O OG    . SER   A 1 126 ? -6.691  3.550   -3.179  1.00 33.96 ?  126 SER   A OG    1 
ATOM   910  N N     . THR   A 1 127 ? -8.408  0.898   -3.738  1.00 32.79 ?  127 THR   A N     1 
ATOM   911  C CA    . THR   A 1 127 ? -8.364  -0.183  -4.722  1.00 32.89 ?  127 THR   A CA    1 
ATOM   912  C C     . THR   A 1 127 ? -9.099  -1.461  -4.293  1.00 36.93 ?  127 THR   A C     1 
ATOM   913  O O     . THR   A 1 127 ? -9.458  -2.269  -5.160  1.00 34.90 ?  127 THR   A O     1 
ATOM   914  C CB    . THR   A 1 127 ? -6.906  -0.566  -5.057  1.00 35.27 ?  127 THR   A CB    1 
ATOM   915  O OG1   . THR   A 1 127 ? -6.246  -1.014  -3.872  1.00 35.79 ?  127 THR   A OG1   1 
ATOM   916  C CG2   . THR   A 1 127 ? -6.103  0.623   -5.649  1.00 32.91 ?  127 THR   A CG2   1 
ATOM   917  N N     . GLU   A 1 128 ? -9.340  -1.669  -3.002  1.00 33.81 ?  128 GLU   A N     1 
ATOM   918  C CA    . GLU   A 1 128 ? -9.796  -2.958  -2.487  1.00 37.29 ?  128 GLU   A CA    1 
ATOM   919  C C     . GLU   A 1 128 ? -11.260 -2.896  -2.063  1.00 34.95 ?  128 GLU   A C     1 
ATOM   920  O O     . GLU   A 1 128 ? -11.642 -2.023  -1.280  1.00 34.39 ?  128 GLU   A O     1 
ATOM   921  C CB    . GLU   A 1 128 ? -8.928  -3.389  -1.301  1.00 36.45 ?  128 GLU   A CB    1 
ATOM   922  C CG    . GLU   A 1 128 ? -7.424  -3.284  -1.572  1.00 35.65 ?  128 GLU   A CG    1 
ATOM   923  C CD    . GLU   A 1 128 ? -6.991  -4.176  -2.723  1.00 35.67 ?  128 GLU   A CD    1 
ATOM   924  O OE1   . GLU   A 1 128 ? -7.181  -5.410  -2.613  1.00 32.82 ?  128 GLU   A OE1   1 
ATOM   925  O OE2   . GLU   A 1 128 ? -6.487  -3.644  -3.742  1.00 35.34 ?  128 GLU   A OE2   1 
ATOM   926  N N     . ASP   A 1 129 ? -12.076 -3.822  -2.582  1.00 32.85 ?  129 ASP   A N     1 
ATOM   927  C CA    . ASP   A 1 129 ? -13.422 -4.018  -2.034  1.00 32.95 ?  129 ASP   A CA    1 
ATOM   928  C C     . ASP   A 1 129 ? -13.348 -4.533  -0.594  1.00 35.66 ?  129 ASP   A C     1 
ATOM   929  O O     . ASP   A 1 129 ? -14.019 -4.009  0.306   1.00 34.49 ?  129 ASP   A O     1 
ATOM   930  C CB    . ASP   A 1 129 ? -14.206 -5.032  -2.879  1.00 35.60 ?  129 ASP   A CB    1 
ATOM   931  C CG    . ASP   A 1 129 ? -14.412 -4.595  -4.315  1.00 38.41 ?  129 ASP   A CG    1 
ATOM   932  O OD1   . ASP   A 1 129 ? -14.228 -3.397  -4.632  1.00 40.23 ?  129 ASP   A OD1   1 
ATOM   933  O OD2   . ASP   A 1 129 ? -14.759 -5.479  -5.132  1.00 40.18 ?  129 ASP   A OD2   1 
ATOM   934  N N     . VAL   A 1 130 ? -12.558 -5.589  -0.377  1.00 33.63 ?  130 VAL   A N     1 
ATOM   935  C CA    . VAL   A 1 130 ? -12.468 -6.309  0.895   1.00 36.69 ?  130 VAL   A CA    1 
ATOM   936  C C     . VAL   A 1 130 ? -10.999 -6.657  1.131   1.00 35.26 ?  130 VAL   A C     1 
ATOM   937  O O     . VAL   A 1 130 ? -10.272 -6.990  0.190   1.00 34.40 ?  130 VAL   A O     1 
ATOM   938  C CB    . VAL   A 1 130 ? -13.365 -7.577  0.896   1.00 40.41 ?  130 VAL   A CB    1 
ATOM   939  C CG1   . VAL   A 1 130 ? -13.364 -8.253  2.247   1.00 43.24 ?  130 VAL   A CG1   1 
ATOM   940  C CG2   . VAL   A 1 130 ? -14.830 -7.222  0.564   1.00 37.38 ?  130 VAL   A CG2   1 
ATOM   941  N N     . LEU   A 1 131 ? -10.548 -6.529  2.375   1.00 34.80 ?  131 LEU   A N     1 
ATOM   942  C CA    . LEU   A 1 131 ? -9.185  -6.916  2.714   1.00 33.40 ?  131 LEU   A CA    1 
ATOM   943  C C     . LEU   A 1 131 ? -9.130  -8.398  3.087   1.00 36.89 ?  131 LEU   A C     1 
ATOM   944  O O     . LEU   A 1 131 ? -10.145 -9.031  3.387   1.00 37.28 ?  131 LEU   A O     1 
ATOM   945  C CB    . LEU   A 1 131 ? -8.642  -6.066  3.863   1.00 33.87 ?  131 LEU   A CB    1 
ATOM   946  C CG    . LEU   A 1 131 ? -8.604  -4.538  3.594   1.00 39.86 ?  131 LEU   A CG    1 
ATOM   947  C CD1   . LEU   A 1 131 ? -8.097  -3.725  4.774   1.00 30.61 ?  131 LEU   A CD1   1 
ATOM   948  C CD2   . LEU   A 1 131 ? -7.778  -4.216  2.339   1.00 36.21 ?  131 LEU   A CD2   1 
ATOM   949  N N     . MET   A 1 132 ? -7.920  -8.954  3.020   1.00 39.97 ?  132 MET   A N     1 
ATOM   950  C CA    . MET   A 1 132 ? -7.667  -10.267 3.604   1.00 37.59 ?  132 MET   A CA    1 
ATOM   951  C C     . MET   A 1 132 ? -7.872  -10.245 5.105   1.00 39.01 ?  132 MET   A C     1 
ATOM   952  O O     . MET   A 1 132 ? -8.300  -11.240 5.698   1.00 38.12 ?  132 MET   A O     1 
ATOM   953  C CB    . MET   A 1 132 ? -6.242  -10.701 3.288   1.00 40.52 ?  132 MET   A CB    1 
ATOM   954  C CG    . MET   A 1 132 ? -6.159  -11.893 2.409   1.00 49.87 ?  132 MET   A CG    1 
ATOM   955  S SD    . MET   A 1 132 ? -6.699  -13.424 3.136   1.00 54.93 ?  132 MET   A SD    1 
ATOM   956  C CE    . MET   A 1 132 ? -5.708  -13.345 4.648   1.00 56.96 ?  132 MET   A CE    1 
ATOM   957  N N     . ARG   A 1 133 ? -7.545  -9.127  5.740   1.00 38.17 ?  133 ARG   A N     1 
ATOM   958  C CA    . ARG   A 1 133 ? -7.758  -8.974  7.169   1.00 36.83 ?  133 ARG   A CA    1 
ATOM   959  C C     . ARG   A 1 133 ? -7.906  -7.493  7.467   1.00 35.89 ?  133 ARG   A C     1 
ATOM   960  O O     . ARG   A 1 133 ? -7.273  -6.643  6.823   1.00 40.18 ?  133 ARG   A O     1 
ATOM   961  C CB    . ARG   A 1 133 ? -6.605  -9.589  7.985   1.00 35.77 ?  133 ARG   A CB    1 
ATOM   962  C CG    . ARG   A 1 133 ? -5.291  -8.790  7.919   1.00 38.27 ?  133 ARG   A CG    1 
ATOM   963  C CD    . ARG   A 1 133 ? -4.047  -9.654  8.188   1.00 37.49 ?  133 ARG   A CD    1 
ATOM   964  N NE    . ARG   A 1 133 ? -2.865  -8.833  8.442   1.00 40.79 ?  133 ARG   A NE    1 
ATOM   965  C CZ    . ARG   A 1 133 ? -1.656  -9.312  8.728   1.00 44.15 ?  133 ARG   A CZ    1 
ATOM   966  N NH1   . ARG   A 1 133 ? -1.441  -10.607 8.866   1.00 37.35 ?  133 ARG   A NH1   1 
ATOM   967  N NH2   . ARG   A 1 133 ? -0.634  -8.465  8.871   1.00 40.92 ?  133 ARG   A NH2   1 
ATOM   968  N N     . GLN   A 1 134 ? -8.765  -7.194  8.428   1.00 35.23 ?  134 GLN   A N     1 
ATOM   969  C CA    . GLN   A 1 134 ? -8.916  -5.854  8.966   1.00 37.19 ?  134 GLN   A CA    1 
ATOM   970  C C     . GLN   A 1 134 ? -7.883  -5.638  10.078  1.00 42.91 ?  134 GLN   A C     1 
ATOM   971  O O     . GLN   A 1 134 ? -7.359  -6.589  10.669  1.00 43.49 ?  134 GLN   A O     1 
ATOM   972  C CB    . GLN   A 1 134 ? -10.345 -5.641  9.482   1.00 35.42 ?  134 GLN   A CB    1 
ATOM   973  C CG    . GLN   A 1 134 ? -11.426 -6.220  8.550   1.00 38.14 ?  134 GLN   A CG    1 
ATOM   974  C CD    . GLN   A 1 134 ? -12.863 -5.924  9.009   1.00 39.46 ?  134 GLN   A CD    1 
ATOM   975  O OE1   . GLN   A 1 134 ? -13.090 -5.229  10.009  1.00 35.55 ?  134 GLN   A OE1   1 
ATOM   976  N NE2   . GLN   A 1 134 ? -13.838 -6.456  8.272   1.00 37.40 ?  134 GLN   A NE2   1 
ATOM   977  N N     . PHE   A 1 135 ? -7.573  -4.373  10.348  1.00 38.62 ?  135 PHE   A N     1 
ATOM   978  C CA    . PHE   A 1 135 ? -6.537  -4.067  11.323  1.00 42.90 ?  135 PHE   A CA    1 
ATOM   979  C C     . PHE   A 1 135 ? -6.734  -2.665  11.865  1.00 40.97 ?  135 PHE   A C     1 
ATOM   980  O O     . PHE   A 1 135 ? -7.302  -1.792  11.198  1.00 40.92 ?  135 PHE   A O     1 
ATOM   981  C CB    . PHE   A 1 135 ? -5.144  -4.190  10.708  1.00 43.65 ?  135 PHE   A CB    1 
ATOM   982  C CG    . PHE   A 1 135 ? -4.926  -3.315  9.493   1.00 41.89 ?  135 PHE   A CG    1 
ATOM   983  C CD1   . PHE   A 1 135 ? -4.442  -2.017  9.626   1.00 40.59 ?  135 PHE   A CD1   1 
ATOM   984  C CD2   . PHE   A 1 135 ? -5.185  -3.803  8.222   1.00 39.71 ?  135 PHE   A CD2   1 
ATOM   985  C CE1   . PHE   A 1 135 ? -4.217  -1.218  8.492   1.00 44.17 ?  135 PHE   A CE1   1 
ATOM   986  C CE2   . PHE   A 1 135 ? -4.977  -3.018  7.089   1.00 39.63 ?  135 PHE   A CE2   1 
ATOM   987  C CZ    . PHE   A 1 135 ? -4.487  -1.725  7.222   1.00 41.41 ?  135 PHE   A CZ    1 
ATOM   988  N N     . GLU   A 1 136 ? -6.270  -2.463  13.089  1.00 39.64 ?  136 GLU   A N     1 
ATOM   989  C CA    . GLU   A 1 136 ? -6.274  -1.137  13.672  1.00 43.04 ?  136 GLU   A CA    1 
ATOM   990  C C     . GLU   A 1 136 ? -5.132  -0.327  13.066  1.00 39.15 ?  136 GLU   A C     1 
ATOM   991  O O     . GLU   A 1 136 ? -4.024  -0.833  12.867  1.00 37.03 ?  136 GLU   A O     1 
ATOM   992  C CB    . GLU   A 1 136 ? -6.163  -1.210  15.203  1.00 46.07 ?  136 GLU   A CB    1 
ATOM   993  C CG    . GLU   A 1 136 ? -4.798  -0.908  15.790  1.00 51.43 ?  136 GLU   A CG    1 
ATOM   994  C CD    . GLU   A 1 136 ? -4.789  -0.849  17.330  1.00 57.53 ?  136 GLU   A CD    1 
ATOM   995  O OE1   . GLU   A 1 136 ? -5.273  0.152   17.911  1.00 56.12 ?  136 GLU   A OE1   1 
ATOM   996  O OE2   . GLU   A 1 136 ? -4.261  -1.796  17.953  1.00 54.86 ?  136 GLU   A OE2   1 
ATOM   997  N N     . CYS   A 1 137 ? -5.421  0.926   12.753  1.00 38.22 ?  137 CYS   A N     1 
ATOM   998  C CA    . CYS   A 1 137 ? -4.532  1.728   11.932  1.00 38.88 ?  137 CYS   A CA    1 
ATOM   999  C C     . CYS   A 1 137 ? -3.553  2.521   12.781  1.00 46.81 ?  137 CYS   A C     1 
ATOM   1000 O O     . CYS   A 1 137 ? -3.947  3.201   13.733  1.00 46.74 ?  137 CYS   A O     1 
ATOM   1001 C CB    . CYS   A 1 137 ? -5.331  2.691   11.076  1.00 39.51 ?  137 CYS   A CB    1 
ATOM   1002 S SG    . CYS   A 1 137 ? -4.287  3.524   9.903   1.00 37.85 ?  137 CYS   A SG    1 
ATOM   1003 N N     . HIS   A 1 138 ? -2.280  2.476   12.391  1.00 44.18 ?  138 HIS   A N     1 
ATOM   1004 C CA    . HIS   A 1 138 ? -1.229  3.229   13.058  1.00 48.03 ?  138 HIS   A CA    1 
ATOM   1005 C C     . HIS   A 1 138 ? -0.655  4.321   12.163  1.00 48.59 ?  138 HIS   A C     1 
ATOM   1006 O O     . HIS   A 1 138 ? 0.517   4.675   12.299  1.00 49.89 ?  138 HIS   A O     1 
ATOM   1007 C CB    . HIS   A 1 138 ? -0.115  2.290   13.523  1.00 43.00 ?  138 HIS   A CB    1 
ATOM   1008 C CG    . HIS   A 1 138 ? -0.578  1.249   14.496  1.00 43.69 ?  138 HIS   A CG    1 
ATOM   1009 N ND1   . HIS   A 1 138 ? -1.294  1.559   15.633  1.00 48.80 ?  138 HIS   A ND1   1 
ATOM   1010 C CD2   . HIS   A 1 138 ? -0.430  -0.096  14.498  1.00 46.02 ?  138 HIS   A CD2   1 
ATOM   1011 C CE1   . HIS   A 1 138 ? -1.565  0.448   16.296  1.00 50.02 ?  138 HIS   A CE1   1 
ATOM   1012 N NE2   . HIS   A 1 138 ? -1.049  -0.571  15.631  1.00 49.02 ?  138 HIS   A NE2   1 
ATOM   1013 N N     . CYS   A 1 139 ? -1.463  4.869   11.247  1.00 46.11 ?  139 CYS   A N     1 
ATOM   1014 C CA    . CYS   A 1 139 ? -0.919  5.838   10.301  1.00 47.47 ?  139 CYS   A CA    1 
ATOM   1015 C C     . CYS   A 1 139 ? -0.657  7.192   10.950  1.00 45.34 ?  139 CYS   A C     1 
ATOM   1016 O O     . CYS   A 1 139 ? 0.124   7.975   10.408  1.00 49.40 ?  139 CYS   A O     1 
ATOM   1017 C CB    . CYS   A 1 139 ? -1.842  6.014   9.073   1.00 38.27 ?  139 CYS   A CB    1 
ATOM   1018 S SG    . CYS   A 1 139 ? -3.300  7.106   9.267   1.00 40.54 ?  139 CYS   A SG    1 
ATOM   1019 N N     . GLY   A 1 140 ? -1.290  7.489   12.088  1.00 49.45 ?  140 GLY   A N     1 
ATOM   1020 C CA    . GLY   A 1 140 ? -1.054  8.725   12.808  1.00 43.75 ?  140 GLY   A CA    1 
ATOM   1021 C C     . GLY   A 1 140 ? -1.762  9.956   12.280  1.00 53.53 ?  140 GLY   A C     1 
ATOM   1022 O O     . GLY   A 1 140 ? -1.723  11.000  12.948  1.00 53.84 ?  140 GLY   A O     1 
ATOM   1023 N N     . ALA   A 1 141 ? -2.411  9.878   11.118  1.00 54.47 ?  141 ALA   A N     1 
ATOM   1024 C CA    . ALA   A 1 141 ? -3.069  11.026  10.502  1.00 55.83 ?  141 ALA   A CA    1 
ATOM   1025 C C     . ALA   A 1 141 ? -4.116  11.624  11.432  1.00 55.87 ?  141 ALA   A C     1 
ATOM   1026 O O     . ALA   A 1 141 ? -4.742  10.894  12.211  1.00 53.37 ?  141 ALA   A O     1 
ATOM   1027 C CB    . ALA   A 1 141 ? -3.719  10.625  9.174   1.00 53.39 ?  141 ALA   A CB    1 
ATOM   1028 N N     . PRO   A 1 142 ? -4.341  12.941  11.375  1.00 60.62 ?  142 PRO   A N     1 
ATOM   1029 C CA    . PRO   A 1 142 ? -5.344  13.551  12.267  1.00 60.50 ?  142 PRO   A CA    1 
ATOM   1030 C C     . PRO   A 1 142 ? -6.713  12.948  12.096  1.00 61.84 ?  142 PRO   A C     1 
ATOM   1031 O O     . PRO   A 1 142 ? -7.553  13.065  13.000  1.00 62.30 ?  142 PRO   A O     1 
ATOM   1032 C CB    . PRO   A 1 142 ? -5.343  15.036  11.870  1.00 56.90 ?  142 PRO   A CB    1 
ATOM   1033 C CG    . PRO   A 1 142 ? -4.130  15.242  11.052  1.00 60.24 ?  142 PRO   A CG    1 
ATOM   1034 C CD    . PRO   A 1 142 ? -3.652  13.926  10.525  1.00 60.50 ?  142 PRO   A CD    1 
ATOM   1035 N N     . ASN   A 1 143 ? -6.954  12.279  10.973  1.00 62.43 ?  143 ASN   A N     1 
ATOM   1036 C CA    . ASN   A 1 143 ? -8.284  11.823  10.611  1.00 58.04 ?  143 ASN   A CA    1 
ATOM   1037 C C     . ASN   A 1 143 ? -8.347  10.314  10.403  1.00 56.09 ?  143 ASN   A C     1 
ATOM   1038 O O     . ASN   A 1 143 ? -9.223  9.857   9.661   1.00 56.19 ?  143 ASN   A O     1 
ATOM   1039 C CB    . ASN   A 1 143 ? -8.747  12.542  9.341   1.00 62.61 ?  143 ASN   A CB    1 
ATOM   1040 C CG    . ASN   A 1 143 ? -9.274  13.933  9.618   1.00 67.77 ?  143 ASN   A CG    1 
ATOM   1041 O OD1   . ASN   A 1 143 ? -10.034 14.147  10.569  1.00 64.74 ?  143 ASN   A OD1   1 
ATOM   1042 N ND2   . ASN   A 1 143 ? -8.900  14.887  8.768   1.00 67.67 ?  143 ASN   A ND2   1 
ATOM   1043 N N     . CYS   A 1 144 ? -7.481  9.573   11.062  1.00 45.93 ?  144 CYS   A N     1 
ATOM   1044 C CA    . CYS   A 1 144 ? -7.456  8.122   10.967  1.00 50.77 ?  144 CYS   A CA    1 
ATOM   1045 C C     . CYS   A 1 144 ? -8.807  7.403   11.144  1.00 48.67 ?  144 CYS   A C     1 
ATOM   1046 O O     . CYS   A 1 144 ? -9.477  7.642   12.145  1.00 51.62 ?  144 CYS   A O     1 
ATOM   1047 C CB    . CYS   A 1 144 ? -6.473  7.709   12.066  1.00 50.45 ?  144 CYS   A CB    1 
ATOM   1048 S SG    . CYS   A 1 144 ? -6.024  5.984   12.272  1.00 64.51 ?  144 CYS   A SG    1 
ATOM   1049 N N     . ARG   A 1 145 ? -9.257  6.586   10.173  1.00 43.58 ?  145 ARG   A N     1 
ATOM   1050 C CA    . ARG   A 1 145 ? -10.446 5.779   10.375  1.00 49.59 ?  145 ARG   A CA    1 
ATOM   1051 C C     . ARG   A 1 145 ? -10.293 4.872   11.588  1.00 46.34 ?  145 ARG   A C     1 
ATOM   1052 O O     . ARG   A 1 145 ? -11.286 4.289   12.027  1.00 44.81 ?  145 ARG   A O     1 
ATOM   1053 C CB    . ARG   A 1 145 ? -10.731 4.954   9.113   1.00 44.35 ?  145 ARG   A CB    1 
ATOM   1054 C CG    . ARG   A 1 145 ? -10.817 5.792   7.852   1.00 43.42 ?  145 ARG   A CG    1 
ATOM   1055 C CD    . ARG   A 1 145 ? -11.192 4.935   6.639   1.00 43.19 ?  145 ARG   A CD    1 
ATOM   1056 N NE    . ARG   A 1 145 ? -11.023 5.708   5.419   1.00 42.18 ?  145 ARG   A NE    1 
ATOM   1057 C CZ    . ARG   A 1 145 ? -10.247 5.352   4.405   1.00 41.40 ?  145 ARG   A CZ    1 
ATOM   1058 N NH1   . ARG   A 1 145 ? -9.699  4.146   4.337   1.00 42.00 ?  145 ARG   A NH1   1 
ATOM   1059 N NH2   . ARG   A 1 145 ? -10.029 6.225   3.424   1.00 38.87 ?  145 ARG   A NH2   1 
ATOM   1060 N N     . ARG   A 1 146 ? -9.064  4.739   12.113  1.00 41.57 ?  146 ARG   A N     1 
ATOM   1061 C CA    . ARG   A 1 146 ? -8.688  3.947   13.287  1.00 41.48 ?  146 ARG   A CA    1 
ATOM   1062 C C     . ARG   A 1 146 ? -8.773  2.442   13.039  1.00 42.76 ?  146 ARG   A C     1 
ATOM   1063 O O     . ARG   A 1 146 ? -7.930  1.678   13.530  1.00 39.91 ?  146 ARG   A O     1 
ATOM   1064 C CB    . ARG   A 1 146 ? -9.530  4.331   14.516  1.00 42.25 ?  146 ARG   A CB    1 
ATOM   1065 C CG    . ARG   A 1 146 ? -9.474  5.809   14.857  1.00 43.83 ?  146 ARG   A CG    1 
ATOM   1066 C CD    . ARG   A 1 146 ? -8.026  6.259   14.988  1.00 40.87 ?  146 ARG   A CD    1 
ATOM   1067 N NE    . ARG   A 1 146 ? -7.329  5.738   16.156  1.00 50.70 ?  146 ARG   A NE    1 
ATOM   1068 C CZ    . ARG   A 1 146 ? -7.413  6.249   17.381  1.00 51.24 ?  146 ARG   A CZ    1 
ATOM   1069 N NH1   . ARG   A 1 146 ? -8.110  7.342   17.630  1.00 49.15 ?  146 ARG   A NH1   1 
ATOM   1070 N NH2   . ARG   A 1 146 ? -6.756  5.654   18.375  1.00 50.69 ?  146 ARG   A NH2   1 
ATOM   1071 N N     . TRP   A 1 147 ? -9.772  2.006   12.274  1.00 39.90 ?  147 TRP   A N     1 
ATOM   1072 C CA    . TRP   A 1 147 ? -9.941  0.608   11.917  1.00 36.98 ?  147 TRP   A CA    1 
ATOM   1073 C C     . TRP   A 1 147 ? -10.141 0.516   10.415  1.00 37.64 ?  147 TRP   A C     1 
ATOM   1074 O O     . TRP   A 1 147 ? -11.034 1.175   9.870   1.00 41.16 ?  147 TRP   A O     1 
ATOM   1075 C CB    . TRP   A 1 147 ? -11.126 -0.006  12.633  1.00 34.66 ?  147 TRP   A CB    1 
ATOM   1076 C CG    . TRP   A 1 147 ? -11.156 -1.489  12.499  1.00 40.41 ?  147 TRP   A CG    1 
ATOM   1077 C CD1   . TRP   A 1 147 ? -11.850 -2.212  11.570  1.00 36.56 ?  147 TRP   A CD1   1 
ATOM   1078 C CD2   . TRP   A 1 147 ? -10.477 -2.444  13.324  1.00 41.71 ?  147 TRP   A CD2   1 
ATOM   1079 N NE1   . TRP   A 1 147 ? -11.634 -3.556  11.758  1.00 36.86 ?  147 TRP   A NE1   1 
ATOM   1080 C CE2   . TRP   A 1 147 ? -10.791 -3.727  12.826  1.00 42.02 ?  147 TRP   A CE2   1 
ATOM   1081 C CE3   . TRP   A 1 147 ? -9.626  -2.339  14.426  1.00 43.72 ?  147 TRP   A CE3   1 
ATOM   1082 C CZ2   . TRP   A 1 147 ? -10.296 -4.893  13.400  1.00 39.69 ?  147 TRP   A CZ2   1 
ATOM   1083 C CZ3   . TRP   A 1 147 ? -9.128  -3.501  14.993  1.00 43.58 ?  147 TRP   A CZ3   1 
ATOM   1084 C CH2   . TRP   A 1 147 ? -9.469  -4.761  14.482  1.00 43.22 ?  147 TRP   A CH2   1 
ATOM   1085 N N     . ILE   A 1 148 ? -9.326  -0.306  9.757   1.00 37.44 ?  148 ILE   A N     1 
ATOM   1086 C CA    . ILE   A 1 148 ? -9.162  -0.269  8.306   1.00 36.74 ?  148 ILE   A CA    1 
ATOM   1087 C C     . ILE   A 1 148 ? -9.819  -1.491  7.671   1.00 37.03 ?  148 ILE   A C     1 
ATOM   1088 O O     . ILE   A 1 148 ? -9.548  -2.637  8.060   1.00 35.37 ?  148 ILE   A O     1 
ATOM   1089 C CB    . ILE   A 1 148 ? -7.677  -0.189  7.920   1.00 37.26 ?  148 ILE   A CB    1 
ATOM   1090 C CG1   . ILE   A 1 148 ? -7.028  0.993   8.639   1.00 38.65 ?  148 ILE   A CG1   1 
ATOM   1091 C CG2   . ILE   A 1 148 ? -7.534  -0.001  6.400   1.00 35.79 ?  148 ILE   A CG2   1 
ATOM   1092 C CD1   . ILE   A 1 148 ? -7.760  2.271   8.360   1.00 35.08 ?  148 ILE   A CD1   1 
ATOM   1093 N N     . THR   A 1 149 ? -10.645 -1.238  6.656   1.00 37.84 ?  149 THR   A N     1 
ATOM   1094 C CA    . THR   A 1 149 ? -11.356 -2.252  5.883   1.00 38.54 ?  149 THR   A CA    1 
ATOM   1095 C C     . THR   A 1 149 ? -11.226 -1.927  4.402   1.00 38.35 ?  149 THR   A C     1 
ATOM   1096 O O     . THR   A 1 149 ? -10.747 -0.857  4.017   1.00 33.86 ?  149 THR   A O     1 
ATOM   1097 C CB    . THR   A 1 149 ? -12.847 -2.280  6.231   1.00 39.35 ?  149 THR   A CB    1 
ATOM   1098 O OG1   . THR   A 1 149 ? -13.382 -0.969  5.992   1.00 39.82 ?  149 THR   A OG1   1 
ATOM   1099 C CG2   . THR   A 1 149 ? -13.078 -2.646  7.697   1.00 36.76 ?  149 THR   A CG2   1 
ATOM   1100 N N     . GLY   A 1 150 ? -11.684 -2.851  3.562   1.00 38.74 ?  150 GLY   A N     1 
ATOM   1101 C CA    . GLY   A 1 150 ? -11.958 -2.501  2.188   1.00 35.85 ?  150 GLY   A CA    1 
ATOM   1102 C C     . GLY   A 1 150 ? -13.047 -1.451  2.096   1.00 38.11 ?  150 GLY   A C     1 
ATOM   1103 O O     . GLY   A 1 150 ? -13.778 -1.178  3.052   1.00 35.84 ?  150 GLY   A O     1 
ATOM   1104 N N     . ALA   A 1 151 ? -13.168 -0.849  0.917   1.00 33.63 ?  151 ALA   A N     1 
ATOM   1105 C CA    . ALA   A 1 151 ? -14.201 0.165   0.761   1.00 34.97 ?  151 ALA   A CA    1 
ATOM   1106 C C     . ALA   A 1 151 ? -15.598 -0.437  0.884   1.00 35.28 ?  151 ALA   A C     1 
ATOM   1107 O O     . ALA   A 1 151 ? -16.517 0.235   1.359   1.00 34.64 ?  151 ALA   A O     1 
ATOM   1108 C CB    . ALA   A 1 151 ? -14.045 0.884   -0.579  1.00 30.76 ?  151 ALA   A CB    1 
ATOM   1109 N N     . LYS   A 1 152 ? -15.779 -1.691  0.464   1.00 30.51 ?  152 LYS   A N     1 
ATOM   1110 C CA    . LYS   A 1 152 ? -17.092 -2.327  0.447   1.00 37.54 ?  152 LYS   A CA    1 
ATOM   1111 C C     . LYS   A 1 152 ? -17.273 -3.297  1.611   1.00 36.33 ?  152 LYS   A C     1 
ATOM   1112 O O     . LYS   A 1 152 ? -18.017 -4.274  1.492   1.00 38.25 ?  152 LYS   A O     1 
ATOM   1113 C CB    . LYS   A 1 152 ? -17.320 -3.039  -0.892  1.00 34.48 ?  152 LYS   A CB    1 
ATOM   1114 C CG    . LYS   A 1 152 ? -17.110 -2.117  -2.108  1.00 39.23 ?  152 LYS   A CG    1 
ATOM   1115 C CD    . LYS   A 1 152 ? -17.487 -2.775  -3.443  1.00 30.99 ?  152 LYS   A CD    1 
ATOM   1116 C CE    . LYS   A 1 152 ? -17.258 -1.806  -4.615  1.00 38.39 ?  152 LYS   A CE    1 
ATOM   1117 N NZ    . LYS   A 1 152 ? -17.630 -2.367  -5.963  1.00 39.44 ?  152 LYS   A NZ    1 
ATOM   1118 N N     . GLU   A 1 153 ? -16.592 -3.044  2.731   1.00 36.99 ?  153 GLU   A N     1 
ATOM   1119 C CA    . GLU   A 1 153 ? -16.440 -3.997  3.826   1.00 38.77 ?  153 GLU   A CA    1 
ATOM   1120 C C     . GLU   A 1 153 ? -16.801 -3.306  5.136   1.00 40.76 ?  153 GLU   A C     1 
ATOM   1121 O O     . GLU   A 1 153 ? -16.233 -2.260  5.469   1.00 37.57 ?  153 GLU   A O     1 
ATOM   1122 C CB    . GLU   A 1 153 ? -14.997 -4.533  3.893   1.00 38.11 ?  153 GLU   A CB    1 
ATOM   1123 C CG    . GLU   A 1 153 ? -14.736 -5.571  4.992   1.00 38.44 ?  153 GLU   A CG    1 
ATOM   1124 C CD    . GLU   A 1 153 ? -13.303 -6.130  4.979   1.00 38.31 ?  153 GLU   A CD    1 
ATOM   1125 O OE1   . GLU   A 1 153 ? -12.407 -5.491  4.375   1.00 35.32 ?  153 GLU   A OE1   1 
ATOM   1126 O OE2   . GLU   A 1 153 ? -13.077 -7.215  5.572   1.00 37.16 ?  153 GLU   A OE2   1 
ATOM   1127 N N     . LEU   A 1 154 ? -17.747 -3.886  5.872   1.00 40.30 ?  154 LEU   A N     1 
ATOM   1128 C CA    . LEU   A 1 154 ? -18.073 -3.357  7.191   1.00 38.43 ?  154 LEU   A CA    1 
ATOM   1129 C C     . LEU   A 1 154 ? -16.990 -3.755  8.196   1.00 35.31 ?  154 LEU   A C     1 
ATOM   1130 O O     . LEU   A 1 154 ? -16.417 -4.847  8.102   1.00 38.94 ?  154 LEU   A O     1 
ATOM   1131 C CB    . LEU   A 1 154 ? -19.432 -3.888  7.657   1.00 38.55 ?  154 LEU   A CB    1 
ATOM   1132 C CG    . LEU   A 1 154 ? -20.655 -3.546  6.797   1.00 39.54 ?  154 LEU   A CG    1 
ATOM   1133 C CD1   . LEU   A 1 154 ? -21.835 -4.435  7.200   1.00 38.52 ?  154 LEU   A CD1   1 
ATOM   1134 C CD2   . LEU   A 1 154 ? -21.035 -2.078  6.949   1.00 35.86 ?  154 LEU   A CD2   1 
ATOM   1135 N N     . PRO   A 1 155 ? -16.667 -2.886  9.154   1.00 38.57 ?  155 PRO   A N     1 
ATOM   1136 C CA    . PRO   A 1 155 ? -15.831 -3.335  10.278  1.00 37.28 ?  155 PRO   A CA    1 
ATOM   1137 C C     . PRO   A 1 155 ? -16.451 -4.563  10.941  1.00 37.30 ?  155 PRO   A C     1 
ATOM   1138 O O     . PRO   A 1 155 ? -17.659 -4.613  11.186  1.00 35.06 ?  155 PRO   A O     1 
ATOM   1139 C CB    . PRO   A 1 155 ? -15.816 -2.129  11.223  1.00 39.93 ?  155 PRO   A CB    1 
ATOM   1140 C CG    . PRO   A 1 155 ? -16.179 -0.923  10.334  1.00 41.14 ?  155 PRO   A CG    1 
ATOM   1141 C CD    . PRO   A 1 155 ? -17.102 -1.479  9.290   1.00 41.57 ?  155 PRO   A CD    1 
ATOM   1142 N N     . ASN   A 1 156 ? -15.620 -5.568  11.210  1.00 35.66 ?  156 ASN   A N     1 
ATOM   1143 C CA    . ASN   A 1 156 ? -16.110 -6.740  11.924  1.00 40.00 ?  156 ASN   A CA    1 
ATOM   1144 C C     . ASN   A 1 156 ? -16.350 -6.400  13.410  1.00 42.89 ?  156 ASN   A C     1 
ATOM   1145 O O     . ASN   A 1 156 ? -16.202 -5.255  13.862  1.00 40.62 ?  156 ASN   A O     1 
ATOM   1146 C CB    . ASN   A 1 156 ? -15.139 -7.906  11.746  1.00 37.89 ?  156 ASN   A CB    1 
ATOM   1147 C CG    . ASN   A 1 156 ? -13.742 -7.621  12.326  1.00 41.07 ?  156 ASN   A CG    1 
ATOM   1148 O OD1   . ASN   A 1 156 ? -13.575 -6.848  13.285  1.00 38.93 ?  156 ASN   A OD1   1 
ATOM   1149 N ND2   . ASN   A 1 156 ? -12.729 -8.250  11.732  1.00 39.63 ?  156 ASN   A ND2   1 
ATOM   1150 N N     . ASP   A 1 157 ? -16.703 -7.417  14.193  1.00 41.50 ?  157 ASP   A N     1 
ATOM   1151 C CA    . ASP   A 1 157 ? -17.181 -7.134  15.543  1.00 46.67 ?  157 ASP   A CA    1 
ATOM   1152 C C     . ASP   A 1 157 ? -16.050 -6.657  16.459  1.00 43.37 ?  157 ASP   A C     1 
ATOM   1153 O O     . ASP   A 1 157 ? -16.288 -5.848  17.360  1.00 45.72 ?  157 ASP   A O     1 
ATOM   1154 C CB    . ASP   A 1 157 ? -17.898 -8.368  16.099  1.00 53.46 ?  157 ASP   A CB    1 
ATOM   1155 C CG    . ASP   A 1 157 ? -16.942 -9.432  16.578  1.00 55.78 ?  157 ASP   A CG    1 
ATOM   1156 O OD1   . ASP   A 1 157 ? -16.241 -10.053 15.743  1.00 58.06 ?  157 ASP   A OD1   1 
ATOM   1157 O OD2   . ASP   A 1 157 ? -16.900 -9.651  17.802  1.00 63.62 ?  157 ASP   A OD2   1 
ATOM   1158 N N     . ILE   A 1 158 ? -14.820 -7.112  16.226  1.00 43.05 ?  158 ILE   A N     1 
ATOM   1159 C CA    . ILE   A 1 158 ? -13.661 -6.519  16.890  1.00 42.58 ?  158 ILE   A CA    1 
ATOM   1160 C C     . ILE   A 1 158 ? -13.527 -5.049  16.519  1.00 46.21 ?  158 ILE   A C     1 
ATOM   1161 O O     . ILE   A 1 158 ? -13.342 -4.186  17.386  1.00 44.30 ?  158 ILE   A O     1 
ATOM   1162 C CB    . ILE   A 1 158 ? -12.382 -7.294  16.527  1.00 43.27 ?  158 ILE   A CB    1 
ATOM   1163 C CG1   . ILE   A 1 158 ? -12.606 -8.798  16.720  1.00 45.63 ?  158 ILE   A CG1   1 
ATOM   1164 C CG2   . ILE   A 1 158 ? -11.181 -6.748  17.307  1.00 39.23 ?  158 ILE   A CG2   1 
ATOM   1165 C CD1   . ILE   A 1 158 ? -11.448 -9.657  16.259  1.00 45.19 ?  158 ILE   A CD1   1 
ATOM   1166 N N     . GLY   A 1 159 ? -13.560 -4.752  15.220  1.00 43.93 ?  159 GLY   A N     1 
ATOM   1167 C CA    . GLY   A 1 159 ? -13.457 -3.369  14.790  1.00 42.75 ?  159 GLY   A CA    1 
ATOM   1168 C C     . GLY   A 1 159 ? -14.562 -2.501  15.349  1.00 43.26 ?  159 GLY   A C     1 
ATOM   1169 O O     . GLY   A 1 159 ? -14.312 -1.382  15.804  1.00 45.67 ?  159 GLY   A O     1 
ATOM   1170 N N     . GLN   A 1 160 ? -15.806 -3.005  15.348  1.00 40.19 ?  160 GLN   A N     1 
ATOM   1171 C CA    . GLN   A 1 160 ? -16.885 -2.196  15.923  1.00 47.96 ?  160 GLN   A CA    1 
ATOM   1172 C C     . GLN   A 1 160 ? -16.664 -1.953  17.414  1.00 44.62 ?  160 GLN   A C     1 
ATOM   1173 O O     . GLN   A 1 160 ? -16.954 -0.861  17.915  1.00 45.73 ?  160 GLN   A O     1 
ATOM   1174 C CB    . GLN   A 1 160 ? -18.265 -2.819  15.672  1.00 43.72 ?  160 GLN   A CB    1 
ATOM   1175 C CG    . GLN   A 1 160 ? -18.458 -3.308  14.245  1.00 48.57 ?  160 GLN   A CG    1 
ATOM   1176 C CD    . GLN   A 1 160 ? -18.905 -2.183  13.298  1.00 56.24 ?  160 GLN   A CD    1 
ATOM   1177 O OE1   . GLN   A 1 160 ? -18.711 -0.986  13.586  1.00 54.60 ?  160 GLN   A OE1   1 
ATOM   1178 N NE2   . GLN   A 1 160 ? -19.455 -2.564  12.139  1.00 57.28 ?  160 GLN   A NE2   1 
ATOM   1179 N N     . ALA   A 1 161 ? -16.112 -2.935  18.133  1.00 42.49 ?  161 ALA   A N     1 
ATOM   1180 C CA    . ALA   A 1 161 ? -15.899 -2.749  19.570  1.00 48.33 ?  161 ALA   A CA    1 
ATOM   1181 C C     . ALA   A 1 161 ? -14.806 -1.723  19.836  1.00 45.60 ?  161 ALA   A C     1 
ATOM   1182 O O     . ALA   A 1 161 ? -14.958 -0.861  20.707  1.00 51.29 ?  161 ALA   A O     1 
ATOM   1183 C CB    . ALA   A 1 161 ? -15.564 -4.081  20.244  1.00 43.24 ?  161 ALA   A CB    1 
ATOM   1184 N N     . LEU   A 1 162 ? -13.704 -1.787  19.085  1.00 44.23 ?  162 LEU   A N     1 
ATOM   1185 C CA    . LEU   A 1 162 ? -12.634 -0.806  19.259  1.00 47.03 ?  162 LEU   A CA    1 
ATOM   1186 C C     . LEU   A 1 162 ? -13.104 0.591   18.875  1.00 48.80 ?  162 LEU   A C     1 
ATOM   1187 O O     . LEU   A 1 162 ? -12.837 1.560   19.596  1.00 51.04 ?  162 LEU   A O     1 
ATOM   1188 C CB    . LEU   A 1 162 ? -11.402 -1.204  18.441  1.00 44.98 ?  162 LEU   A CB    1 
ATOM   1189 C CG    . LEU   A 1 162 ? -10.121 -0.390  18.697  1.00 49.58 ?  162 LEU   A CG    1 
ATOM   1190 C CD1   . LEU   A 1 162 ? -8.878  -1.260  18.533  1.00 48.58 ?  162 LEU   A CD1   1 
ATOM   1191 C CD2   . LEU   A 1 162 ? -10.016 0.833   17.763  1.00 45.53 ?  162 LEU   A CD2   1 
ATOM   1192 N N     . LEU   A 1 163 ? -13.822 0.713   17.750  1.00 48.63 ?  163 LEU   A N     1 
ATOM   1193 C CA    . LEU   A 1 163 ? -14.355 2.011   17.347  1.00 46.92 ?  163 LEU   A CA    1 
ATOM   1194 C C     . LEU   A 1 163 ? -15.309 2.579   18.397  1.00 53.93 ?  163 LEU   A C     1 
ATOM   1195 O O     . LEU   A 1 163 ? -15.327 3.797   18.617  1.00 55.49 ?  163 LEU   A O     1 
ATOM   1196 C CB    . LEU   A 1 163 ? -15.054 1.895   15.989  1.00 44.57 ?  163 LEU   A CB    1 
ATOM   1197 C CG    . LEU   A 1 163 ? -14.152 1.759   14.752  1.00 49.69 ?  163 LEU   A CG    1 
ATOM   1198 C CD1   . LEU   A 1 163 ? -14.943 1.260   13.522  1.00 41.03 ?  163 LEU   A CD1   1 
ATOM   1199 C CD2   . LEU   A 1 163 ? -13.405 3.068   14.453  1.00 42.21 ?  163 LEU   A CD2   1 
ATOM   1200 N N     . ALA   A 1 164 ? -16.092 1.719   19.071  1.00 46.55 ?  164 ALA   A N     1 
ATOM   1201 C CA    . ALA   A 1 164 ? -17.024 2.216   20.091  1.00 57.03 ?  164 ALA   A CA    1 
ATOM   1202 C C     . ALA   A 1 164 ? -16.289 2.739   21.327  1.00 50.47 ?  164 ALA   A C     1 
ATOM   1203 O O     . ALA   A 1 164 ? -16.660 3.782   21.874  1.00 54.73 ?  164 ALA   A O     1 
ATOM   1204 C CB    . ALA   A 1 164 ? -18.031 1.128   20.478  1.00 50.93 ?  164 ALA   A CB    1 
ATOM   1205 N N     . GLY   A 1 165 ? -15.249 2.036   21.783  1.00 51.26 ?  165 GLY   A N     1 
ATOM   1206 C CA    . GLY   A 1 165 ? -14.453 2.552   22.892  1.00 51.88 ?  165 GLY   A CA    1 
ATOM   1207 C C     . GLY   A 1 165 ? -13.815 3.896   22.579  1.00 56.77 ?  165 GLY   A C     1 
ATOM   1208 O O     . GLY   A 1 165 ? -13.726 4.769   23.445  1.00 57.38 ?  165 GLY   A O     1 
ATOM   1209 N N     . LEU   A 1 166 ? -13.367 4.078   21.330  1.00 56.33 ?  166 LEU   A N     1 
ATOM   1210 C CA    . LEU   A 1 166 ? -12.844 5.369   20.890  1.00 53.71 ?  166 LEU   A CA    1 
ATOM   1211 C C     . LEU   A 1 166 ? -13.941 6.424   20.834  1.00 54.60 ?  166 LEU   A C     1 
ATOM   1212 O O     . LEU   A 1 166 ? -13.691 7.605   21.105  1.00 56.99 ?  166 LEU   A O     1 
ATOM   1213 C CB    . LEU   A 1 166 ? -12.189 5.225   19.518  1.00 48.55 ?  166 LEU   A CB    1 
ATOM   1214 C CG    . LEU   A 1 166 ? -10.900 4.415   19.520  1.00 55.28 ?  166 LEU   A CG    1 
ATOM   1215 C CD1   . LEU   A 1 166 ? -10.408 4.243   18.090  1.00 46.81 ?  166 LEU   A CD1   1 
ATOM   1216 C CD2   . LEU   A 1 166 ? -9.842  5.102   20.401  1.00 52.96 ?  166 LEU   A CD2   1 
ATOM   1217 N N     . ARG   A 1 167 ? -15.162 6.013   20.483  1.00 55.50 ?  167 ARG   A N     1 
ATOM   1218 C CA    . ARG   A 1 167 ? -16.272 6.956   20.371  1.00 61.23 ?  167 ARG   A CA    1 
ATOM   1219 C C     . ARG   A 1 167 ? -16.748 7.436   21.740  1.00 66.27 ?  167 ARG   A C     1 
ATOM   1220 O O     . ARG   A 1 167 ? -17.233 8.571   21.865  1.00 66.34 ?  167 ARG   A O     1 
ATOM   1221 C CB    . ARG   A 1 167 ? -17.408 6.305   19.591  1.00 62.75 ?  167 ARG   A CB    1 
ATOM   1222 C CG    . ARG   A 1 167 ? -18.642 7.164   19.417  1.00 66.89 ?  167 ARG   A CG    1 
ATOM   1223 C CD    . ARG   A 1 167 ? -19.704 6.461   18.561  1.00 71.36 ?  167 ARG   A CD    1 
ATOM   1224 N NE    . ARG   A 1 167 ? -19.164 5.462   17.637  1.00 73.52 ?  167 ARG   A NE    1 
ATOM   1225 C CZ    . ARG   A 1 167 ? -19.176 4.148   17.845  1.00 68.54 ?  167 ARG   A CZ    1 
ATOM   1226 N NH1   . ARG   A 1 167 ? -19.619 3.628   18.982  1.00 71.81 ?  167 ARG   A NH1   1 
ATOM   1227 N NH2   . ARG   A 1 167 ? -18.733 3.336   16.886  1.00 60.84 ?  167 ARG   A NH2   1 
ATOM   1228 N N     . ALA   A 1 168 ? -16.665 6.583   22.746  1.00 63.28 ?  168 ALA   A N     1 
ATOM   1229 C CA    . ALA   A 1 168 ? -17.059 6.964   24.088  1.00 64.90 ?  168 ALA   A CA    1 
ATOM   1230 C C     . ALA   A 1 168 ? -16.066 7.942   24.614  1.00 65.03 ?  168 ALA   A C     1 
ATOM   1231 O O     . ALA   A 1 168 ? -16.413 8.870   25.318  1.00 62.16 ?  168 ALA   A O     1 
ATOM   1232 C CB    . ALA   A 1 168 ? -17.077 5.751   24.983  1.00 62.34 ?  168 ALA   A CB    1 
ATOM   1233 N N     . ALA   A 1 169 ? -14.813 7.725   24.279  1.00 72.53 ?  169 ALA   A N     1 
ATOM   1234 C CA    . ALA   A 1 169 ? -13.775 8.607   24.734  1.00 72.55 ?  169 ALA   A CA    1 
ATOM   1235 C C     . ALA   A 1 169 ? -13.958 9.967   24.123  1.00 72.66 ?  169 ALA   A C     1 
ATOM   1236 O O     . ALA   A 1 169 ? -13.551 10.964  24.710  1.00 69.46 ?  169 ALA   A O     1 
ATOM   1237 C CB    . ALA   A 1 169 ? -12.411 8.054   24.367  1.00 64.77 ?  169 ALA   A CB    1 
ATOM   1238 N N     . ALA   A 1 170 ? -14.569 10.020  22.945  1.00 70.74 ?  170 ALA   A N     1 
ATOM   1239 C CA    . ALA   A 1 170 ? -14.804 11.285  22.281  1.00 76.23 ?  170 ALA   A CA    1 
ATOM   1240 C C     . ALA   A 1 170 ? -15.960 11.997  22.923  1.00 74.36 ?  170 ALA   A C     1 
ATOM   1241 O O     . ALA   A 1 170 ? -16.142 13.182  22.689  1.00 75.03 ?  170 ALA   A O     1 
ATOM   1242 C CB    . ALA   A 1 170 ? -15.063 11.065  20.803  1.00 71.94 ?  170 ALA   A CB    1 
ATOM   1243 N N     . LEU   A 1 171 ? -16.724 11.285  23.737  1.00 30.00 ?  171 LEU   A N     1 
ATOM   1244 C CA    . LEU   A 1 171 ? -17.875 11.854  24.414  1.00 30.00 ?  171 LEU   A CA    1 
ATOM   1245 C C     . LEU   A 1 171 ? -18.757 12.550  23.418  1.00 30.00 ?  171 LEU   A C     1 
ATOM   1246 O O     . LEU   A 1 171 ? -19.252 11.922  22.489  1.00 30.00 ?  171 LEU   A O     1 
ATOM   1247 C CB    . LEU   A 1 171 ? -17.472 12.789  25.569  1.00 30.00 ?  171 LEU   A CB    1 
ATOM   1248 C CG    . LEU   A 1 171 ? -16.250 12.407  26.410  1.00 30.00 ?  171 LEU   A CG    1 
ATOM   1249 C CD1   . LEU   A 1 171 ? -15.408 13.627  26.747  1.00 30.00 ?  171 LEU   A CD1   1 
ATOM   1250 C CD2   . LEU   A 1 171 ? -16.632 11.645  27.665  1.00 30.00 ?  171 LEU   A CD2   1 
HETATM 1251 N N     . SAM   B 2 .   ? 3.235   -5.106  6.727   1.00 41.15 ?  201 SAM   A N     1 
HETATM 1252 C CA    . SAM   B 2 .   ? 3.042   -6.128  5.708   1.00 47.59 ?  201 SAM   A CA    1 
HETATM 1253 C C     . SAM   B 2 .   ? 4.098   -7.109  5.934   1.00 46.82 ?  201 SAM   A C     1 
HETATM 1254 O O     . SAM   B 2 .   ? 4.739   -6.807  6.960   1.00 43.70 ?  201 SAM   A O     1 
HETATM 1255 O OXT   . SAM   B 2 .   ? 4.259   -8.096  5.191   1.00 47.43 ?  201 SAM   A OXT   1 
HETATM 1256 C CB    . SAM   B 2 .   ? 2.959   -5.541  4.280   1.00 40.50 ?  201 SAM   A CB    1 
HETATM 1257 C CG    . SAM   B 2 .   ? 1.657   -4.905  3.775   1.00 43.71 ?  201 SAM   A CG    1 
HETATM 1258 S SD    . SAM   B 2 .   ? 0.504   -5.999  4.269   1.00 42.50 ?  201 SAM   A SD    1 
HETATM 1259 C CE    . SAM   B 2 .   ? 0.269   -7.089  3.130   1.00 44.85 ?  201 SAM   A CE    1 
HETATM 1260 C "C5'" . SAM   B 2 .   ? -0.920  -5.395  4.868   1.00 39.19 ?  201 SAM   A "C5'" 1 
HETATM 1261 C "C4'" . SAM   B 2 .   ? -0.841  -5.474  6.404   1.00 41.93 ?  201 SAM   A "C4'" 1 
HETATM 1262 O "O4'" . SAM   B 2 .   ? 0.131   -4.558  6.903   1.00 39.47 ?  201 SAM   A "O4'" 1 
HETATM 1263 C "C3'" . SAM   B 2 .   ? -2.121  -5.172  7.144   1.00 40.72 ?  201 SAM   A "C3'" 1 
HETATM 1264 O "O3'" . SAM   B 2 .   ? -2.940  -6.321  7.217   1.00 39.31 ?  201 SAM   A "O3'" 1 
HETATM 1265 C "C2'" . SAM   B 2 .   ? -1.559  -4.701  8.475   1.00 40.67 ?  201 SAM   A "C2'" 1 
HETATM 1266 O "O2'" . SAM   B 2 .   ? -1.245  -5.753  9.384   1.00 39.39 ?  201 SAM   A "O2'" 1 
HETATM 1267 C "C1'" . SAM   B 2 .   ? -0.254  -4.016  8.123   1.00 39.53 ?  201 SAM   A "C1'" 1 
HETATM 1268 N N9    . SAM   B 2 .   ? -0.474  -2.578  7.982   1.00 40.83 ?  201 SAM   A N9    1 
HETATM 1269 C C8    . SAM   B 2 .   ? -0.431  -1.907  6.861   1.00 39.21 ?  201 SAM   A C8    1 
HETATM 1270 N N7    . SAM   B 2 .   ? -0.672  -0.629  7.049   1.00 38.30 ?  201 SAM   A N7    1 
HETATM 1271 C C5    . SAM   B 2 .   ? -0.882  -0.449  8.320   1.00 38.68 ?  201 SAM   A C5    1 
HETATM 1272 C C6    . SAM   B 2 .   ? -1.203  0.684   9.176   1.00 39.50 ?  201 SAM   A C6    1 
HETATM 1273 N N6    . SAM   B 2 .   ? -1.332  1.872   8.638   1.00 40.96 ?  201 SAM   A N6    1 
HETATM 1274 N N1    . SAM   B 2 .   ? -1.361  0.468   10.502  1.00 41.56 ?  201 SAM   A N1    1 
HETATM 1275 C C2    . SAM   B 2 .   ? -1.220  -0.748  11.008  1.00 39.64 ?  201 SAM   A C2    1 
HETATM 1276 N N3    . SAM   B 2 .   ? -0.919  -1.821  10.275  1.00 40.61 ?  201 SAM   A N3    1 
HETATM 1277 C C4    . SAM   B 2 .   ? -0.750  -1.743  8.947   1.00 40.62 ?  201 SAM   A C4    1 
HETATM 1278 C CE    . A1LUD C 3 .   ? -1.300  -4.834  1.431   1.00 38.22 ?  202 A1LUD A CE    1 
HETATM 1279 S SD    . A1LUD C 3 .   ? -1.933  -4.569  -0.223  1.00 40.97 ?  202 A1LUD A SD    1 
HETATM 1280 C C2    . A1LUD C 3 .   ? -1.245  -2.890  -0.348  1.00 37.96 ?  202 A1LUD A C2    1 
HETATM 1281 C CG    . A1LUD C 3 .   ? -3.567  -4.168  0.466   1.00 33.55 ?  202 A1LUD A CG    1 
HETATM 1282 C CB    . A1LUD C 3 .   ? -4.606  -5.243  0.109   1.00 34.61 ?  202 A1LUD A CB    1 
HETATM 1283 C CA    . A1LUD C 3 .   ? -4.331  -6.642  0.678   1.00 37.45 ?  202 A1LUD A CA    1 
HETATM 1284 N N     . A1LUD C 3 .   ? -5.110  -7.654  -0.032  1.00 35.73 ?  202 A1LUD A N     1 
HETATM 1285 C C     . A1LUD C 3 .   ? -4.695  -6.691  2.149   1.00 41.79 ?  202 A1LUD A C     1 
HETATM 1286 O OXT   . A1LUD C 3 .   ? -4.108  -5.867  3.036   1.00 41.82 -1 202 A1LUD A OXT   1 
HETATM 1287 O O     . A1LUD C 3 .   ? -5.530  -7.484  2.537   1.00 37.83 ?  202 A1LUD A O     1 
HETATM 1288 O O     . HOH   D 4 .   ? 9.354   -12.807 -17.423 1.00 49.66 ?  301 HOH   A O     1 
HETATM 1289 O O     . HOH   D 4 .   ? 4.990   1.503   2.591   1.00 37.23 ?  302 HOH   A O     1 
HETATM 1290 O O     . HOH   D 4 .   ? 8.174   -4.174  12.326  1.00 62.89 ?  303 HOH   A O     1 
HETATM 1291 O O     . HOH   D 4 .   ? -12.292 -2.083  -5.008  1.00 32.13 ?  304 HOH   A O     1 
HETATM 1292 O O     . HOH   D 4 .   ? -5.844  3.485   -7.977  1.00 34.38 ?  305 HOH   A O     1 
HETATM 1293 O O     . HOH   D 4 .   ? -4.833  -5.943  5.387   1.00 33.49 ?  306 HOH   A O     1 
HETATM 1294 O O     . HOH   D 4 .   ? -18.901 0.889   16.474  1.00 51.19 ?  307 HOH   A O     1 
HETATM 1295 O O     . HOH   D 4 .   ? 6.058   19.427  -6.040  1.00 43.69 ?  308 HOH   A O     1 
HETATM 1296 O O     . HOH   D 4 .   ? -7.951  -2.725  -13.223 1.00 37.69 ?  309 HOH   A O     1 
HETATM 1297 O O     . HOH   D 4 .   ? -3.601  11.952  0.353   1.00 34.68 ?  310 HOH   A O     1 
HETATM 1298 O O     . HOH   D 4 .   ? -7.713  -6.720  -0.516  1.00 33.42 ?  311 HOH   A O     1 
HETATM 1299 O O     . HOH   D 4 .   ? 13.417  -5.661  -11.964 1.00 39.74 ?  312 HOH   A O     1 
HETATM 1300 O O     . HOH   D 4 .   ? 0.516   11.286  3.492   1.00 48.39 ?  313 HOH   A O     1 
HETATM 1301 O O     . HOH   D 4 .   ? -9.550  2.421   -7.650  1.00 44.25 ?  314 HOH   A O     1 
HETATM 1302 O O     . HOH   D 4 .   ? -18.712 -6.204  -0.089  1.00 45.99 ?  315 HOH   A O     1 
HETATM 1303 O O     . HOH   D 4 .   ? -10.923 -8.612  5.972   1.00 37.28 ?  316 HOH   A O     1 
HETATM 1304 O O     . HOH   D 4 .   ? 0.840   4.329   7.701   1.00 38.69 ?  317 HOH   A O     1 
HETATM 1305 O O     . HOH   D 4 .   ? -6.445  -8.013  -3.456  1.00 32.68 ?  318 HOH   A O     1 
HETATM 1306 O O     . HOH   D 4 .   ? 10.969  -4.298  -18.594 1.00 42.36 ?  319 HOH   A O     1 
HETATM 1307 O O     . HOH   D 4 .   ? -5.942  3.281   15.491  1.00 61.36 ?  320 HOH   A O     1 
HETATM 1308 O O     . HOH   D 4 .   ? -8.994  -2.193  -7.978  1.00 36.28 ?  321 HOH   A O     1 
HETATM 1309 O O     . HOH   D 4 .   ? 10.776  2.188   -21.743 1.00 53.38 ?  322 HOH   A O     1 
HETATM 1310 O O     . HOH   D 4 .   ? -0.389  13.488  -8.043  1.00 29.63 ?  323 HOH   A O     1 
HETATM 1311 O O     . HOH   D 4 .   ? -9.884  -14.042 -11.748 1.00 38.84 ?  324 HOH   A O     1 
HETATM 1312 O O     . HOH   D 4 .   ? 2.097   8.790   4.453   1.00 43.53 ?  325 HOH   A O     1 
HETATM 1313 O O     . HOH   D 4 .   ? -3.876  3.897   -4.369  1.00 33.01 ?  326 HOH   A O     1 
HETATM 1314 O O     . HOH   D 4 .   ? 3.647   -3.128  -15.631 1.00 33.65 ?  327 HOH   A O     1 
HETATM 1315 O O     . HOH   D 4 .   ? 4.475   -11.953 -7.708  1.00 42.36 ?  328 HOH   A O     1 
HETATM 1316 O O     . HOH   D 4 .   ? 4.038   12.764  2.425   1.00 41.21 ?  329 HOH   A O     1 
HETATM 1317 O O     . HOH   D 4 .   ? -13.520 -9.819  9.608   1.00 45.02 ?  330 HOH   A O     1 
HETATM 1318 O O     . HOH   D 4 .   ? 5.186   18.592  -8.973  1.00 38.06 ?  331 HOH   A O     1 
HETATM 1319 O O     . HOH   D 4 .   ? -7.712  -13.157 7.606   1.00 47.74 ?  332 HOH   A O     1 
HETATM 1320 O O     . HOH   D 4 .   ? -10.733 1.594   5.311   1.00 36.52 ?  333 HOH   A O     1 
HETATM 1321 O O     . HOH   D 4 .   ? 0.461   8.909   6.501   1.00 44.03 ?  334 HOH   A O     1 
HETATM 1322 O O     . HOH   D 4 .   ? 0.417   16.304  -8.512  1.00 35.57 ?  335 HOH   A O     1 
HETATM 1323 O O     . HOH   D 4 .   ? -3.250  -18.264 -6.073  1.00 47.71 ?  336 HOH   A O     1 
HETATM 1324 O O     . HOH   D 4 .   ? -3.879  5.799   -2.334  1.00 31.23 ?  337 HOH   A O     1 
HETATM 1325 O O     . HOH   D 4 .   ? 2.934   -0.229  -16.224 1.00 33.78 ?  338 HOH   A O     1 
HETATM 1326 O O     . HOH   D 4 .   ? 7.577   7.992   6.724   1.00 41.73 ?  339 HOH   A O     1 
HETATM 1327 O O     . HOH   D 4 .   ? -14.992 -9.316  5.332   1.00 43.64 ?  340 HOH   A O     1 
HETATM 1328 O O     . HOH   D 4 .   ? 13.451  2.900   -9.300  1.00 34.73 ?  341 HOH   A O     1 
HETATM 1329 O O     . HOH   D 4 .   ? -6.712  1.872   -9.626  1.00 42.78 ?  342 HOH   A O     1 
HETATM 1330 O O     . HOH   D 4 .   ? -12.397 -15.006 -8.956  1.00 66.04 ?  343 HOH   A O     1 
HETATM 1331 O O     . HOH   D 4 .   ? -11.522 -11.553 3.140   1.00 48.26 ?  344 HOH   A O     1 
HETATM 1332 O O     . HOH   D 4 .   ? -12.695 -11.059 -5.537  1.00 43.00 ?  345 HOH   A O     1 
HETATM 1333 O O     . HOH   D 4 .   ? 4.836   13.541  -14.424 1.00 43.23 ?  346 HOH   A O     1 
HETATM 1334 O O     . HOH   D 4 .   ? 11.033  -7.238  -1.852  1.00 42.68 ?  347 HOH   A O     1 
HETATM 1335 O O     . HOH   D 4 .   ? 11.868  -4.276  -10.535 1.00 41.07 ?  348 HOH   A O     1 
HETATM 1336 O O     . HOH   D 4 .   ? 5.639   -4.531  13.261  1.00 52.73 ?  349 HOH   A O     1 
HETATM 1337 O O     . HOH   D 4 .   ? -2.175  14.902  -6.112  1.00 34.72 ?  350 HOH   A O     1 
HETATM 1338 O O     . HOH   D 4 .   ? 6.223   11.062  -14.331 1.00 41.26 ?  351 HOH   A O     1 
HETATM 1339 O O     . HOH   D 4 .   ? 4.162   6.667   7.630   1.00 42.33 ?  352 HOH   A O     1 
HETATM 1340 O O     . HOH   D 4 .   ? -11.364 -7.387  -2.501  1.00 36.50 ?  353 HOH   A O     1 
HETATM 1341 O O     . HOH   D 4 .   ? -3.495  6.100   14.043  1.00 44.00 ?  354 HOH   A O     1 
HETATM 1342 O O     . HOH   D 4 .   ? -9.612  -9.523  10.058  1.00 40.19 ?  355 HOH   A O     1 
HETATM 1343 O O     . HOH   D 4 .   ? 0.827   2.015   -18.133 1.00 46.35 ?  356 HOH   A O     1 
HETATM 1344 O O     . HOH   D 4 .   ? -16.512 -0.983  23.240  1.00 48.01 ?  357 HOH   A O     1 
HETATM 1345 O O     . HOH   D 4 .   ? -10.509 5.147   -5.347  1.00 36.31 ?  358 HOH   A O     1 
HETATM 1346 O O     . HOH   D 4 .   ? -9.796  -5.407  -16.136 1.00 46.91 ?  359 HOH   A O     1 
HETATM 1347 O O     . HOH   D 4 .   ? 3.019   17.952  -1.169  1.00 49.34 ?  360 HOH   A O     1 
HETATM 1348 O O     . HOH   D 4 .   ? 14.630  -3.817  -0.203  1.00 50.83 ?  361 HOH   A O     1 
HETATM 1349 O O     . HOH   D 4 .   ? -9.456  10.109  13.880  1.00 58.03 ?  362 HOH   A O     1 
HETATM 1350 O O     . HOH   D 4 .   ? 17.340  -1.684  -17.112 1.00 50.15 ?  363 HOH   A O     1 
HETATM 1351 O O     . HOH   D 4 .   ? -2.774  -3.546  13.386  1.00 43.14 ?  364 HOH   A O     1 
HETATM 1352 O O     . HOH   D 4 .   ? 2.415   -6.642  9.212   1.00 37.02 ?  365 HOH   A O     1 
HETATM 1353 O O     . HOH   D 4 .   ? -9.186  7.469   -1.249  1.00 45.23 ?  366 HOH   A O     1 
HETATM 1354 O O     . HOH   D 4 .   ? -18.867 -6.520  4.842   1.00 42.28 ?  367 HOH   A O     1 
HETATM 1355 O O     . HOH   D 4 .   ? -13.804 -9.483  -13.626 1.00 36.73 ?  368 HOH   A O     1 
HETATM 1356 O O     . HOH   D 4 .   ? -11.095 -13.793 -3.189  1.00 41.49 ?  369 HOH   A O     1 
HETATM 1357 O O     . HOH   D 4 .   ? 12.515  10.661  6.091   1.00 54.63 ?  370 HOH   A O     1 
HETATM 1358 O O     . HOH   D 4 .   ? -14.145 -13.063 -6.610  1.00 43.77 ?  371 HOH   A O     1 
HETATM 1359 O O     . HOH   D 4 .   ? -0.002  -13.163 0.580   1.00 39.83 ?  372 HOH   A O     1 
HETATM 1360 O O     . HOH   D 4 .   ? 9.235   13.024  -13.900 1.00 62.19 ?  373 HOH   A O     1 
HETATM 1361 O O     . HOH   D 4 .   ? 8.817   4.876   -13.026 1.00 44.39 ?  374 HOH   A O     1 
HETATM 1362 O O     . HOH   D 4 .   ? -9.719  -8.908  12.721  1.00 44.14 ?  375 HOH   A O     1 
HETATM 1363 O O     . HOH   D 4 .   ? -14.798 -5.144  -12.801 1.00 37.03 ?  376 HOH   A O     1 
HETATM 1364 O O     . HOH   D 4 .   ? 1.577   -5.638  11.294  1.00 41.66 ?  377 HOH   A O     1 
HETATM 1365 O O     . HOH   D 4 .   ? -13.907 -2.831  -8.027  1.00 59.29 ?  378 HOH   A O     1 
HETATM 1366 O O     . HOH   D 4 .   ? -4.138  3.302   -17.762 1.00 38.53 ?  379 HOH   A O     1 
HETATM 1367 O O     . HOH   D 4 .   ? -19.986 -4.143  -8.029  1.00 44.06 ?  380 HOH   A O     1 
HETATM 1368 O O     . HOH   D 4 .   ? -11.577 -3.145  -8.984  1.00 44.81 ?  381 HOH   A O     1 
HETATM 1369 O O     . HOH   D 4 .   ? -5.661  6.881   -4.187  1.00 38.43 ?  382 HOH   A O     1 
HETATM 1370 O O     . HOH   D 4 .   ? -16.167 -9.270  8.039   1.00 42.63 ?  383 HOH   A O     1 
HETATM 1371 O O     . HOH   D 4 .   ? -5.094  5.639   9.691   1.00 30.00 ?  384 HOH   A O     1 
HETATM 1372 O O     . HOH   D 4 .   ? -11.456 -10.428 7.682   1.00 40.74 ?  385 HOH   A O     1 
HETATM 1373 O O     . HOH   D 4 .   ? -12.855 -5.602  -16.399 1.00 42.46 ?  386 HOH   A O     1 
HETATM 1374 O O     . HOH   D 4 .   ? 12.868  5.394   -15.862 1.00 52.73 ?  387 HOH   A O     1 
HETATM 1375 O O     . HOH   D 4 .   ? -11.412 -11.945 0.822   1.00 62.81 ?  388 HOH   A O     1 
HETATM 1376 O O     . HOH   D 4 .   ? -13.058 -9.360  -3.222  1.00 40.92 ?  389 HOH   A O     1 
HETATM 1377 O O     . HOH   D 4 .   ? -19.500 -7.983  7.495   1.00 55.89 ?  390 HOH   A O     1 
HETATM 1378 O O     . HOH   D 4 .   ? -10.788 3.869   -11.367 1.00 41.43 ?  391 HOH   A O     1 
# 
